data_7OGP
#
_entry.id   7OGP
#
_cell.length_a   1.00
_cell.length_b   1.00
_cell.length_c   1.00
_cell.angle_alpha   90.00
_cell.angle_beta   90.00
_cell.angle_gamma   90.00
#
_symmetry.space_group_name_H-M   'P 1'
#
loop_
_entity.id
_entity.type
_entity.pdbx_description
1 polymer PHIKZ055
2 polymer PHIKZ068
3 polymer 'DNA-directed RNA polymerase'
4 polymer PHIKZ074
5 polymer PHIKZ123
6 non-polymer 'ZINC ION'
#
loop_
_entity_poly.entity_id
_entity_poly.type
_entity_poly.pdbx_seq_one_letter_code
_entity_poly.pdbx_strand_id
1 'polypeptide(L)'
;MGSSHHHHHHSSGLVPRGSHMGLYAKVVDHNEVHDQFTGKRIYANDYNTSNSDEKEEFDRHFYSHFQDSEAIESSVSCDC
RAIEDAHKLGVICDICNTPVVNTSSRPIEPSMWVRTPKHVRSLINPRLIIMLTGYLVTKEFDFLAYLTDTSYRYDVESIG
SKETRRKVDRLLHRGFERGLNHFIDNFNEIFQFLLDANIISNNKSEFAQFVAQNKDKLFPKYLPVPSKLCFVAESTTSGT
YLDKPIEAAIDATLTFASIDASSVPLSPIKAQNRTMRGLRLYGQFYEIYAKSRIAQKPGLARRHMFGARLNATARAVITS
ISDPHDYDELHIPWGVGCQLLKYHLTNKLKAKFNMTTREAFSFVYENVLQYNQIIADLFKELIAEAAPYKGMGCTFHRNP
TLQRGSTQQFFITKVKDDINDNSISMSVLCLKAPNADFDGDQLNLTLMPDVYLTKATERIAPHTWVLSIDEPHEISGNLE
LQGPVVETIINWAHEKYLPPLEEWLKAK
;
A
2 'polypeptide(L)'
;MEIIVTGVQGTGFTEVATEHNGKRLTWTTTAYSKIRVQDQQRVFQEINDYWSGLSAEAQQHIWNCYVEIRKIMDMAMDPM
RIAMSLSYYIKEMYKAMPMNSFRRWLLTIGKLYIPVDIEEVITDDSRYNRPDQTYLKHDYINLASVSLALRPLVPIWGEF
IDQGTSQEMHKECEVISLISDCEVNHWPVDEISIDGTPVETAYDKLSAYVKFCVEDEAPTLANLYRGMSSAEVPDILQAK
VMVRRLTILPLNDATSHSIVSNMFRYVKSNLNPAERSTADRVNDKRPDKGGIDDDDKTSFIESHKTKQRVTPGDIVAYNL
DALDVVKLVHKIDDTVPVELIQECLDCVAVTATKDIYPHQILLAQWVMHKAFPARAFSHINKNAVNHLLAAAQSLMWHWG
FQQVAVFMQVELYYSGEHAMSIQPRNSTRIQIKYKDVMDELYPHQRQQRAINGVPVAPVNIAGIAVQSAHASIRSSNWIY
HGPDRLFKEAEQVTQNKVLVVPATIKSVITELVIHLGKLNQ
;
B
3 'polypeptide(L)'
;MSQLGRREIDLTLLGHTGLDPWYGTTSSARGAMFVTHIGQAPEVNGNESRYFLTGAELEYAKYTHDVRFPEDCRVLHVLR
KYPTGIGKDSIRSNPVTTIIYENYFDKYKTIGVLHVPEYMSHHQDFGYELVKNREVWETIAPNEMFSKDTVIAQSGAVKK
DGTLGMGVNANVVFLSAAGTIEDGFVANKNFLKRMMPTSYSTAVANAGRKAFFLNMYGDDKIYKPFPDIGDVIRPDGVIF
AIRDHDDDLAPAEMTPRALRTLDRTFDRAVIGTPGAKVIDIDIWRDERVNPSPTPTGMDAQLVKYHTHLSSYYRELLKIY
RGLLARRKDDLHITEEFERLIVTAQMFLPQPDNVRKLSRFYRLDPLDEWRVEVTYKAQKMPAGAFKMTDFHGGKGVICKV
MEDEDMPIDENGNRADLIIFGGSTMRRSNYGRIYEHGFGAAARDLAQRLRVEAGLDRHAKPTQQQLNSVMGNTQWVDYAF
KELLGFYEIIAPTMHSKMMEHPNPAEHVKTVLMDGFPYIYAPVDDPVDLMAAVNKLINSDKYRPHYGKVSYRDQAGKWVT
TKDNVLMGPLYMMLLEKIGEDWSAAASVKTQPFGLPSKLNNADRASTPGRETAIRSFGESETRSYNCTVGPGPTAEILDQ
TNNPLAHAAVIESWLTAEKPSSVPVAVDREKIPFGGSRPVAMFDHLLECSGIALEYAPDH
;
C
4 'polypeptide(L)'
;MNLNRYKARDLLNLSYDDLWSLPSEWHLIEFDDGKTVVSVDRITKLSVLCWYPLKHYKDCPIPSDHHIDFNRILTDNPKD
YLNVEGGRVTSKAMVKHLNKAIWNIYDWSGETVDPEVLSKLAIEGKNWLYNQTTVKLSEYLATLSMFDIAEVYNHPKVRE
ANHNIEPTTYGIEKISYGKVKEVFNDPTQFIGNSIIEGLRSGTQKTEQLLQAFAWRGFPTDINSDIFKYPVTTGYIDGIW
NLYENMIESRSGTKALLYNKELLRVTEYFNRKSQLIAQYVQRLHPGDCKTTILAEYPVTKLTLKAFKGKYYQKEDGKLDW
IRGNETHLIGTKQKFRSVFGCNHPDSQGICMTCYGRLGINIPKGTNIGQVAAVSMGDKITSAVLSTKHTDASSAVEQYKL
GKIESNYLRTGEIPETLYLKKELTQKDYRLVIARSEAENLADILMIDDLTAYPATSATELTSLALVYDDEVNGECGDVLT
VSLYNRRASLSIEMLKHIKMVRWELDQRDNIVISLRGFDFNLPFLTLPNKHVNMYEVMKRFQSFLHSGSDSAEAGKLSTE
KVGYTSKTYLKNYKSPIEALPVFATMANEKISLNISHCEILIYAMMIRSAQYRDYRLPKPGINGQFEKYNRLMQCRSLGG
AMAFEKQHEPLNNPGSFLNKMRNDHPYDLLVKGGKLR
;
D
5 'polypeptide(L)'
;MPDPFLIEKIRENTPCMNPTLANGITVEHTMTRDPNTGVNMTRRYIDSLFDISSVLFPDGFKYEGNRACTPLKHFEEITR
EYNAKRIANIAPTDMYMIDLMFSYKGEMLYPRPMLLPAFKRGNMVTINGAKYIGSPVLTDVGFSVLNDSIFIPFRRTKLT
FKQTDHHYMCNGQRKIMYVIWSQIHNEMAKRTKRDLGNRPHIESCLAHYFFCQFGVTQTFKQWANVDVKCGLLSDFPEEE
YPREKWNIYSSATLKGKHPTGEMVLVIPRHQESIFATRLIAGFWYVVDAFPMRFTRPEYVDSTNLWRVILGHMVFGDFEH
QGKVEENIDSHLHSFCNSLDEMTIEELKTVGVNVSTIWELLYEIMTSLAHHLYATDIDETSMYGKRLTVLHYLMSEFNYA
VSMFGYMFQSRRDREWTVQELNEGLKRSFKLQTAIKRLTVDHGELDTMSNPNSSMLIKGTSILVTQDRAKTAKAHNKSLI
NDSSRIIHASIAEVGQYKNQPKNNPDGRGRLNMYTKVGPTGLVERREEVREIIDNAQLMFRAK
;
E
#
# COMPACT_ATOMS: atom_id res chain seq x y z
N VAL A 27 -12.40 -35.99 -25.13
CA VAL A 27 -12.09 -37.42 -25.06
C VAL A 27 -10.85 -37.72 -25.88
N VAL A 28 -9.81 -38.23 -25.22
CA VAL A 28 -8.55 -38.57 -25.85
C VAL A 28 -8.32 -40.07 -25.72
N ASP A 29 -7.81 -40.68 -26.78
CA ASP A 29 -7.51 -42.12 -26.79
C ASP A 29 -6.28 -42.36 -25.92
N HIS A 30 -6.48 -43.05 -24.80
CA HIS A 30 -5.37 -43.29 -23.88
C HIS A 30 -4.39 -44.32 -24.40
N ASN A 31 -4.81 -45.20 -25.32
CA ASN A 31 -3.89 -46.13 -25.95
C ASN A 31 -3.05 -45.45 -27.03
N GLU A 32 -3.50 -44.30 -27.54
CA GLU A 32 -2.75 -43.58 -28.56
C GLU A 32 -1.62 -42.75 -27.95
N VAL A 33 -1.76 -42.35 -26.68
CA VAL A 33 -0.74 -41.52 -26.05
C VAL A 33 0.37 -42.33 -25.38
N HIS A 34 0.17 -43.63 -25.16
CA HIS A 34 1.15 -44.46 -24.47
C HIS A 34 1.97 -45.33 -25.42
N ASP A 35 1.70 -45.29 -26.72
CA ASP A 35 2.57 -45.93 -27.70
C ASP A 35 3.27 -44.91 -28.60
N GLN A 36 2.95 -43.62 -28.47
CA GLN A 36 3.63 -42.55 -29.18
C GLN A 36 4.37 -41.63 -28.23
N PHE A 37 4.73 -42.12 -27.05
CA PHE A 37 5.45 -41.30 -26.08
C PHE A 37 6.89 -41.07 -26.50
N THR A 38 7.61 -42.17 -26.78
CA THR A 38 9.03 -42.18 -27.22
C THR A 38 9.93 -41.43 -26.25
N GLY A 39 9.68 -41.58 -24.96
CA GLY A 39 10.53 -40.98 -23.94
C GLY A 39 11.31 -42.01 -23.18
N LYS A 40 11.04 -42.14 -21.88
CA LYS A 40 11.65 -43.19 -21.07
C LYS A 40 10.87 -44.50 -21.11
N ARG A 41 9.59 -44.43 -21.48
CA ARG A 41 8.70 -45.60 -21.67
C ARG A 41 8.58 -46.44 -20.41
N ILE A 42 8.56 -45.78 -19.26
CA ILE A 42 8.35 -46.48 -17.97
C ILE A 42 6.85 -46.50 -17.74
N TYR A 43 6.18 -47.49 -18.34
CA TYR A 43 4.75 -47.64 -18.17
C TYR A 43 4.40 -48.34 -16.86
N ALA A 44 5.30 -49.17 -16.34
CA ALA A 44 5.07 -49.91 -15.10
C ALA A 44 5.61 -49.07 -13.95
N ASN A 45 4.71 -48.40 -13.24
CA ASN A 45 5.05 -47.66 -12.04
C ASN A 45 4.68 -48.44 -10.78
N ASP A 46 3.42 -48.86 -10.68
CA ASP A 46 2.98 -49.74 -9.60
C ASP A 46 3.05 -51.21 -9.99
N TYR A 47 3.14 -51.51 -11.29
CA TYR A 47 3.12 -52.88 -11.77
C TYR A 47 4.40 -53.64 -11.45
N ASN A 48 5.51 -52.94 -11.21
CA ASN A 48 6.79 -53.58 -10.93
C ASN A 48 7.28 -53.36 -9.51
N THR A 49 7.12 -52.15 -8.97
CA THR A 49 7.62 -51.84 -7.64
C THR A 49 6.72 -52.45 -6.57
N SER A 50 7.32 -52.75 -5.41
CA SER A 50 6.58 -53.35 -4.30
C SER A 50 6.95 -52.72 -2.96
N ASN A 51 7.62 -51.56 -2.99
CA ASN A 51 8.05 -50.81 -1.80
C ASN A 51 8.93 -51.64 -0.88
N SER A 52 9.83 -52.42 -1.48
CA SER A 52 10.81 -53.21 -0.73
C SER A 52 12.12 -52.44 -0.77
N ASP A 53 12.31 -51.56 0.23
CA ASP A 53 13.43 -50.62 0.33
C ASP A 53 13.55 -49.74 -0.92
N GLU A 54 12.40 -49.35 -1.47
CA GLU A 54 12.34 -48.52 -2.66
C GLU A 54 11.70 -47.15 -2.41
N LYS A 55 11.26 -46.87 -1.18
CA LYS A 55 10.65 -45.58 -0.88
C LYS A 55 11.66 -44.46 -0.81
N GLU A 56 12.95 -44.77 -0.67
CA GLU A 56 13.98 -43.75 -0.73
C GLU A 56 14.36 -43.38 -2.16
N GLU A 57 14.10 -44.26 -3.13
CA GLU A 57 14.49 -44.06 -4.51
C GLU A 57 13.29 -43.80 -5.43
N PHE A 58 12.26 -44.63 -5.36
CA PHE A 58 11.15 -44.52 -6.31
C PHE A 58 10.24 -43.35 -5.99
N ASP A 59 10.18 -42.92 -4.72
CA ASP A 59 9.26 -41.86 -4.33
C ASP A 59 9.83 -40.48 -4.65
N ARG A 60 11.03 -40.17 -4.14
CA ARG A 60 11.56 -38.82 -4.26
C ARG A 60 12.00 -38.50 -5.68
N HIS A 61 12.48 -39.48 -6.43
CA HIS A 61 12.98 -39.23 -7.78
C HIS A 61 11.88 -39.21 -8.83
N PHE A 62 10.69 -39.72 -8.51
CA PHE A 62 9.67 -39.84 -9.55
C PHE A 62 8.34 -39.20 -9.18
N TYR A 63 7.92 -39.29 -7.91
CA TYR A 63 6.59 -38.84 -7.50
C TYR A 63 6.71 -37.99 -6.24
N SER A 64 6.94 -36.69 -6.41
CA SER A 64 7.09 -35.78 -5.28
C SER A 64 6.71 -34.36 -5.67
N ARG A 170 -10.95 -43.25 -19.17
CA ARG A 170 -11.29 -41.84 -19.10
C ARG A 170 -12.19 -41.55 -17.91
N LEU A 171 -12.15 -42.45 -16.92
CA LEU A 171 -12.67 -42.23 -15.56
C LEU A 171 -14.17 -41.96 -15.55
N LEU A 172 -14.92 -43.03 -15.79
CA LEU A 172 -16.38 -43.05 -15.68
C LEU A 172 -16.91 -42.53 -14.34
N HIS A 173 -16.12 -42.60 -13.26
CA HIS A 173 -16.57 -42.17 -11.94
C HIS A 173 -16.77 -40.66 -11.83
N ARG A 174 -16.30 -39.87 -12.80
CA ARG A 174 -16.61 -38.44 -12.80
C ARG A 174 -18.03 -38.19 -13.30
N GLY A 175 -18.37 -38.73 -14.46
CA GLY A 175 -19.68 -38.51 -15.05
C GLY A 175 -20.77 -39.38 -14.48
N PHE A 176 -20.47 -40.67 -14.27
CA PHE A 176 -21.44 -41.62 -13.75
C PHE A 176 -21.34 -41.67 -12.22
N GLU A 177 -21.72 -40.55 -11.60
CA GLU A 177 -21.65 -40.37 -10.16
C GLU A 177 -22.93 -39.73 -9.63
N ARG A 178 -24.07 -40.27 -10.06
CA ARG A 178 -25.37 -39.86 -9.52
C ARG A 178 -25.93 -40.91 -8.57
N GLY A 179 -25.14 -41.92 -8.22
CA GLY A 179 -25.59 -43.02 -7.41
C GLY A 179 -24.86 -43.19 -6.09
N LEU A 180 -24.64 -42.10 -5.35
CA LEU A 180 -23.91 -42.15 -4.09
C LEU A 180 -24.68 -41.37 -3.03
N ASN A 181 -25.98 -41.65 -2.89
CA ASN A 181 -26.77 -41.02 -1.82
C ASN A 181 -26.63 -41.75 -0.48
N HIS A 182 -27.12 -43.00 -0.41
CA HIS A 182 -26.82 -43.89 0.72
C HIS A 182 -26.67 -45.33 0.27
N PHE A 183 -26.32 -45.53 -1.00
CA PHE A 183 -26.28 -46.83 -1.67
C PHE A 183 -25.59 -46.61 -3.00
N ILE A 184 -24.77 -47.58 -3.40
CA ILE A 184 -23.93 -47.44 -4.58
C ILE A 184 -24.38 -48.46 -5.62
N ASP A 185 -24.75 -47.96 -6.79
CA ASP A 185 -25.17 -48.81 -7.91
C ASP A 185 -24.00 -49.41 -8.66
N ASN A 186 -22.76 -49.08 -8.29
CA ASN A 186 -21.57 -49.64 -8.92
C ASN A 186 -21.02 -50.84 -8.16
N PHE A 187 -21.88 -51.61 -7.49
CA PHE A 187 -21.44 -52.82 -6.81
C PHE A 187 -21.10 -53.96 -7.75
N ASN A 188 -21.48 -53.87 -9.02
CA ASN A 188 -20.96 -54.77 -10.04
C ASN A 188 -19.47 -54.46 -10.23
N GLU A 189 -18.61 -55.35 -9.72
CA GLU A 189 -17.20 -55.02 -9.58
C GLU A 189 -16.48 -55.05 -10.93
N ILE A 190 -16.35 -56.25 -11.51
CA ILE A 190 -15.44 -56.49 -12.63
C ILE A 190 -16.23 -57.19 -13.73
N PHE A 191 -15.74 -57.04 -14.97
CA PHE A 191 -16.32 -57.61 -16.19
C PHE A 191 -17.75 -57.11 -16.40
N GLN A 192 -17.85 -55.79 -16.61
CA GLN A 192 -19.15 -55.14 -16.78
C GLN A 192 -19.81 -55.55 -18.10
N PHE A 193 -19.08 -55.40 -19.21
CA PHE A 193 -19.59 -55.56 -20.58
C PHE A 193 -20.85 -54.74 -20.80
N LEU A 194 -20.65 -53.42 -20.76
CA LEU A 194 -21.71 -52.43 -20.64
C LEU A 194 -22.55 -52.40 -21.91
N LEU A 195 -23.70 -53.08 -21.86
CA LEU A 195 -24.71 -53.03 -22.91
C LEU A 195 -26.12 -52.94 -22.35
N ASP A 196 -26.28 -52.84 -21.03
CA ASP A 196 -27.59 -52.80 -20.40
C ASP A 196 -28.08 -51.35 -20.32
N ALA A 197 -29.21 -51.07 -20.96
CA ALA A 197 -29.80 -49.74 -20.95
C ALA A 197 -30.81 -49.60 -19.81
N ASN A 198 -30.30 -49.77 -18.59
CA ASN A 198 -31.09 -49.58 -17.37
C ASN A 198 -30.67 -48.26 -16.76
N ILE A 199 -31.26 -47.18 -17.25
CA ILE A 199 -30.90 -45.82 -16.87
C ILE A 199 -32.03 -45.23 -16.05
N ILE A 200 -31.82 -45.12 -14.74
CA ILE A 200 -32.78 -44.44 -13.87
C ILE A 200 -32.19 -43.09 -13.50
N SER A 201 -32.50 -42.06 -14.30
CA SER A 201 -31.96 -40.73 -14.09
C SER A 201 -32.88 -39.73 -14.76
N ASN A 202 -33.17 -38.63 -14.07
CA ASN A 202 -34.07 -37.60 -14.57
C ASN A 202 -33.35 -36.36 -15.06
N ASN A 203 -32.04 -36.25 -14.85
CA ASN A 203 -31.31 -35.04 -15.20
C ASN A 203 -31.01 -34.96 -16.69
N LYS A 204 -30.57 -36.06 -17.29
CA LYS A 204 -30.16 -36.05 -18.68
C LYS A 204 -30.70 -37.28 -19.41
N SER A 205 -31.08 -37.07 -20.68
CA SER A 205 -31.50 -38.16 -21.55
C SER A 205 -30.54 -38.40 -22.70
N GLU A 206 -29.64 -37.47 -22.99
CA GLU A 206 -28.63 -37.62 -24.04
C GLU A 206 -27.34 -38.26 -23.51
N PHE A 207 -27.36 -38.79 -22.30
CA PHE A 207 -26.19 -39.49 -21.78
C PHE A 207 -25.95 -40.80 -22.53
N ALA A 208 -27.03 -41.47 -22.95
CA ALA A 208 -26.89 -42.69 -23.74
C ALA A 208 -26.34 -42.38 -25.12
N GLN A 209 -26.71 -41.24 -25.69
CA GLN A 209 -26.13 -40.81 -26.97
C GLN A 209 -24.66 -40.45 -26.81
N PHE A 210 -24.30 -39.87 -25.66
CA PHE A 210 -22.89 -39.57 -25.38
C PHE A 210 -22.08 -40.85 -25.20
N VAL A 211 -22.69 -41.90 -24.63
CA VAL A 211 -22.01 -43.18 -24.49
C VAL A 211 -21.85 -43.85 -25.85
N ALA A 212 -22.93 -43.90 -26.63
CA ALA A 212 -22.92 -44.58 -27.93
C ALA A 212 -22.19 -43.81 -29.01
N GLN A 213 -21.87 -42.52 -28.79
CA GLN A 213 -21.10 -41.77 -29.77
C GLN A 213 -19.65 -42.24 -29.80
N ASN A 214 -19.01 -42.31 -28.63
CA ASN A 214 -17.67 -42.86 -28.49
C ASN A 214 -17.70 -43.90 -27.38
N LYS A 215 -17.80 -45.18 -27.76
CA LYS A 215 -17.92 -46.25 -26.79
C LYS A 215 -16.62 -46.52 -26.03
N ASP A 216 -15.48 -46.10 -26.58
CA ASP A 216 -14.19 -46.32 -25.92
C ASP A 216 -14.07 -45.38 -24.73
N LYS A 217 -14.34 -45.91 -23.53
CA LYS A 217 -14.25 -45.11 -22.32
C LYS A 217 -13.72 -46.02 -21.21
N LEU A 218 -12.48 -45.75 -20.77
CA LEU A 218 -11.76 -46.49 -19.72
C LEU A 218 -11.57 -47.97 -20.12
N PHE A 219 -11.44 -48.21 -21.42
CA PHE A 219 -11.10 -49.52 -21.97
C PHE A 219 -9.61 -49.90 -21.98
N PRO A 220 -8.65 -49.04 -22.38
CA PRO A 220 -7.25 -49.50 -22.40
C PRO A 220 -6.68 -49.67 -21.00
N LYS A 221 -5.53 -50.35 -20.96
CA LYS A 221 -4.84 -50.70 -19.72
C LYS A 221 -3.81 -49.66 -19.28
N TYR A 222 -3.53 -48.68 -20.13
CA TYR A 222 -2.44 -47.73 -19.89
C TYR A 222 -3.06 -46.40 -19.46
N LEU A 223 -3.17 -46.20 -18.15
CA LEU A 223 -3.65 -44.94 -17.59
C LEU A 223 -2.45 -44.08 -17.22
N PRO A 224 -2.42 -42.80 -17.58
CA PRO A 224 -1.22 -41.99 -17.36
C PRO A 224 -1.10 -41.50 -15.92
N VAL A 225 0.15 -41.20 -15.55
CA VAL A 225 0.49 -40.74 -14.21
C VAL A 225 0.72 -39.23 -14.29
N PRO A 226 0.24 -38.44 -13.32
CA PRO A 226 0.54 -37.01 -13.31
C PRO A 226 2.03 -36.74 -13.09
N SER A 227 2.48 -35.61 -13.64
CA SER A 227 3.89 -35.28 -13.64
C SER A 227 4.35 -34.79 -12.26
N LYS A 228 5.66 -34.56 -12.14
CA LYS A 228 6.23 -34.11 -10.87
C LYS A 228 5.93 -32.64 -10.59
N LEU A 229 5.57 -31.87 -11.62
CA LEU A 229 5.30 -30.44 -11.42
C LEU A 229 3.99 -30.18 -10.71
N CYS A 230 3.06 -31.14 -10.73
CA CYS A 230 1.76 -30.96 -10.09
C CYS A 230 1.82 -31.10 -8.57
N PHE A 231 2.86 -31.75 -8.03
CA PHE A 231 2.99 -31.97 -6.60
C PHE A 231 4.28 -31.32 -6.13
N VAL A 232 4.17 -30.40 -5.17
CA VAL A 232 5.30 -29.68 -4.62
C VAL A 232 5.58 -30.21 -3.22
N ALA A 233 6.82 -30.63 -2.98
CA ALA A 233 7.21 -31.16 -1.68
C ALA A 233 7.37 -30.04 -0.66
N THR A 236 14.32 -28.75 2.33
CA THR A 236 13.11 -28.03 2.70
C THR A 236 13.34 -27.18 3.95
N THR A 237 12.75 -27.59 5.07
CA THR A 237 12.87 -26.88 6.33
C THR A 237 12.77 -27.91 7.45
N SER A 238 12.54 -27.42 8.68
CA SER A 238 12.49 -28.30 9.85
C SER A 238 11.30 -29.26 9.81
N GLY A 239 10.20 -28.86 9.15
CA GLY A 239 9.06 -29.73 9.01
C GLY A 239 8.61 -29.89 7.57
N THR A 240 8.43 -31.12 7.13
CA THR A 240 8.03 -31.38 5.74
C THR A 240 6.56 -31.01 5.56
N TYR A 241 6.31 -29.99 4.73
CA TYR A 241 4.98 -29.46 4.53
C TYR A 241 4.39 -30.01 3.24
N LEU A 242 3.16 -30.52 3.32
CA LEU A 242 2.45 -31.08 2.18
C LEU A 242 1.09 -30.41 2.11
N ASP A 243 0.40 -30.58 0.98
CA ASP A 243 -0.90 -29.97 0.76
C ASP A 243 -2.00 -31.03 0.80
N LYS A 244 -3.15 -30.65 1.35
CA LYS A 244 -4.30 -31.54 1.51
C LYS A 244 -5.00 -32.06 0.23
N PRO A 245 -5.00 -31.40 -0.94
CA PRO A 245 -5.56 -32.09 -2.12
C PRO A 245 -4.67 -33.18 -2.69
N ILE A 246 -3.44 -33.34 -2.21
CA ILE A 246 -2.56 -34.40 -2.69
C ILE A 246 -2.94 -35.69 -1.99
N GLU A 247 -3.86 -36.45 -2.59
CA GLU A 247 -4.30 -37.74 -2.09
C GLU A 247 -4.25 -38.77 -3.20
N ALA A 248 -3.26 -38.66 -4.08
CA ALA A 248 -3.08 -39.59 -5.19
C ALA A 248 -1.87 -40.50 -5.01
N ALA A 249 -1.12 -40.35 -3.91
CA ALA A 249 -0.01 -41.22 -3.61
C ALA A 249 -0.45 -42.57 -3.06
N ILE A 250 -1.74 -42.74 -2.75
CA ILE A 250 -2.25 -44.02 -2.29
C ILE A 250 -2.27 -45.04 -3.44
N ASP A 251 -2.36 -44.57 -4.68
CA ASP A 251 -2.31 -45.47 -5.83
C ASP A 251 -0.91 -45.92 -6.14
N ALA A 252 0.10 -45.12 -5.81
CA ALA A 252 1.48 -45.55 -5.98
C ALA A 252 1.86 -46.65 -5.00
N THR A 253 1.21 -46.69 -3.84
CA THR A 253 1.41 -47.77 -2.88
C THR A 253 0.26 -48.78 -3.03
N LEU A 254 0.35 -49.56 -4.11
CA LEU A 254 -0.64 -50.56 -4.52
C LEU A 254 -2.06 -50.01 -4.62
N SER A 267 -5.52 -64.29 -4.77
CA SER A 267 -6.91 -64.35 -5.22
C SER A 267 -7.25 -63.15 -6.11
N PRO A 268 -7.93 -63.40 -7.22
CA PRO A 268 -8.29 -62.29 -8.12
C PRO A 268 -9.43 -61.43 -7.60
N ILE A 269 -10.28 -61.96 -6.71
CA ILE A 269 -11.48 -61.24 -6.28
C ILE A 269 -11.14 -60.07 -5.35
N LYS A 270 -9.92 -60.05 -4.78
CA LYS A 270 -9.47 -58.93 -3.98
C LYS A 270 -8.66 -57.92 -4.78
N ALA A 271 -7.83 -58.40 -5.70
CA ALA A 271 -7.07 -57.48 -6.56
C ALA A 271 -7.98 -56.73 -7.53
N GLN A 272 -9.01 -57.41 -8.04
CA GLN A 272 -9.98 -56.74 -8.92
C GLN A 272 -10.80 -55.70 -8.16
N ASN A 273 -11.03 -55.92 -6.86
CA ASN A 273 -11.65 -54.88 -6.04
C ASN A 273 -10.67 -53.75 -5.76
N ARG A 274 -9.38 -54.04 -5.63
CA ARG A 274 -8.39 -53.01 -5.37
C ARG A 274 -8.17 -52.10 -6.58
N THR A 275 -8.31 -52.64 -7.79
CA THR A 275 -8.19 -51.80 -9.00
C THR A 275 -9.31 -50.77 -9.07
N MET A 276 -10.55 -51.18 -8.79
CA MET A 276 -11.64 -50.21 -8.77
C MET A 276 -11.62 -49.32 -7.54
N ARG A 277 -11.02 -49.77 -6.44
CA ARG A 277 -10.76 -48.88 -5.31
C ARG A 277 -9.78 -47.78 -5.71
N GLY A 278 -8.73 -48.14 -6.42
CA GLY A 278 -7.79 -47.16 -6.94
C GLY A 278 -8.40 -46.24 -8.00
N LEU A 279 -9.33 -46.77 -8.80
CA LEU A 279 -10.02 -45.94 -9.78
C LEU A 279 -10.95 -44.93 -9.12
N ARG A 280 -11.63 -45.33 -8.03
CA ARG A 280 -12.44 -44.40 -7.28
C ARG A 280 -11.58 -43.39 -6.54
N LEU A 281 -10.38 -43.78 -6.09
CA LEU A 281 -9.46 -42.82 -5.51
C LEU A 281 -8.91 -41.84 -6.55
N TYR A 282 -8.71 -42.32 -7.79
CA TYR A 282 -8.35 -41.45 -8.91
C TYR A 282 -9.43 -40.40 -9.16
N GLY A 283 -10.69 -40.83 -9.20
CA GLY A 283 -11.78 -39.89 -9.40
C GLY A 283 -11.95 -38.93 -8.25
N GLN A 284 -11.78 -39.42 -7.00
CA GLN A 284 -11.87 -38.56 -5.82
C GLN A 284 -10.72 -37.57 -5.75
N PHE A 285 -9.56 -37.92 -6.31
CA PHE A 285 -8.45 -36.99 -6.36
C PHE A 285 -8.68 -35.92 -7.43
N TYR A 286 -9.10 -36.35 -8.62
CA TYR A 286 -9.25 -35.40 -9.73
C TYR A 286 -10.42 -34.45 -9.52
N GLU A 287 -11.51 -34.91 -8.89
CA GLU A 287 -12.63 -34.02 -8.61
C GLU A 287 -12.26 -32.96 -7.58
N ILE A 288 -11.58 -33.35 -6.50
CA ILE A 288 -11.20 -32.38 -5.50
C ILE A 288 -10.04 -31.49 -5.97
N TYR A 289 -9.25 -31.94 -6.97
CA TYR A 289 -8.21 -31.09 -7.50
C TYR A 289 -8.74 -30.11 -8.53
N ALA A 290 -9.80 -30.48 -9.25
CA ALA A 290 -10.48 -29.53 -10.12
C ALA A 290 -11.42 -28.60 -9.34
N LYS A 291 -11.78 -28.97 -8.11
CA LYS A 291 -12.62 -28.12 -7.29
C LYS A 291 -11.84 -27.16 -6.40
N SER A 292 -10.71 -27.60 -5.85
CA SER A 292 -9.98 -26.80 -4.88
C SER A 292 -8.80 -26.03 -5.48
N ARG A 293 -8.30 -26.44 -6.64
CA ARG A 293 -7.15 -25.78 -7.25
C ARG A 293 -7.46 -25.11 -8.58
N ILE A 294 -8.61 -25.40 -9.19
CA ILE A 294 -9.01 -24.77 -10.45
C ILE A 294 -10.23 -23.87 -10.24
N ALA A 295 -11.25 -24.37 -9.55
CA ALA A 295 -12.50 -23.64 -9.40
C ALA A 295 -12.40 -22.47 -8.41
N GLN A 296 -11.40 -22.46 -7.54
CA GLN A 296 -11.26 -21.37 -6.59
C GLN A 296 -10.69 -20.13 -7.28
N LYS A 297 -10.91 -18.97 -6.65
CA LYS A 297 -10.43 -17.72 -7.20
C LYS A 297 -8.90 -17.60 -7.08
N PRO A 298 -8.25 -18.05 -5.96
CA PRO A 298 -6.81 -18.38 -6.11
C PRO A 298 -6.62 -19.75 -6.74
N GLY A 299 -6.21 -19.78 -8.00
CA GLY A 299 -6.08 -21.05 -8.69
C GLY A 299 -5.35 -20.88 -10.00
N LEU A 300 -5.34 -21.98 -10.77
CA LEU A 300 -4.66 -21.96 -12.05
C LEU A 300 -5.44 -21.19 -13.11
N ALA A 301 -6.77 -21.19 -13.01
CA ALA A 301 -7.60 -20.61 -14.06
C ALA A 301 -7.72 -19.09 -13.90
N ARG A 302 -8.26 -18.63 -12.77
CA ARG A 302 -8.60 -17.23 -12.60
C ARG A 302 -7.43 -16.36 -12.15
N ARG A 303 -6.25 -16.93 -11.96
CA ARG A 303 -5.08 -16.16 -11.54
C ARG A 303 -3.89 -16.31 -12.47
N HIS A 304 -3.61 -17.52 -12.96
CA HIS A 304 -2.44 -17.76 -13.80
C HIS A 304 -2.75 -17.94 -15.27
N MET A 305 -3.92 -18.49 -15.62
CA MET A 305 -4.29 -18.66 -17.02
C MET A 305 -4.74 -17.35 -17.65
N PHE A 306 -5.09 -16.35 -16.86
CA PHE A 306 -5.52 -15.05 -17.37
C PHE A 306 -4.47 -13.97 -17.11
N GLY A 307 -3.21 -14.38 -16.94
CA GLY A 307 -2.11 -13.43 -16.82
C GLY A 307 -1.89 -12.90 -15.43
N ALA A 308 -0.64 -12.89 -14.98
CA ALA A 308 -0.25 -12.34 -13.70
C ALA A 308 1.25 -12.07 -13.71
N ARG A 309 1.65 -10.98 -13.05
CA ARG A 309 3.06 -10.62 -12.77
C ARG A 309 3.87 -10.46 -14.05
N LEU A 310 3.48 -9.48 -14.86
CA LEU A 310 4.15 -9.24 -16.12
C LEU A 310 5.52 -8.59 -15.91
N ASN A 311 6.35 -8.69 -16.94
CA ASN A 311 7.68 -8.10 -16.93
C ASN A 311 7.66 -6.70 -17.52
N ALA A 312 8.77 -5.98 -17.33
CA ALA A 312 8.97 -4.60 -17.77
C ALA A 312 7.87 -3.67 -17.26
N THR A 313 7.60 -3.77 -15.96
CA THR A 313 6.50 -3.05 -15.34
C THR A 313 7.02 -2.23 -14.18
N ALA A 314 6.15 -1.35 -13.67
CA ALA A 314 6.47 -0.48 -12.56
C ALA A 314 5.19 -0.13 -11.82
N ARG A 315 5.34 0.36 -10.59
CA ARG A 315 4.21 0.71 -9.75
C ARG A 315 4.65 1.83 -8.81
N ALA A 316 4.00 2.99 -8.93
CA ALA A 316 4.41 4.15 -8.15
C ALA A 316 3.23 5.10 -7.97
N VAL A 317 3.40 6.03 -7.04
CA VAL A 317 2.40 7.06 -6.77
C VAL A 317 2.45 8.11 -7.87
N ILE A 318 1.44 8.98 -7.94
CA ILE A 318 1.28 9.88 -9.06
C ILE A 318 1.23 11.33 -8.58
N THR A 319 1.76 12.22 -9.41
CA THR A 319 1.61 13.67 -9.28
C THR A 319 1.06 14.22 -10.61
N SER A 320 0.93 15.54 -10.67
CA SER A 320 0.41 16.22 -11.84
C SER A 320 1.47 17.08 -12.49
N ILE A 321 1.25 17.41 -13.76
CA ILE A 321 2.09 18.34 -14.51
C ILE A 321 1.28 19.61 -14.74
N SER A 322 1.65 20.68 -14.05
CA SER A 322 1.03 22.00 -14.26
C SER A 322 2.02 22.84 -15.06
N ASP A 323 2.01 22.64 -16.36
CA ASP A 323 3.00 23.18 -17.28
C ASP A 323 2.35 23.36 -18.64
N PRO A 324 2.98 24.08 -19.56
CA PRO A 324 2.60 23.95 -20.98
C PRO A 324 3.09 22.63 -21.55
N HIS A 325 2.19 21.68 -21.77
CA HIS A 325 2.58 20.36 -22.23
C HIS A 325 1.48 19.80 -23.13
N ASP A 326 1.60 18.52 -23.46
CA ASP A 326 0.61 17.81 -24.25
C ASP A 326 -0.26 16.95 -23.35
N TYR A 327 -1.36 16.46 -23.91
CA TYR A 327 -2.32 15.67 -23.14
C TYR A 327 -1.86 14.24 -22.91
N ASP A 328 -0.84 13.76 -23.63
CA ASP A 328 -0.28 12.42 -23.44
C ASP A 328 1.23 12.53 -23.22
N GLU A 329 1.62 12.80 -21.98
CA GLU A 329 3.02 12.92 -21.59
C GLU A 329 3.19 12.36 -20.19
N LEU A 330 4.18 11.49 -20.02
CA LEU A 330 4.48 10.89 -18.73
C LEU A 330 5.92 11.17 -18.34
N HIS A 331 6.13 11.49 -17.07
CA HIS A 331 7.45 11.83 -16.53
C HIS A 331 7.87 10.73 -15.55
N ILE A 332 8.76 9.86 -16.01
CA ILE A 332 9.26 8.76 -15.20
C ILE A 332 10.41 9.28 -14.34
N PRO A 333 10.44 8.99 -13.03
CA PRO A 333 11.56 9.45 -12.20
C PRO A 333 12.87 8.72 -12.47
N TRP A 334 13.92 9.10 -11.74
CA TRP A 334 15.25 8.57 -12.01
C TRP A 334 15.39 7.12 -11.55
N GLY A 335 14.87 6.81 -10.35
CA GLY A 335 15.01 5.47 -9.83
C GLY A 335 14.16 4.44 -10.55
N VAL A 336 13.00 4.84 -11.04
CA VAL A 336 12.16 3.93 -11.80
C VAL A 336 12.71 3.75 -13.21
N GLY A 337 13.15 4.85 -13.84
CA GLY A 337 13.68 4.78 -15.19
C GLY A 337 15.05 4.14 -15.29
N CYS A 338 15.81 4.12 -14.20
CA CYS A 338 17.11 3.49 -14.22
C CYS A 338 17.03 1.97 -14.16
N GLN A 339 15.94 1.43 -13.63
CA GLN A 339 15.74 -0.02 -13.57
C GLN A 339 14.77 -0.54 -14.62
N LEU A 340 13.84 0.30 -15.09
CA LEU A 340 12.94 -0.12 -16.15
C LEU A 340 13.66 -0.18 -17.49
N LEU A 341 14.65 0.67 -17.70
CA LEU A 341 15.47 0.67 -18.91
C LEU A 341 16.89 0.33 -18.49
N LYS A 342 17.18 -0.98 -18.40
CA LYS A 342 18.50 -1.48 -18.04
C LYS A 342 19.25 -2.05 -19.23
N TYR A 343 18.57 -2.88 -20.04
CA TYR A 343 19.19 -3.43 -21.23
C TYR A 343 19.28 -2.41 -22.35
N HIS A 344 18.39 -1.41 -22.34
CA HIS A 344 18.53 -0.28 -23.26
C HIS A 344 19.77 0.53 -22.94
N LEU A 345 20.01 0.80 -21.65
CA LEU A 345 21.23 1.47 -21.23
C LEU A 345 22.46 0.61 -21.48
N THR A 346 22.32 -0.71 -21.35
CA THR A 346 23.43 -1.61 -21.64
C THR A 346 23.78 -1.60 -23.12
N ASN A 347 22.76 -1.56 -23.99
CA ASN A 347 23.00 -1.45 -25.42
C ASN A 347 23.63 -0.11 -25.79
N LYS A 348 23.15 0.98 -25.17
CA LYS A 348 23.72 2.29 -25.46
C LYS A 348 25.15 2.44 -24.92
N LEU A 349 25.48 1.77 -23.82
CA LEU A 349 26.83 1.82 -23.26
C LEU A 349 27.78 0.88 -23.97
N LYS A 350 27.27 -0.20 -24.58
CA LYS A 350 28.11 -1.05 -25.41
C LYS A 350 28.26 -0.52 -26.82
N ALA A 351 27.37 0.38 -27.25
CA ALA A 351 27.48 0.96 -28.58
C ALA A 351 28.29 2.26 -28.58
N LYS A 352 27.93 3.20 -27.70
CA LYS A 352 28.63 4.49 -27.69
C LYS A 352 29.97 4.42 -27.00
N PHE A 353 30.12 3.53 -26.01
CA PHE A 353 31.36 3.40 -25.26
C PHE A 353 31.91 1.98 -25.44
N ASN A 354 33.18 1.82 -25.08
CA ASN A 354 33.86 0.53 -25.15
C ASN A 354 33.81 -0.11 -23.77
N MET A 355 32.68 -0.72 -23.46
CA MET A 355 32.44 -1.35 -22.18
C MET A 355 31.85 -2.74 -22.37
N THR A 356 32.22 -3.66 -21.48
CA THR A 356 31.60 -4.96 -21.44
C THR A 356 30.24 -4.89 -20.75
N THR A 357 29.51 -6.00 -20.76
CA THR A 357 28.18 -6.00 -20.16
C THR A 357 28.25 -6.03 -18.63
N ARG A 358 29.36 -6.49 -18.06
CA ARG A 358 29.52 -6.46 -16.61
C ARG A 358 29.78 -5.05 -16.12
N GLU A 359 30.66 -4.31 -16.82
CA GLU A 359 30.90 -2.91 -16.48
C GLU A 359 29.68 -2.05 -16.77
N ALA A 360 28.91 -2.39 -17.81
CA ALA A 360 27.68 -1.65 -18.10
C ALA A 360 26.62 -1.93 -17.03
N PHE A 361 26.52 -3.17 -16.56
CA PHE A 361 25.59 -3.50 -15.49
C PHE A 361 25.99 -2.82 -14.17
N SER A 362 27.29 -2.73 -13.91
CA SER A 362 27.77 -2.03 -12.72
C SER A 362 27.52 -0.53 -12.82
N PHE A 363 27.66 0.04 -14.02
CA PHE A 363 27.38 1.46 -14.21
C PHE A 363 25.90 1.76 -14.14
N VAL A 364 25.05 0.80 -14.52
CA VAL A 364 23.61 1.00 -14.41
C VAL A 364 23.17 0.88 -12.96
N TYR A 365 23.59 -0.17 -12.26
CA TYR A 365 23.15 -0.40 -10.89
C TYR A 365 23.81 0.54 -9.90
N GLU A 366 24.95 1.13 -10.25
CA GLU A 366 25.61 2.07 -9.34
C GLU A 366 24.89 3.42 -9.31
N ASN A 367 24.45 3.91 -10.48
CA ASN A 367 23.86 5.23 -10.60
C ASN A 367 22.34 5.23 -10.50
N VAL A 368 21.77 4.28 -9.74
CA VAL A 368 20.33 4.31 -9.51
C VAL A 368 19.98 5.39 -8.51
N LEU A 369 20.66 5.42 -7.37
CA LEU A 369 20.46 6.44 -6.34
C LEU A 369 21.52 7.54 -6.41
N GLN A 370 22.05 7.80 -7.61
CA GLN A 370 23.09 8.80 -7.79
C GLN A 370 22.99 9.38 -9.19
N TYR A 371 22.88 10.71 -9.26
CA TYR A 371 22.71 11.38 -10.54
C TYR A 371 24.05 11.57 -11.23
N ASN A 372 24.05 11.39 -12.55
CA ASN A 372 25.23 11.65 -13.37
C ASN A 372 24.77 12.04 -14.76
N GLN A 373 25.67 12.68 -15.52
CA GLN A 373 25.30 13.28 -16.79
C GLN A 373 25.21 12.27 -17.93
N ILE A 374 25.96 11.16 -17.84
CA ILE A 374 26.02 10.22 -18.95
C ILE A 374 24.72 9.43 -19.06
N ILE A 375 24.17 9.00 -17.92
CA ILE A 375 22.91 8.25 -17.92
C ILE A 375 21.75 9.16 -18.33
N ALA A 376 21.80 10.43 -17.93
CA ALA A 376 20.78 11.38 -18.35
C ALA A 376 20.86 11.67 -19.86
N ASP A 377 22.07 11.77 -20.39
CA ASP A 377 22.23 11.98 -21.83
C ASP A 377 21.80 10.75 -22.62
N LEU A 378 22.05 9.56 -22.09
CA LEU A 378 21.56 8.34 -22.74
C LEU A 378 20.04 8.22 -22.66
N PHE A 379 19.44 8.71 -21.58
CA PHE A 379 17.99 8.77 -21.49
C PHE A 379 17.40 9.75 -22.50
N LYS A 380 18.04 10.90 -22.68
CA LYS A 380 17.58 11.86 -23.68
C LYS A 380 17.75 11.30 -25.10
N GLU A 381 18.81 10.53 -25.32
CA GLU A 381 19.00 9.88 -26.62
C GLU A 381 17.94 8.80 -26.85
N LEU A 382 17.62 8.01 -25.82
CA LEU A 382 16.61 6.97 -25.95
C LEU A 382 15.22 7.54 -26.14
N ILE A 383 14.95 8.72 -25.57
CA ILE A 383 13.70 9.41 -25.85
C ILE A 383 13.70 9.94 -27.28
N ALA A 384 14.83 10.49 -27.73
CA ALA A 384 14.93 11.07 -29.06
C ALA A 384 15.00 10.02 -30.18
N GLU A 385 15.22 8.74 -29.85
CA GLU A 385 15.30 7.72 -30.89
C GLU A 385 13.95 7.39 -31.51
N ALA A 386 12.84 7.66 -30.80
CA ALA A 386 11.50 7.40 -31.33
C ALA A 386 11.18 8.47 -32.36
N ALA A 387 11.27 8.11 -33.65
CA ALA A 387 11.05 9.06 -34.73
C ALA A 387 9.58 9.40 -35.01
N PRO A 388 8.63 8.45 -35.13
CA PRO A 388 7.24 8.89 -35.37
C PRO A 388 6.43 9.16 -34.11
N TYR A 389 6.96 8.84 -32.94
CA TYR A 389 6.26 9.04 -31.67
C TYR A 389 7.00 10.06 -30.82
N LYS A 390 6.32 10.56 -29.79
CA LYS A 390 6.91 11.51 -28.87
C LYS A 390 7.91 10.87 -27.93
N GLY A 391 7.85 9.55 -27.74
CA GLY A 391 8.77 8.84 -26.88
C GLY A 391 8.50 7.34 -26.89
N MET A 392 8.73 6.69 -25.76
CA MET A 392 8.45 5.26 -25.63
C MET A 392 7.00 5.06 -25.22
N GLY A 393 6.31 4.18 -25.95
CA GLY A 393 4.90 3.94 -25.67
C GLY A 393 4.73 3.03 -24.47
N CYS A 394 3.88 3.44 -23.54
CA CYS A 394 3.64 2.67 -22.32
C CYS A 394 2.15 2.68 -22.01
N THR A 395 1.72 1.71 -21.22
CA THR A 395 0.34 1.61 -20.77
C THR A 395 0.29 1.87 -19.27
N PHE A 396 -0.84 2.43 -18.83
CA PHE A 396 -1.00 2.92 -17.47
C PHE A 396 -2.36 2.49 -16.97
N HIS A 397 -2.39 1.82 -15.81
CA HIS A 397 -3.60 1.19 -15.31
C HIS A 397 -4.05 1.80 -13.99
N ARG A 398 -5.31 1.50 -13.64
CA ARG A 398 -5.88 1.79 -12.34
C ARG A 398 -6.33 0.48 -11.71
N ASN A 399 -6.18 0.37 -10.38
CA ASN A 399 -6.49 -0.90 -9.71
C ASN A 399 -7.99 -1.21 -9.67
N PRO A 400 -8.92 -0.23 -9.39
CA PRO A 400 -10.31 -0.47 -9.79
C PRO A 400 -10.52 -0.12 -11.25
N THR A 401 -10.75 -1.14 -12.08
CA THR A 401 -10.86 -0.98 -13.53
C THR A 401 -12.25 -1.43 -14.00
N LEU A 402 -13.16 -0.46 -14.03
CA LEU A 402 -14.53 -0.69 -14.49
C LEU A 402 -14.85 0.03 -15.80
N GLN A 403 -14.35 1.25 -15.98
CA GLN A 403 -14.67 2.07 -17.14
C GLN A 403 -13.55 2.01 -18.17
N ARG A 404 -13.71 2.79 -19.24
CA ARG A 404 -12.72 2.80 -20.31
C ARG A 404 -11.47 3.56 -19.91
N GLY A 405 -11.63 4.64 -19.13
CA GLY A 405 -10.52 5.51 -18.77
C GLY A 405 -9.54 4.94 -17.78
N SER A 406 -9.82 3.78 -17.19
CA SER A 406 -8.93 3.18 -16.22
C SER A 406 -7.69 2.55 -16.84
N THR A 407 -7.68 2.32 -18.16
CA THR A 407 -6.54 1.73 -18.86
C THR A 407 -6.21 2.64 -20.04
N GLN A 408 -5.09 3.37 -19.95
CA GLN A 408 -4.72 4.33 -20.98
C GLN A 408 -3.33 4.03 -21.50
N GLN A 409 -2.98 4.67 -22.61
CA GLN A 409 -1.65 4.57 -23.20
C GLN A 409 -1.04 5.95 -23.32
N PHE A 410 0.14 6.13 -22.73
CA PHE A 410 0.88 7.38 -22.77
C PHE A 410 2.25 7.16 -23.39
N PHE A 411 3.05 8.22 -23.40
CA PHE A 411 4.40 8.20 -23.95
C PHE A 411 5.36 8.81 -22.96
N ILE A 412 6.45 8.10 -22.68
CA ILE A 412 7.49 8.62 -21.80
C ILE A 412 8.26 9.71 -22.53
N THR A 413 8.27 10.92 -21.97
CA THR A 413 8.85 12.07 -22.64
C THR A 413 10.00 12.72 -21.87
N LYS A 414 10.11 12.53 -20.57
CA LYS A 414 11.14 13.22 -19.79
C LYS A 414 11.46 12.41 -18.55
N VAL A 415 12.75 12.17 -18.31
CA VAL A 415 13.23 11.55 -17.08
C VAL A 415 13.69 12.65 -16.14
N LYS A 416 13.21 12.60 -14.89
CA LYS A 416 13.51 13.65 -13.93
C LYS A 416 14.96 13.58 -13.45
N ASP A 417 15.48 14.73 -13.03
CA ASP A 417 16.84 14.82 -12.53
C ASP A 417 16.94 14.71 -11.02
N ASP A 418 15.87 15.04 -10.30
CA ASP A 418 15.88 14.97 -8.84
C ASP A 418 15.72 13.52 -8.40
N ILE A 419 16.67 13.04 -7.59
CA ILE A 419 16.63 11.64 -7.15
C ILE A 419 15.65 11.44 -6.01
N ASN A 420 15.32 12.50 -5.27
CA ASN A 420 14.40 12.37 -4.14
C ASN A 420 12.95 12.25 -4.59
N ASP A 421 12.62 12.74 -5.79
CA ASP A 421 11.25 12.67 -6.31
C ASP A 421 11.03 11.29 -6.90
N ASN A 422 10.21 10.47 -6.24
CA ASN A 422 9.85 9.13 -6.71
C ASN A 422 8.34 9.12 -6.94
N SER A 423 7.93 9.55 -8.13
CA SER A 423 6.53 9.65 -8.52
C SER A 423 6.46 9.86 -10.01
N ILE A 424 5.41 9.32 -10.62
CA ILE A 424 5.16 9.49 -12.04
C ILE A 424 4.18 10.64 -12.24
N SER A 425 4.58 11.66 -12.99
CA SER A 425 3.79 12.86 -13.16
C SER A 425 2.91 12.71 -14.40
N MET A 426 1.60 12.87 -14.22
CA MET A 426 0.62 12.63 -15.26
C MET A 426 -0.02 13.94 -15.69
N SER A 427 -0.72 13.89 -16.83
CA SER A 427 -1.40 15.04 -17.38
C SER A 427 -2.60 15.43 -16.52
N VAL A 428 -3.00 16.69 -16.64
CA VAL A 428 -4.13 17.21 -15.87
C VAL A 428 -5.45 16.71 -16.44
N LEU A 429 -5.59 16.74 -17.76
CA LEU A 429 -6.85 16.40 -18.41
C LEU A 429 -7.19 14.91 -18.33
N CYS A 430 -6.19 14.06 -18.10
CA CYS A 430 -6.41 12.63 -17.95
C CYS A 430 -6.70 12.21 -16.52
N LEU A 431 -6.74 13.15 -15.58
CA LEU A 431 -7.03 12.82 -14.18
C LEU A 431 -8.50 12.48 -13.96
N LYS A 432 -9.39 12.86 -14.87
CA LYS A 432 -10.82 12.73 -14.64
C LYS A 432 -11.40 11.39 -15.11
N ALA A 433 -10.80 10.76 -16.11
CA ALA A 433 -11.38 9.53 -16.66
C ALA A 433 -11.20 8.31 -15.75
N PRO A 434 -10.08 8.12 -15.04
CA PRO A 434 -10.14 7.25 -13.86
C PRO A 434 -10.33 8.05 -12.59
N ASN A 435 -10.78 7.35 -11.54
CA ASN A 435 -10.96 7.96 -10.22
C ASN A 435 -9.64 7.90 -9.46
N ALA A 436 -8.71 8.75 -9.91
CA ALA A 436 -7.35 8.78 -9.38
C ALA A 436 -7.10 10.15 -8.75
N ASP A 437 -6.77 10.15 -7.47
CA ASP A 437 -6.42 11.35 -6.73
C ASP A 437 -5.05 11.17 -6.09
N PHE A 438 -4.56 12.24 -5.45
CA PHE A 438 -3.27 12.21 -4.78
C PHE A 438 -3.48 11.90 -3.30
N ASP A 439 -3.93 10.67 -3.04
CA ASP A 439 -4.25 10.21 -1.69
C ASP A 439 -3.38 9.00 -1.35
N GLY A 440 -2.12 9.05 -1.77
CA GLY A 440 -1.16 7.99 -1.48
C GLY A 440 -1.45 6.67 -2.15
N ASP A 441 -1.97 6.69 -3.37
CA ASP A 441 -2.34 5.48 -4.08
C ASP A 441 -1.24 5.11 -5.07
N GLN A 442 -0.98 3.81 -5.19
CA GLN A 442 0.06 3.30 -6.08
C GLN A 442 -0.58 2.79 -7.35
N LEU A 443 -0.08 3.25 -8.49
CA LEU A 443 -0.66 2.96 -9.80
C LEU A 443 0.37 2.23 -10.66
N ASN A 444 -0.13 1.36 -11.54
CA ASN A 444 0.71 0.44 -12.30
C ASN A 444 0.96 0.93 -13.72
N LEU A 445 2.08 0.48 -14.28
CA LEU A 445 2.56 0.90 -15.58
C LEU A 445 3.28 -0.26 -16.25
N THR A 446 3.01 -0.48 -17.54
CA THR A 446 3.64 -1.51 -18.33
C THR A 446 4.30 -0.85 -19.54
N LEU A 447 5.40 -1.44 -20.01
CA LEU A 447 6.20 -0.88 -21.09
C LEU A 447 6.02 -1.72 -22.35
N MET A 448 5.45 -1.13 -23.39
CA MET A 448 5.29 -1.81 -24.66
C MET A 448 6.63 -1.85 -25.40
N PRO A 449 7.15 -3.03 -25.74
CA PRO A 449 8.48 -3.08 -26.36
C PRO A 449 8.50 -2.76 -27.84
N ASP A 450 7.45 -3.15 -28.56
CA ASP A 450 7.48 -3.17 -30.01
C ASP A 450 6.72 -1.97 -30.60
N VAL A 451 6.86 -1.82 -31.91
CA VAL A 451 6.10 -0.84 -32.67
C VAL A 451 4.72 -1.39 -33.03
N TYR A 452 4.64 -2.68 -33.33
CA TYR A 452 3.37 -3.32 -33.61
C TYR A 452 2.48 -3.36 -32.37
N LEU A 453 3.09 -3.59 -31.19
CA LEU A 453 2.32 -3.57 -29.95
C LEU A 453 1.86 -2.16 -29.60
N THR A 454 2.70 -1.15 -29.88
CA THR A 454 2.30 0.23 -29.65
C THR A 454 1.20 0.67 -30.60
N LYS A 455 1.21 0.16 -31.83
CA LYS A 455 0.13 0.45 -32.78
C LYS A 455 -1.15 -0.29 -32.40
N ALA A 456 -1.03 -1.48 -31.82
CA ALA A 456 -2.21 -2.23 -31.39
C ALA A 456 -2.79 -1.69 -30.08
N THR A 457 -1.99 -1.00 -29.27
CA THR A 457 -2.49 -0.39 -28.04
C THR A 457 -3.11 0.99 -28.28
N GLU A 458 -3.22 1.42 -29.55
CA GLU A 458 -3.86 2.68 -29.88
C GLU A 458 -5.37 2.67 -29.66
N ARG A 459 -5.98 1.48 -29.51
CA ARG A 459 -7.41 1.40 -29.25
C ARG A 459 -7.77 1.91 -27.86
N ILE A 460 -6.84 1.90 -26.92
CA ILE A 460 -7.01 2.52 -25.61
C ILE A 460 -6.11 3.74 -25.57
N ALA A 461 -6.71 4.92 -25.68
CA ALA A 461 -5.98 6.18 -25.80
C ALA A 461 -6.70 7.22 -24.96
N PRO A 462 -6.02 8.32 -24.60
CA PRO A 462 -6.73 9.41 -23.91
C PRO A 462 -7.80 10.10 -24.75
N HIS A 463 -7.77 9.96 -26.07
CA HIS A 463 -8.82 10.52 -26.92
C HIS A 463 -9.98 9.57 -27.15
N THR A 464 -9.88 8.32 -26.68
CA THR A 464 -10.94 7.34 -26.95
C THR A 464 -12.15 7.52 -26.05
N TRP A 465 -11.99 8.11 -24.86
CA TRP A 465 -13.10 8.27 -23.93
C TRP A 465 -13.67 9.69 -23.93
N VAL A 466 -13.43 10.46 -25.00
CA VAL A 466 -13.98 11.80 -25.08
C VAL A 466 -15.48 11.75 -25.33
N LEU A 467 -15.90 10.97 -26.31
CA LEU A 467 -17.33 10.84 -26.60
C LEU A 467 -18.00 9.96 -25.54
N SER A 468 -19.18 10.39 -25.11
CA SER A 468 -19.89 9.69 -24.05
C SER A 468 -20.54 8.41 -24.58
N ILE A 469 -20.73 7.45 -23.67
CA ILE A 469 -21.37 6.19 -24.00
C ILE A 469 -22.81 6.13 -23.52
N ASP A 470 -23.38 7.27 -23.09
CA ASP A 470 -24.75 7.34 -22.63
C ASP A 470 -25.64 8.13 -23.57
N GLU A 471 -25.25 9.37 -23.90
CA GLU A 471 -25.99 10.23 -24.81
C GLU A 471 -25.46 10.07 -26.23
N PRO A 472 -26.34 10.18 -27.24
CA PRO A 472 -25.88 9.96 -28.63
C PRO A 472 -24.97 11.06 -29.15
N HIS A 473 -25.28 12.33 -28.89
CA HIS A 473 -24.46 13.45 -29.36
C HIS A 473 -24.15 14.35 -28.17
N GLU A 474 -23.11 13.98 -27.41
CA GLU A 474 -22.67 14.73 -26.23
C GLU A 474 -21.28 14.25 -25.81
N ILE A 475 -20.36 15.18 -25.60
CA ILE A 475 -19.05 14.85 -25.06
C ILE A 475 -19.19 14.66 -23.55
N SER A 476 -18.61 13.57 -23.03
CA SER A 476 -18.72 13.22 -21.62
C SER A 476 -18.01 14.24 -20.73
N GLY A 477 -18.33 14.17 -19.44
CA GLY A 477 -17.85 15.10 -18.44
C GLY A 477 -16.40 14.96 -18.03
N ASN A 478 -15.66 14.02 -18.60
CA ASN A 478 -14.24 13.89 -18.31
C ASN A 478 -13.39 14.94 -19.01
N LEU A 479 -13.96 15.67 -19.97
CA LEU A 479 -13.26 16.76 -20.64
C LEU A 479 -13.29 18.06 -19.83
N GLU A 480 -14.09 18.10 -18.76
CA GLU A 480 -14.24 19.31 -17.97
C GLU A 480 -12.96 19.65 -17.21
N LEU A 481 -12.64 20.94 -17.15
CA LEU A 481 -11.44 21.41 -16.49
C LEU A 481 -11.62 21.36 -14.97
N GLN A 482 -10.50 21.54 -14.26
CA GLN A 482 -10.49 21.44 -12.81
C GLN A 482 -10.95 22.77 -12.21
N GLY A 483 -10.90 22.86 -10.88
CA GLY A 483 -11.30 24.04 -10.15
C GLY A 483 -10.45 25.28 -10.41
N PRO A 484 -9.17 25.24 -10.02
CA PRO A 484 -8.30 26.41 -10.24
C PRO A 484 -8.02 26.73 -11.70
N VAL A 485 -8.27 25.81 -12.62
CA VAL A 485 -8.15 26.16 -14.04
C VAL A 485 -9.34 27.01 -14.47
N VAL A 486 -10.53 26.69 -13.96
CA VAL A 486 -11.73 27.44 -14.33
C VAL A 486 -11.78 28.79 -13.61
N GLU A 487 -11.33 28.84 -12.35
CA GLU A 487 -11.51 30.04 -11.52
C GLU A 487 -10.73 31.25 -12.02
N THR A 488 -9.58 31.04 -12.66
CA THR A 488 -8.86 32.17 -13.24
C THR A 488 -9.60 32.74 -14.45
N ILE A 489 -10.21 31.88 -15.27
CA ILE A 489 -11.01 32.35 -16.40
C ILE A 489 -12.29 33.02 -15.90
N ILE A 490 -12.79 32.58 -14.75
CA ILE A 490 -13.96 33.23 -14.15
C ILE A 490 -13.59 34.63 -13.66
N ASN A 491 -12.45 34.77 -12.98
CA ASN A 491 -12.00 36.06 -12.52
C ASN A 491 -11.56 36.98 -13.65
N TRP A 492 -11.16 36.42 -14.80
CA TRP A 492 -10.73 37.22 -15.94
C TRP A 492 -11.90 37.67 -16.81
N ALA A 493 -12.73 36.73 -17.26
CA ALA A 493 -13.80 37.06 -18.20
C ALA A 493 -14.98 37.73 -17.52
N HIS A 494 -15.40 37.20 -16.37
CA HIS A 494 -16.57 37.75 -15.66
C HIS A 494 -16.14 38.82 -14.66
N GLU A 495 -15.55 39.87 -15.20
CA GLU A 495 -15.11 41.02 -14.42
C GLU A 495 -15.73 42.29 -15.00
N LYS A 496 -15.88 43.31 -14.14
CA LYS A 496 -16.35 44.62 -14.59
C LYS A 496 -15.22 45.30 -15.34
N TYR A 497 -15.11 44.95 -16.62
CA TYR A 497 -13.98 45.34 -17.46
C TYR A 497 -14.27 46.56 -18.32
N LEU A 498 -15.46 46.66 -18.87
CA LEU A 498 -15.86 47.76 -19.74
C LEU A 498 -17.15 48.38 -19.22
N PRO A 499 -17.40 49.65 -19.54
CA PRO A 499 -18.72 50.24 -19.27
C PRO A 499 -19.80 49.58 -20.12
N PRO A 500 -21.07 49.64 -19.69
CA PRO A 500 -22.15 48.98 -20.46
C PRO A 500 -22.42 49.61 -21.81
N LEU A 501 -23.35 49.01 -22.57
CA LEU A 501 -23.58 49.41 -23.95
C LEU A 501 -24.24 50.77 -24.08
N GLU A 502 -24.92 51.25 -23.04
CA GLU A 502 -25.49 52.59 -23.07
C GLU A 502 -24.40 53.64 -22.97
N GLU A 503 -23.46 53.45 -22.02
CA GLU A 503 -22.38 54.41 -21.82
C GLU A 503 -21.30 54.30 -22.90
N TRP A 504 -21.21 53.16 -23.58
CA TRP A 504 -20.15 52.94 -24.55
C TRP A 504 -20.36 53.74 -25.83
N LEU A 505 -21.61 53.90 -26.27
CA LEU A 505 -21.92 54.64 -27.49
C LEU A 505 -22.42 56.05 -27.20
N LYS A 506 -22.29 56.53 -25.96
CA LYS A 506 -22.70 57.88 -25.62
C LYS A 506 -21.48 58.81 -25.51
N HIS B 304 20.94 -27.94 -16.33
CA HIS B 304 20.96 -26.82 -17.25
C HIS B 304 20.90 -25.49 -16.50
N LYS B 305 20.58 -25.58 -15.21
CA LYS B 305 20.53 -24.40 -14.34
C LYS B 305 20.73 -24.87 -12.91
N THR B 306 21.12 -23.92 -12.06
CA THR B 306 21.43 -24.19 -10.67
C THR B 306 20.40 -23.55 -9.76
N LYS B 307 20.39 -23.97 -8.50
CA LYS B 307 19.43 -23.44 -7.52
C LYS B 307 19.81 -22.06 -7.00
N GLN B 308 21.03 -21.61 -7.24
CA GLN B 308 21.39 -20.22 -7.01
C GLN B 308 20.72 -19.40 -8.11
N ARG B 309 19.57 -18.81 -7.78
CA ARG B 309 18.66 -18.28 -8.80
C ARG B 309 19.20 -16.98 -9.37
N VAL B 310 19.39 -16.97 -10.69
CA VAL B 310 19.80 -15.78 -11.43
C VAL B 310 18.65 -15.34 -12.33
N THR B 311 18.60 -14.05 -12.62
CA THR B 311 17.50 -13.50 -13.39
C THR B 311 17.61 -13.91 -14.85
N PRO B 312 16.52 -14.41 -15.47
CA PRO B 312 16.54 -14.63 -16.92
C PRO B 312 16.48 -13.30 -17.66
N GLY B 313 17.44 -13.09 -18.54
CA GLY B 313 17.60 -11.80 -19.19
C GLY B 313 19.03 -11.31 -19.05
N ASP B 314 19.64 -11.62 -17.90
CA ASP B 314 21.08 -11.49 -17.77
C ASP B 314 21.83 -12.64 -18.44
N ILE B 315 21.14 -13.77 -18.67
CA ILE B 315 21.75 -14.92 -19.32
C ILE B 315 22.02 -14.62 -20.79
N VAL B 316 21.07 -13.98 -21.47
CA VAL B 316 21.22 -13.72 -22.89
C VAL B 316 22.21 -12.60 -23.17
N ALA B 317 22.48 -11.75 -22.19
CA ALA B 317 23.51 -10.72 -22.36
C ALA B 317 24.91 -11.34 -22.39
N TYR B 318 25.15 -12.33 -21.54
CA TYR B 318 26.41 -13.06 -21.57
C TYR B 318 26.51 -13.99 -22.76
N ASN B 319 25.37 -14.40 -23.33
CA ASN B 319 25.39 -15.17 -24.57
C ASN B 319 25.82 -14.31 -25.76
N LEU B 320 25.53 -13.01 -25.72
CA LEU B 320 25.90 -12.12 -26.80
C LEU B 320 27.25 -11.46 -26.60
N ASP B 321 27.68 -11.23 -25.36
CA ASP B 321 28.99 -10.63 -25.15
C ASP B 321 30.12 -11.64 -25.26
N ALA B 322 29.83 -12.94 -25.14
CA ALA B 322 30.87 -13.95 -25.28
C ALA B 322 31.28 -14.15 -26.74
N LEU B 323 30.47 -13.70 -27.69
CA LEU B 323 30.82 -13.79 -29.11
C LEU B 323 31.73 -12.65 -29.56
N ASP B 324 31.85 -11.60 -28.76
CA ASP B 324 32.77 -10.50 -29.04
C ASP B 324 34.13 -10.90 -28.48
N VAL B 325 34.90 -11.63 -29.28
CA VAL B 325 36.16 -12.21 -28.81
C VAL B 325 37.24 -11.13 -28.71
N VAL B 326 37.29 -10.23 -29.68
CA VAL B 326 38.38 -9.25 -29.77
C VAL B 326 38.27 -8.22 -28.64
N LYS B 327 37.05 -7.78 -28.32
CA LYS B 327 36.88 -6.86 -27.20
C LYS B 327 37.13 -7.56 -25.87
N LEU B 328 36.83 -8.86 -25.80
CA LEU B 328 37.06 -9.61 -24.56
C LEU B 328 38.54 -9.86 -24.32
N VAL B 329 39.34 -9.99 -25.37
CA VAL B 329 40.77 -10.19 -25.19
C VAL B 329 41.55 -8.88 -25.16
N HIS B 330 40.98 -7.78 -25.66
CA HIS B 330 41.65 -6.49 -25.59
C HIS B 330 41.37 -5.75 -24.29
N LYS B 331 40.34 -6.15 -23.55
CA LYS B 331 40.12 -5.59 -22.21
C LYS B 331 41.13 -6.13 -21.21
N ILE B 332 41.67 -7.32 -21.45
CA ILE B 332 42.66 -7.92 -20.56
C ILE B 332 44.04 -7.40 -20.93
N ASP B 333 44.46 -7.63 -22.18
CA ASP B 333 45.73 -7.16 -22.68
C ASP B 333 45.53 -6.59 -24.08
N ASP B 334 45.76 -5.29 -24.23
CA ASP B 334 45.53 -4.64 -25.52
C ASP B 334 46.63 -4.90 -26.53
N THR B 335 47.79 -5.41 -26.09
CA THR B 335 48.93 -5.63 -26.98
C THR B 335 48.94 -7.09 -27.47
N VAL B 336 47.83 -7.47 -28.11
CA VAL B 336 47.66 -8.81 -28.67
C VAL B 336 47.40 -8.65 -30.16
N PRO B 337 48.13 -9.36 -31.03
CA PRO B 337 47.88 -9.25 -32.47
C PRO B 337 46.56 -9.90 -32.87
N VAL B 338 45.94 -9.35 -33.91
CA VAL B 338 44.61 -9.79 -34.31
C VAL B 338 44.67 -11.14 -35.01
N GLU B 339 45.74 -11.40 -35.76
CA GLU B 339 45.89 -12.68 -36.44
C GLU B 339 46.15 -13.81 -35.44
N LEU B 340 46.75 -13.50 -34.29
CA LEU B 340 46.93 -14.50 -33.25
C LEU B 340 45.60 -14.89 -32.61
N ILE B 341 44.64 -13.97 -32.59
CA ILE B 341 43.30 -14.31 -32.15
C ILE B 341 42.55 -15.07 -33.23
N GLN B 342 42.76 -14.69 -34.49
CA GLN B 342 42.02 -15.31 -35.60
C GLN B 342 42.46 -16.75 -35.85
N GLU B 343 43.74 -17.05 -35.63
CA GLU B 343 44.22 -18.43 -35.80
C GLU B 343 43.61 -19.38 -34.78
N CYS B 344 43.29 -18.89 -33.59
CA CYS B 344 42.56 -19.71 -32.62
C CYS B 344 41.06 -19.66 -32.88
N LEU B 345 40.56 -18.58 -33.46
CA LEU B 345 39.13 -18.44 -33.71
C LEU B 345 38.65 -19.25 -34.91
N ASP B 346 39.53 -19.59 -35.85
CA ASP B 346 39.11 -20.41 -36.98
C ASP B 346 38.84 -21.86 -36.60
N CYS B 347 39.34 -22.31 -35.45
CA CYS B 347 39.20 -23.70 -35.05
C CYS B 347 37.92 -24.00 -34.28
N VAL B 348 37.00 -23.03 -34.17
CA VAL B 348 35.76 -23.28 -33.44
C VAL B 348 34.76 -24.08 -34.25
N ALA B 349 34.94 -24.19 -35.57
CA ALA B 349 34.03 -24.95 -36.40
C ALA B 349 34.26 -26.46 -36.30
N VAL B 350 35.44 -26.88 -35.89
CA VAL B 350 35.74 -28.31 -35.77
C VAL B 350 35.35 -28.85 -34.41
N THR B 351 35.62 -28.10 -33.34
CA THR B 351 35.32 -28.52 -31.98
C THR B 351 33.90 -28.21 -31.55
N ALA B 352 33.05 -27.73 -32.47
CA ALA B 352 31.67 -27.44 -32.12
C ALA B 352 30.84 -28.71 -31.97
N THR B 353 31.21 -29.79 -32.65
CA THR B 353 30.50 -31.06 -32.57
C THR B 353 31.10 -31.99 -31.52
N LYS B 354 31.95 -31.49 -30.65
CA LYS B 354 32.60 -32.29 -29.62
C LYS B 354 32.07 -31.91 -28.24
N ASP B 355 32.65 -32.51 -27.22
CA ASP B 355 32.23 -32.29 -25.84
C ASP B 355 33.17 -31.33 -25.12
N ILE B 356 32.67 -30.74 -24.05
CA ILE B 356 33.44 -29.81 -23.22
C ILE B 356 33.73 -30.50 -21.89
N TYR B 357 34.98 -30.41 -21.44
CA TYR B 357 35.47 -31.07 -20.24
C TYR B 357 35.89 -30.03 -19.21
N PRO B 358 35.76 -30.34 -17.91
CA PRO B 358 35.90 -29.28 -16.88
C PRO B 358 37.29 -28.70 -16.71
N HIS B 359 38.34 -29.33 -17.25
CA HIS B 359 39.65 -28.69 -17.20
C HIS B 359 39.71 -27.48 -18.15
N GLN B 360 39.03 -27.56 -19.29
CA GLN B 360 38.93 -26.42 -20.19
C GLN B 360 38.10 -25.31 -19.56
N ILE B 361 37.02 -25.68 -18.86
CA ILE B 361 36.18 -24.69 -18.19
C ILE B 361 36.94 -24.02 -17.05
N LEU B 362 37.79 -24.79 -16.36
CA LEU B 362 38.60 -24.21 -15.28
C LEU B 362 39.68 -23.28 -15.83
N LEU B 363 40.33 -23.68 -16.92
CA LEU B 363 41.37 -22.83 -17.51
C LEU B 363 40.79 -21.59 -18.17
N ALA B 364 39.54 -21.64 -18.64
CA ALA B 364 38.89 -20.46 -19.16
C ALA B 364 38.24 -19.60 -18.08
N GLN B 365 37.91 -20.19 -16.92
CA GLN B 365 37.37 -19.42 -15.82
C GLN B 365 38.46 -18.71 -15.03
N TRP B 366 39.67 -19.27 -15.01
CA TRP B 366 40.78 -18.62 -14.30
C TRP B 366 41.20 -17.34 -15.00
N VAL B 367 41.48 -17.42 -16.30
CA VAL B 367 41.86 -16.25 -17.08
C VAL B 367 40.60 -15.47 -17.45
N MET B 368 40.82 -14.26 -17.99
CA MET B 368 39.80 -13.27 -18.42
C MET B 368 38.65 -13.10 -17.42
N HIS B 369 39.01 -13.01 -16.14
CA HIS B 369 38.03 -12.64 -15.13
C HIS B 369 37.82 -11.14 -15.05
N LYS B 370 38.74 -10.35 -15.60
CA LYS B 370 38.62 -8.90 -15.58
C LYS B 370 37.58 -8.37 -16.56
N ALA B 371 37.10 -9.20 -17.50
CA ALA B 371 36.11 -8.78 -18.46
C ALA B 371 34.95 -9.77 -18.60
N PHE B 372 34.96 -10.88 -17.88
CA PHE B 372 33.90 -11.87 -17.95
C PHE B 372 33.84 -12.61 -16.62
N PRO B 373 32.65 -12.76 -16.03
CA PRO B 373 32.56 -13.45 -14.74
C PRO B 373 32.74 -14.96 -14.90
N ALA B 374 33.37 -15.56 -13.88
CA ALA B 374 33.65 -17.00 -13.94
C ALA B 374 32.38 -17.80 -13.65
N ARG B 375 31.50 -17.29 -12.80
CA ARG B 375 30.28 -18.02 -12.43
C ARG B 375 29.24 -18.05 -13.53
N ALA B 376 29.40 -17.26 -14.59
CA ALA B 376 28.50 -17.31 -15.74
C ALA B 376 28.81 -18.45 -16.69
N PHE B 377 29.87 -19.22 -16.44
CA PHE B 377 30.26 -20.31 -17.34
C PHE B 377 29.32 -21.50 -17.24
N SER B 378 28.62 -21.67 -16.13
CA SER B 378 27.66 -22.76 -15.97
C SER B 378 26.25 -22.35 -16.39
N HIS B 379 26.10 -21.18 -16.99
CA HIS B 379 24.79 -20.68 -17.42
C HIS B 379 24.88 -20.10 -18.83
N ILE B 380 25.74 -20.66 -19.68
CA ILE B 380 25.88 -20.22 -21.06
C ILE B 380 25.93 -21.45 -21.97
N ASN B 381 25.72 -21.21 -23.26
CA ASN B 381 25.52 -22.27 -24.22
C ASN B 381 26.86 -22.76 -24.77
N LYS B 382 26.80 -23.57 -25.84
CA LYS B 382 27.99 -24.20 -26.42
C LYS B 382 28.75 -23.24 -27.32
N ASN B 383 28.03 -22.41 -28.09
CA ASN B 383 28.68 -21.44 -28.95
C ASN B 383 29.34 -20.31 -28.16
N ALA B 384 28.95 -20.11 -26.91
CA ALA B 384 29.64 -19.15 -26.06
C ALA B 384 30.94 -19.74 -25.50
N VAL B 385 30.90 -20.98 -25.01
CA VAL B 385 32.08 -21.56 -24.41
C VAL B 385 33.13 -21.93 -25.46
N ASN B 386 32.72 -22.18 -26.72
CA ASN B 386 33.72 -22.40 -27.77
C ASN B 386 34.51 -21.13 -28.06
N HIS B 387 33.83 -20.00 -28.19
CA HIS B 387 34.53 -18.73 -28.39
C HIS B 387 35.33 -18.31 -27.17
N LEU B 388 34.86 -18.66 -25.97
CA LEU B 388 35.62 -18.34 -24.77
C LEU B 388 36.87 -19.22 -24.65
N LEU B 389 36.78 -20.48 -25.09
CA LEU B 389 37.96 -21.34 -25.12
C LEU B 389 38.97 -20.88 -26.16
N ALA B 390 38.47 -20.39 -27.32
CA ALA B 390 39.38 -19.84 -28.32
C ALA B 390 40.06 -18.55 -27.83
N ALA B 391 39.31 -17.72 -27.10
CA ALA B 391 39.87 -16.50 -26.54
C ALA B 391 40.90 -16.81 -25.45
N ALA B 392 40.63 -17.80 -24.60
CA ALA B 392 41.58 -18.19 -23.58
C ALA B 392 42.82 -18.85 -24.19
N GLN B 393 42.64 -19.59 -25.28
CA GLN B 393 43.79 -20.18 -25.98
C GLN B 393 44.67 -19.12 -26.60
N SER B 394 44.07 -18.07 -27.18
CA SER B 394 44.87 -16.99 -27.73
C SER B 394 45.56 -16.18 -26.64
N LEU B 395 44.88 -15.97 -25.51
CA LEU B 395 45.46 -15.20 -24.41
C LEU B 395 46.59 -15.96 -23.71
N MET B 396 46.51 -17.29 -23.67
CA MET B 396 47.61 -18.08 -23.12
C MET B 396 48.71 -18.33 -24.16
N TRP B 397 48.39 -18.22 -25.45
CA TRP B 397 49.43 -18.30 -26.47
C TRP B 397 50.26 -17.03 -26.53
N HIS B 398 49.64 -15.87 -26.29
CA HIS B 398 50.39 -14.62 -26.35
C HIS B 398 51.32 -14.45 -25.14
N TRP B 399 50.92 -14.94 -23.97
CA TRP B 399 51.68 -14.72 -22.75
C TRP B 399 52.90 -15.63 -22.64
N GLY B 400 53.08 -16.59 -23.53
CA GLY B 400 54.23 -17.47 -23.53
C GLY B 400 54.02 -18.81 -22.84
N PHE B 401 52.80 -19.10 -22.39
CA PHE B 401 52.50 -20.38 -21.74
C PHE B 401 52.00 -21.37 -22.78
N GLN B 402 52.92 -21.76 -23.67
CA GLN B 402 52.58 -22.64 -24.78
C GLN B 402 52.44 -24.10 -24.35
N GLN B 403 52.99 -24.48 -23.20
CA GLN B 403 52.91 -25.86 -22.75
C GLN B 403 51.55 -26.22 -22.16
N VAL B 404 50.74 -25.21 -21.81
CA VAL B 404 49.43 -25.46 -21.24
C VAL B 404 48.30 -25.08 -22.19
N ALA B 405 48.54 -24.15 -23.13
CA ALA B 405 47.51 -23.66 -24.04
C ALA B 405 47.14 -24.65 -25.13
N VAL B 406 47.85 -25.79 -25.24
CA VAL B 406 47.48 -26.79 -26.24
C VAL B 406 46.20 -27.51 -25.83
N PHE B 407 45.96 -27.66 -24.53
CA PHE B 407 44.85 -28.45 -24.01
C PHE B 407 43.52 -27.69 -23.95
N MET B 408 43.35 -26.64 -24.78
CA MET B 408 42.11 -25.87 -24.76
C MET B 408 41.04 -26.51 -25.65
N GLN B 409 41.30 -26.59 -26.95
CA GLN B 409 40.35 -27.17 -27.90
C GLN B 409 40.83 -28.59 -28.19
N VAL B 410 40.31 -29.55 -27.41
CA VAL B 410 40.82 -30.92 -27.38
C VAL B 410 39.66 -31.89 -27.25
N GLU B 411 39.73 -33.00 -28.00
CA GLU B 411 38.75 -34.07 -27.93
C GLU B 411 39.31 -35.23 -27.12
N LEU B 412 38.46 -35.85 -26.31
CA LEU B 412 38.87 -36.99 -25.50
C LEU B 412 39.10 -38.22 -26.37
N TYR B 413 40.16 -38.95 -26.07
CA TYR B 413 40.50 -40.17 -26.79
C TYR B 413 39.49 -41.28 -26.52
N ARG B 429 49.90 -29.84 -2.63
CA ARG B 429 50.40 -28.58 -2.10
C ARG B 429 51.23 -27.85 -3.15
N ILE B 430 52.02 -26.87 -2.69
CA ILE B 430 52.86 -26.05 -3.54
C ILE B 430 54.31 -26.32 -3.18
N GLN B 431 55.16 -26.50 -4.20
CA GLN B 431 56.57 -26.74 -3.99
C GLN B 431 57.27 -25.47 -3.48
N ILE B 432 58.53 -25.63 -3.09
CA ILE B 432 59.28 -24.55 -2.45
C ILE B 432 59.70 -23.48 -3.44
N LYS B 433 59.67 -23.79 -4.75
CA LYS B 433 60.11 -22.83 -5.76
C LYS B 433 59.12 -21.69 -5.96
N TYR B 434 57.84 -21.91 -5.67
CA TYR B 434 56.82 -20.89 -5.90
C TYR B 434 55.98 -20.54 -4.68
N LYS B 435 56.26 -21.13 -3.51
CA LYS B 435 55.36 -20.98 -2.38
C LYS B 435 55.41 -19.59 -1.76
N ASP B 436 56.60 -18.98 -1.73
CA ASP B 436 56.77 -17.69 -1.07
C ASP B 436 56.06 -16.57 -1.81
N VAL B 437 56.04 -16.63 -3.14
CA VAL B 437 55.35 -15.60 -3.91
C VAL B 437 53.86 -15.94 -4.08
N MET B 438 53.48 -17.22 -4.04
CA MET B 438 52.07 -17.58 -4.15
C MET B 438 51.32 -17.29 -2.85
N ASP B 439 52.00 -17.39 -1.70
CA ASP B 439 51.38 -16.95 -0.45
C ASP B 439 51.39 -15.43 -0.30
N GLU B 440 52.20 -14.73 -1.09
CA GLU B 440 52.22 -13.27 -1.05
C GLU B 440 51.14 -12.69 -1.95
N LEU B 441 50.99 -13.22 -3.17
CA LEU B 441 49.98 -12.73 -4.09
C LEU B 441 48.57 -13.15 -3.68
N TYR B 442 48.44 -14.24 -2.92
CA TYR B 442 47.15 -14.73 -2.43
C TYR B 442 47.25 -14.88 -0.92
N PRO B 443 46.99 -13.81 -0.16
CA PRO B 443 47.16 -13.87 1.30
C PRO B 443 46.03 -14.60 2.01
N HIS B 444 44.84 -14.69 1.42
CA HIS B 444 43.72 -15.36 2.05
C HIS B 444 43.88 -16.87 1.89
N GLN B 445 44.19 -17.56 2.97
CA GLN B 445 44.44 -18.99 2.95
C GLN B 445 43.36 -19.72 3.74
N ARG B 446 43.27 -21.03 3.51
CA ARG B 446 42.27 -21.87 4.16
C ARG B 446 42.84 -22.45 5.45
N GLN B 447 42.20 -22.16 6.57
CA GLN B 447 42.65 -22.67 7.85
C GLN B 447 42.33 -24.15 7.98
N GLN B 448 43.25 -24.88 8.61
CA GLN B 448 43.11 -26.32 8.79
C GLN B 448 42.92 -26.66 10.27
N ARG B 449 42.39 -27.86 10.50
CA ARG B 449 42.11 -28.32 11.85
C ARG B 449 43.37 -28.86 12.51
N ALA B 450 43.65 -28.38 13.71
CA ALA B 450 44.79 -28.86 14.47
C ALA B 450 44.44 -30.15 15.22
N ILE B 451 45.47 -30.86 15.66
CA ILE B 451 45.30 -32.13 16.35
C ILE B 451 46.30 -32.19 17.51
N ASN B 452 45.80 -32.60 18.69
CA ASN B 452 46.43 -32.47 20.02
C ASN B 452 47.22 -31.17 20.17
N GLY B 453 46.52 -30.06 19.99
CA GLY B 453 47.16 -28.76 19.99
C GLY B 453 47.91 -28.53 18.70
N VAL B 454 49.08 -27.88 18.79
CA VAL B 454 50.02 -27.52 17.71
C VAL B 454 49.33 -27.01 16.45
N PRO B 455 48.83 -25.76 16.47
CA PRO B 455 48.04 -25.24 15.33
C PRO B 455 48.89 -25.06 14.08
N VAL B 456 48.54 -25.82 13.03
CA VAL B 456 49.33 -25.86 11.81
C VAL B 456 49.09 -24.60 11.00
N ALA B 457 50.02 -24.31 10.09
CA ALA B 457 49.88 -23.18 9.19
C ALA B 457 48.76 -23.44 8.18
N PRO B 458 48.04 -22.40 7.77
CA PRO B 458 46.96 -22.61 6.78
C PRO B 458 47.52 -22.90 5.39
N VAL B 459 46.76 -23.68 4.63
CA VAL B 459 47.15 -24.08 3.28
C VAL B 459 46.50 -23.11 2.30
N ASN B 460 47.15 -22.92 1.15
CA ASN B 460 46.66 -21.98 0.13
C ASN B 460 45.58 -22.63 -0.71
N ILE B 461 44.51 -21.87 -0.96
CA ILE B 461 43.39 -22.38 -1.74
C ILE B 461 43.73 -22.44 -3.23
N ALA B 462 44.63 -21.55 -3.69
CA ALA B 462 45.07 -21.60 -5.08
C ALA B 462 45.92 -22.83 -5.36
N GLY B 463 46.64 -23.33 -4.35
CA GLY B 463 47.33 -24.59 -4.50
C GLY B 463 46.37 -25.76 -4.66
N ILE B 464 45.24 -25.72 -3.95
CA ILE B 464 44.19 -26.72 -4.12
C ILE B 464 43.58 -26.63 -5.50
N ALA B 465 43.41 -25.40 -6.02
CA ALA B 465 42.85 -25.21 -7.35
C ALA B 465 43.79 -25.73 -8.44
N VAL B 466 45.09 -25.45 -8.33
CA VAL B 466 46.02 -25.92 -9.35
C VAL B 466 46.27 -27.43 -9.20
N GLN B 467 46.10 -27.98 -7.99
CA GLN B 467 46.17 -29.43 -7.82
C GLN B 467 44.95 -30.12 -8.45
N SER B 468 43.78 -29.51 -8.33
CA SER B 468 42.59 -30.05 -8.99
C SER B 468 42.71 -29.95 -10.51
N ALA B 469 43.31 -28.87 -11.01
CA ALA B 469 43.52 -28.74 -12.45
C ALA B 469 44.55 -29.75 -12.95
N HIS B 470 45.60 -30.00 -12.17
CA HIS B 470 46.60 -31.00 -12.55
C HIS B 470 46.03 -32.41 -12.49
N ALA B 471 45.10 -32.68 -11.57
CA ALA B 471 44.43 -33.97 -11.54
C ALA B 471 43.44 -34.10 -12.69
N SER B 472 42.86 -32.99 -13.14
CA SER B 472 41.92 -33.04 -14.26
C SER B 472 42.64 -33.17 -15.60
N ILE B 473 43.88 -32.68 -15.70
CA ILE B 473 44.60 -32.76 -16.96
C ILE B 473 45.07 -34.18 -17.22
N ARG B 474 45.73 -34.81 -16.23
CA ARG B 474 46.35 -36.11 -16.39
C ARG B 474 45.37 -37.27 -16.21
N SER B 475 44.07 -37.02 -16.25
CA SER B 475 43.10 -38.09 -16.00
C SER B 475 42.99 -39.06 -17.17
N SER B 476 43.07 -38.57 -18.40
CA SER B 476 42.87 -39.42 -19.57
C SER B 476 43.75 -38.92 -20.71
N ASN B 477 43.70 -39.64 -21.82
CA ASN B 477 44.43 -39.27 -23.03
C ASN B 477 43.64 -38.24 -23.83
N TRP B 478 44.34 -37.58 -24.76
CA TRP B 478 43.81 -36.40 -25.42
C TRP B 478 44.14 -36.41 -26.91
N ILE B 479 43.33 -35.67 -27.68
CA ILE B 479 43.47 -35.54 -29.12
C ILE B 479 43.41 -34.05 -29.45
N TYR B 480 44.42 -33.56 -30.17
CA TYR B 480 44.54 -32.14 -30.47
C TYR B 480 43.66 -31.75 -31.65
N HIS B 481 42.83 -30.72 -31.46
CA HIS B 481 42.04 -30.12 -32.54
C HIS B 481 42.23 -28.60 -32.46
N GLY B 482 43.29 -28.10 -33.08
CA GLY B 482 43.60 -26.69 -33.01
C GLY B 482 44.57 -26.24 -34.09
N PRO B 483 45.18 -25.08 -33.89
CA PRO B 483 46.14 -24.58 -34.88
C PRO B 483 47.44 -25.36 -34.84
N ASP B 484 47.98 -25.63 -36.04
CA ASP B 484 49.25 -26.35 -36.14
C ASP B 484 50.43 -25.48 -35.75
N ARG B 485 50.28 -24.16 -35.76
CA ARG B 485 51.35 -23.27 -35.34
C ARG B 485 51.58 -23.36 -33.83
N LEU B 486 50.52 -23.57 -33.06
CA LEU B 486 50.67 -23.81 -31.63
C LEU B 486 51.29 -25.18 -31.37
N PHE B 487 51.03 -26.16 -32.22
CA PHE B 487 51.65 -27.46 -32.08
C PHE B 487 53.12 -27.42 -32.50
N LYS B 488 53.49 -26.48 -33.37
CA LYS B 488 54.89 -26.33 -33.77
C LYS B 488 55.68 -25.40 -32.86
N GLU B 489 55.00 -24.54 -32.09
CA GLU B 489 55.71 -23.70 -31.12
C GLU B 489 56.20 -24.53 -29.95
N ALA B 490 55.31 -25.26 -29.30
CA ALA B 490 55.70 -26.18 -28.24
C ALA B 490 56.32 -27.44 -28.85
N GLU B 491 57.20 -28.07 -28.08
CA GLU B 491 57.90 -29.27 -28.54
C GLU B 491 57.09 -30.50 -28.17
N GLN B 492 56.37 -31.05 -29.14
CA GLN B 492 55.63 -32.29 -28.96
C GLN B 492 55.79 -33.15 -30.21
N VAL B 493 56.18 -34.40 -30.02
CA VAL B 493 56.37 -35.31 -31.13
C VAL B 493 55.05 -36.07 -31.36
N THR B 494 54.85 -36.54 -32.59
CA THR B 494 53.60 -37.19 -32.95
C THR B 494 53.83 -38.24 -34.03
N GLN B 495 53.35 -39.46 -33.77
CA GLN B 495 53.11 -40.45 -34.81
C GLN B 495 51.64 -40.60 -35.13
N ASN B 496 50.75 -40.17 -34.23
CA ASN B 496 49.34 -40.00 -34.50
C ASN B 496 48.87 -38.79 -33.70
N LYS B 497 47.57 -38.48 -33.82
CA LYS B 497 47.02 -37.25 -33.23
C LYS B 497 46.61 -37.51 -31.79
N VAL B 498 47.61 -37.81 -30.96
CA VAL B 498 47.45 -38.02 -29.53
C VAL B 498 48.44 -37.11 -28.81
N LEU B 499 48.02 -36.55 -27.67
CA LEU B 499 48.88 -35.67 -26.88
C LEU B 499 49.89 -36.47 -26.06
N VAL B 500 50.92 -35.75 -25.59
CA VAL B 500 51.89 -36.27 -24.64
C VAL B 500 52.02 -35.28 -23.49
N VAL B 501 51.66 -35.70 -22.29
CA VAL B 501 51.69 -34.84 -21.12
C VAL B 501 53.10 -34.79 -20.56
N PRO B 502 53.72 -33.61 -20.45
CA PRO B 502 55.06 -33.52 -19.86
C PRO B 502 55.02 -33.65 -18.35
N ALA B 503 56.20 -33.90 -17.78
CA ALA B 503 56.33 -34.05 -16.33
C ALA B 503 56.34 -32.72 -15.60
N THR B 504 56.72 -31.63 -16.26
CA THR B 504 56.78 -30.31 -15.65
C THR B 504 55.47 -29.53 -15.82
N ILE B 505 54.38 -30.22 -16.13
CA ILE B 505 53.11 -29.54 -16.41
C ILE B 505 52.49 -28.95 -15.14
N LYS B 506 52.92 -29.40 -13.96
CA LYS B 506 52.50 -28.75 -12.73
C LYS B 506 53.25 -27.45 -12.47
N SER B 507 54.42 -27.27 -13.10
CA SER B 507 55.22 -26.08 -12.84
C SER B 507 54.80 -24.91 -13.72
N VAL B 508 54.22 -25.17 -14.89
CA VAL B 508 53.89 -24.08 -15.80
C VAL B 508 52.57 -23.41 -15.39
N ILE B 509 51.58 -24.20 -14.93
CA ILE B 509 50.29 -23.64 -14.54
C ILE B 509 50.43 -22.80 -13.28
N THR B 510 51.29 -23.24 -12.35
CA THR B 510 51.63 -22.41 -11.21
C THR B 510 52.38 -21.14 -11.63
N GLU B 511 53.12 -21.21 -12.74
CA GLU B 511 53.69 -20.00 -13.31
C GLU B 511 52.65 -19.13 -13.98
N LEU B 512 51.50 -19.70 -14.36
CA LEU B 512 50.43 -18.91 -14.96
C LEU B 512 49.66 -18.14 -13.90
N VAL B 513 49.28 -18.83 -12.82
CA VAL B 513 48.44 -18.25 -11.77
C VAL B 513 49.16 -17.09 -11.09
N ILE B 514 50.48 -17.24 -10.87
CA ILE B 514 51.30 -16.15 -10.35
C ILE B 514 51.28 -14.97 -11.31
N HIS B 515 51.35 -15.25 -12.62
CA HIS B 515 51.15 -14.20 -13.62
C HIS B 515 49.74 -13.64 -13.54
N LEU B 516 48.75 -14.51 -13.30
CA LEU B 516 47.39 -14.06 -13.02
C LEU B 516 47.30 -13.31 -11.71
N GLY B 517 48.23 -13.55 -10.78
CA GLY B 517 48.34 -12.67 -9.62
C GLY B 517 48.97 -11.35 -9.98
N LYS B 518 49.92 -11.35 -10.92
CA LYS B 518 50.66 -10.13 -11.24
C LYS B 518 49.86 -9.15 -12.07
N LEU B 519 48.83 -9.62 -12.78
CA LEU B 519 47.96 -8.73 -13.54
C LEU B 519 46.82 -8.17 -12.70
N ASN B 520 46.46 -8.84 -11.60
CA ASN B 520 45.33 -8.44 -10.78
C ASN B 520 45.76 -7.73 -9.50
N GLN B 521 46.71 -8.28 -8.77
CA GLN B 521 47.17 -7.65 -7.53
C GLN B 521 48.14 -6.50 -7.82
N SER C 2 -29.73 33.55 20.23
CA SER C 2 -28.52 33.12 19.52
C SER C 2 -27.38 32.84 20.48
N GLN C 3 -26.97 33.88 21.21
CA GLN C 3 -25.88 33.85 22.20
C GLN C 3 -24.57 33.37 21.57
N LEU C 4 -24.07 34.17 20.62
CA LEU C 4 -22.87 33.82 19.89
C LEU C 4 -21.61 33.92 20.74
N GLY C 5 -21.62 34.73 21.79
CA GLY C 5 -20.45 34.91 22.63
C GLY C 5 -20.24 33.80 23.64
N ARG C 6 -21.30 33.41 24.34
CA ARG C 6 -21.17 32.46 25.43
C ARG C 6 -21.03 31.03 24.91
N ARG C 7 -20.23 30.25 25.63
CA ARG C 7 -20.02 28.84 25.31
C ARG C 7 -19.62 28.10 26.58
N GLU C 8 -20.07 26.85 26.70
CA GLU C 8 -19.69 26.00 27.83
C GLU C 8 -19.21 24.64 27.30
N ILE C 9 -17.92 24.58 26.98
CA ILE C 9 -17.20 23.35 26.66
C ILE C 9 -15.84 23.45 27.34
N ASP C 10 -15.56 22.51 28.23
CA ASP C 10 -14.28 22.47 28.91
C ASP C 10 -13.27 21.67 28.08
N LEU C 11 -12.00 21.77 28.48
CA LEU C 11 -10.96 20.94 27.87
C LEU C 11 -11.05 19.49 28.33
N THR C 12 -11.76 19.24 29.44
CA THR C 12 -11.93 17.87 29.93
C THR C 12 -12.84 17.04 29.05
N LEU C 13 -13.73 17.66 28.29
CA LEU C 13 -14.63 16.93 27.42
C LEU C 13 -14.04 16.61 26.06
N LEU C 14 -13.05 17.39 25.61
CA LEU C 14 -12.38 17.16 24.34
C LEU C 14 -11.09 16.39 24.59
N GLY C 15 -10.99 15.18 24.03
CA GLY C 15 -9.82 14.36 24.21
C GLY C 15 -8.61 14.88 23.46
N HIS C 16 -8.67 14.83 22.13
CA HIS C 16 -7.60 15.36 21.28
C HIS C 16 -8.06 16.53 20.44
N THR C 17 -9.33 16.89 20.47
CA THR C 17 -9.87 18.00 19.69
C THR C 17 -9.43 19.35 20.23
N GLY C 18 -9.12 19.43 21.53
CA GLY C 18 -8.70 20.66 22.17
C GLY C 18 -7.31 21.14 21.88
N LEU C 19 -6.57 20.46 21.00
CA LEU C 19 -5.22 20.89 20.65
C LEU C 19 -5.19 22.11 19.73
N ASP C 20 -6.31 22.45 19.10
CA ASP C 20 -6.40 23.65 18.29
C ASP C 20 -7.65 24.45 18.64
N PRO C 21 -7.59 25.77 18.50
CA PRO C 21 -8.80 26.58 18.65
C PRO C 21 -9.65 26.51 17.38
N TRP C 22 -10.83 27.14 17.46
CA TRP C 22 -11.83 27.20 16.40
C TRP C 22 -12.25 25.80 15.95
N TYR C 23 -12.50 24.93 16.93
CA TYR C 23 -12.91 23.56 16.63
C TYR C 23 -14.34 23.50 16.14
N GLY C 24 -15.20 24.44 16.56
CA GLY C 24 -16.58 24.44 16.12
C GLY C 24 -16.80 24.98 14.73
N THR C 25 -15.79 25.66 14.17
CA THR C 25 -15.94 26.21 12.82
C THR C 25 -15.74 25.16 11.74
N THR C 26 -14.85 24.20 11.97
CA THR C 26 -14.61 23.16 10.98
C THR C 26 -15.69 22.08 11.07
N SER C 27 -15.69 21.19 10.08
CA SER C 27 -16.69 20.13 10.01
C SER C 27 -16.32 18.98 10.95
N SER C 28 -17.23 18.02 11.05
CA SER C 28 -17.01 16.87 11.93
C SER C 28 -16.08 15.85 11.30
N ALA C 29 -16.26 15.58 10.01
CA ALA C 29 -15.39 14.62 9.32
C ALA C 29 -13.98 15.17 9.17
N ARG C 30 -13.85 16.46 8.88
CA ARG C 30 -12.53 17.08 8.79
C ARG C 30 -11.90 17.22 10.17
N GLY C 31 -12.70 17.45 11.20
CA GLY C 31 -12.19 17.48 12.55
C GLY C 31 -11.74 16.12 13.04
N ALA C 32 -12.37 15.05 12.56
CA ALA C 32 -11.90 13.71 12.87
C ALA C 32 -10.67 13.34 12.06
N MET C 33 -10.57 13.83 10.82
CA MET C 33 -9.37 13.61 10.01
C MET C 33 -8.18 14.38 10.56
N PHE C 34 -8.42 15.49 11.26
CA PHE C 34 -7.35 16.19 11.95
C PHE C 34 -6.74 15.34 13.07
N VAL C 35 -7.58 14.64 13.82
CA VAL C 35 -7.08 13.75 14.86
C VAL C 35 -6.46 12.50 14.25
N THR C 36 -6.99 12.04 13.12
CA THR C 36 -6.43 10.88 12.43
C THR C 36 -5.03 11.20 11.87
N HIS C 37 -4.83 12.43 11.42
CA HIS C 37 -3.53 12.83 10.89
C HIS C 37 -2.46 12.92 11.98
N ILE C 38 -2.85 13.27 13.21
CA ILE C 38 -1.92 13.20 14.33
C ILE C 38 -1.72 11.73 14.71
N GLY C 39 -0.46 11.34 14.89
CA GLY C 39 -0.11 9.95 15.03
C GLY C 39 0.50 9.34 13.79
N GLN C 40 0.48 10.08 12.68
CA GLN C 40 1.16 9.69 11.44
C GLN C 40 2.22 10.70 11.05
N ALA C 41 2.64 11.54 12.00
CA ALA C 41 3.54 12.65 11.71
C ALA C 41 4.93 12.35 12.23
N PRO C 42 5.96 12.36 11.39
CA PRO C 42 7.33 12.22 11.89
C PRO C 42 7.83 13.54 12.49
N GLU C 43 9.02 13.47 13.06
CA GLU C 43 9.65 14.62 13.70
C GLU C 43 10.66 15.24 12.74
N VAL C 44 10.40 16.47 12.32
CA VAL C 44 11.32 17.20 11.44
C VAL C 44 12.43 17.82 12.29
N ASN C 45 13.48 18.31 11.62
CA ASN C 45 14.60 18.88 12.36
C ASN C 45 14.25 20.24 12.94
N GLY C 46 13.55 21.08 12.17
CA GLY C 46 13.18 22.39 12.66
C GLY C 46 11.80 22.42 13.30
N ASN C 47 11.76 22.36 14.63
CA ASN C 47 10.51 22.40 15.37
C ASN C 47 10.39 23.74 16.11
N GLU C 48 9.15 24.20 16.25
CA GLU C 48 8.87 25.44 16.94
C GLU C 48 7.47 25.40 17.51
N SER C 49 7.20 26.32 18.43
CA SER C 49 5.88 26.40 19.05
C SER C 49 4.87 27.01 18.09
N ARG C 50 3.60 26.68 18.31
CA ARG C 50 2.53 27.27 17.53
C ARG C 50 2.28 28.71 17.96
N TYR C 51 1.80 29.51 17.03
CA TYR C 51 1.57 30.93 17.31
C TYR C 51 0.33 31.12 18.18
N PHE C 52 -0.71 30.34 17.96
CA PHE C 52 -1.93 30.39 18.76
C PHE C 52 -1.91 29.19 19.70
N LEU C 53 -1.25 29.36 20.84
CA LEU C 53 -1.10 28.29 21.82
C LEU C 53 -2.36 28.15 22.66
N THR C 54 -2.91 26.95 22.71
CA THR C 54 -4.03 26.65 23.59
C THR C 54 -3.49 26.08 24.90
N GLY C 55 -4.39 25.63 25.77
CA GLY C 55 -4.00 25.05 27.03
C GLY C 55 -3.75 23.56 26.99
N ALA C 56 -3.76 22.94 25.81
CA ALA C 56 -3.60 21.50 25.69
C ALA C 56 -2.16 21.07 25.49
N GLU C 57 -1.33 21.89 24.83
CA GLU C 57 0.03 21.49 24.49
C GLU C 57 0.95 21.43 25.70
N LEU C 58 0.57 22.07 26.81
CA LEU C 58 1.36 21.95 28.04
C LEU C 58 1.16 20.60 28.72
N GLU C 59 0.06 19.91 28.45
CA GLU C 59 -0.19 18.61 29.06
C GLU C 59 0.35 17.45 28.25
N TYR C 60 0.44 17.60 26.92
CA TYR C 60 0.97 16.55 26.07
C TYR C 60 2.49 16.49 26.09
N ALA C 61 3.16 17.49 26.64
CA ALA C 61 4.61 17.51 26.71
C ALA C 61 5.16 16.86 27.97
N LYS C 62 4.31 16.47 28.90
CA LYS C 62 4.75 15.83 30.13
C LYS C 62 4.72 14.30 30.06
N TYR C 63 4.14 13.73 29.00
CA TYR C 63 4.02 12.28 28.85
C TYR C 63 4.53 11.92 27.45
N THR C 64 5.84 11.68 27.36
CA THR C 64 6.48 11.26 26.12
C THR C 64 7.34 10.03 26.39
N HIS C 65 8.05 9.59 25.37
CA HIS C 65 8.97 8.45 25.48
C HIS C 65 10.37 8.98 25.75
N ASP C 66 10.90 8.68 26.93
CA ASP C 66 12.18 9.23 27.36
C ASP C 66 12.83 8.26 28.34
N VAL C 67 14.01 8.65 28.84
CA VAL C 67 14.76 7.83 29.77
C VAL C 67 14.75 8.48 31.15
N ARG C 68 13.80 8.06 31.99
CA ARG C 68 13.63 8.63 33.32
C ARG C 68 13.95 7.58 34.39
N PHE C 69 14.23 8.09 35.59
CA PHE C 69 14.41 7.19 36.73
C PHE C 69 13.06 6.87 37.34
N PRO C 70 12.71 5.59 37.51
CA PRO C 70 11.38 5.25 38.02
C PRO C 70 11.21 5.46 39.52
N GLU C 71 12.29 5.51 40.29
CA GLU C 71 12.20 5.61 41.73
C GLU C 71 13.46 6.29 42.26
N ASP C 72 13.39 6.74 43.51
CA ASP C 72 14.56 7.27 44.20
C ASP C 72 15.59 6.17 44.37
N CYS C 73 16.80 6.41 43.89
CA CYS C 73 17.80 5.34 43.83
C CYS C 73 19.20 5.96 43.92
N ARG C 74 20.19 5.08 43.99
CA ARG C 74 21.60 5.48 43.95
C ARG C 74 22.33 4.64 42.90
N VAL C 75 23.15 5.31 42.10
CA VAL C 75 23.84 4.64 41.00
C VAL C 75 25.01 3.85 41.54
N LEU C 76 25.10 2.57 41.16
CA LEU C 76 26.18 1.70 41.59
C LEU C 76 27.30 1.63 40.55
N HIS C 77 26.96 1.29 39.31
CA HIS C 77 27.95 1.10 38.25
C HIS C 77 27.47 1.77 36.98
N VAL C 78 28.43 2.31 36.21
CA VAL C 78 28.16 2.98 34.95
C VAL C 78 29.03 2.30 33.89
N LEU C 79 28.40 1.51 33.02
CA LEU C 79 29.09 0.82 31.95
C LEU C 79 28.76 1.43 30.60
N ARG C 80 29.60 1.14 29.62
CA ARG C 80 29.41 1.66 28.27
C ARG C 80 30.04 0.70 27.26
N LYS C 81 29.32 0.44 26.17
CA LYS C 81 29.88 -0.32 25.07
C LYS C 81 30.88 0.54 24.29
N TYR C 82 31.86 -0.14 23.67
CA TYR C 82 32.82 0.43 22.72
C TYR C 82 33.63 1.58 23.31
N PRO C 83 34.61 1.31 24.17
CA PRO C 83 35.31 2.40 24.86
C PRO C 83 36.17 3.22 23.92
N THR C 84 36.08 4.55 24.05
CA THR C 84 36.78 5.48 23.18
C THR C 84 38.04 5.97 23.90
N GLY C 85 39.20 5.77 23.27
CA GLY C 85 40.46 6.22 23.82
C GLY C 85 41.40 6.73 22.76
N ILE C 86 42.65 6.25 22.77
CA ILE C 86 43.65 6.60 21.78
C ILE C 86 44.34 5.32 21.32
N GLY C 87 44.58 5.22 20.01
CA GLY C 87 45.21 4.05 19.45
C GLY C 87 44.54 3.58 18.17
N LYS C 88 44.58 2.27 17.91
CA LYS C 88 43.89 1.70 16.76
C LYS C 88 42.44 1.39 17.06
N ASP C 89 42.12 0.98 18.30
CA ASP C 89 40.76 0.76 18.73
C ASP C 89 40.24 2.01 19.44
N SER C 90 40.01 3.04 18.64
CA SER C 90 39.59 4.36 19.11
C SER C 90 38.34 4.81 18.37
N ILE C 91 37.35 3.93 18.28
CA ILE C 91 36.10 4.24 17.59
C ILE C 91 35.30 5.24 18.41
N ARG C 92 34.75 6.24 17.73
CA ARG C 92 34.06 7.35 18.38
C ARG C 92 32.55 7.12 18.38
N SER C 93 31.82 8.10 18.94
CA SER C 93 30.36 8.21 18.95
C SER C 93 29.72 6.98 19.60
N ASN C 94 29.96 6.88 20.92
CA ASN C 94 29.39 5.88 21.81
C ASN C 94 27.85 5.88 21.74
N PRO C 95 27.23 4.82 21.20
CA PRO C 95 25.77 4.80 21.03
C PRO C 95 24.99 4.74 22.33
N VAL C 96 25.27 3.74 23.16
CA VAL C 96 24.49 3.47 24.36
C VAL C 96 25.38 3.52 25.58
N THR C 97 24.76 3.80 26.73
CA THR C 97 25.39 3.67 28.04
C THR C 97 24.44 2.92 28.97
N THR C 98 24.96 1.90 29.64
CA THR C 98 24.15 1.06 30.53
C THR C 98 24.54 1.37 31.97
N ILE C 99 23.57 1.87 32.75
CA ILE C 99 23.80 2.18 34.15
C ILE C 99 22.98 1.23 35.01
N ILE C 100 23.49 0.96 36.21
CA ILE C 100 22.89 0.04 37.17
C ILE C 100 22.69 0.80 38.47
N TYR C 101 21.48 0.77 39.01
CA TYR C 101 21.17 1.48 40.23
C TYR C 101 20.60 0.54 41.29
N GLU C 102 20.64 1.00 42.53
CA GLU C 102 20.04 0.33 43.67
C GLU C 102 18.93 1.23 44.22
N ASN C 103 17.72 0.67 44.33
CA ASN C 103 16.55 1.46 44.67
C ASN C 103 16.58 1.87 46.13
N TYR C 104 16.82 3.16 46.37
CA TYR C 104 16.79 3.70 47.72
C TYR C 104 15.35 3.83 48.22
N PHE C 105 15.22 3.99 49.54
CA PHE C 105 13.94 4.14 50.26
C PHE C 105 13.01 2.95 50.01
N ASP C 106 13.48 1.78 50.41
CA ASP C 106 12.72 0.55 50.23
C ASP C 106 13.18 -0.46 51.27
N LYS C 107 12.26 -1.35 51.65
CA LYS C 107 12.60 -2.41 52.59
C LYS C 107 13.50 -3.45 51.93
N TYR C 108 13.18 -3.84 50.70
CA TYR C 108 14.03 -4.71 49.89
C TYR C 108 14.75 -3.85 48.86
N LYS C 109 16.08 -3.84 48.93
CA LYS C 109 16.89 -3.03 48.03
C LYS C 109 16.97 -3.72 46.68
N THR C 110 15.98 -3.46 45.84
CA THR C 110 15.94 -4.04 44.50
C THR C 110 16.94 -3.32 43.59
N ILE C 111 17.60 -4.09 42.74
CA ILE C 111 18.58 -3.58 41.78
C ILE C 111 17.91 -3.44 40.43
N GLY C 112 18.18 -2.32 39.74
CA GLY C 112 17.62 -2.06 38.44
C GLY C 112 18.68 -1.60 37.45
N VAL C 113 18.26 -1.52 36.19
CA VAL C 113 19.15 -1.19 35.09
C VAL C 113 18.46 -0.17 34.20
N LEU C 114 19.26 0.61 33.47
CA LEU C 114 18.73 1.66 32.62
C LEU C 114 19.67 1.88 31.45
N HIS C 115 19.13 1.82 30.24
CA HIS C 115 19.89 2.06 29.02
C HIS C 115 19.62 3.46 28.50
N VAL C 116 20.68 4.15 28.11
CA VAL C 116 20.59 5.45 27.46
C VAL C 116 21.17 5.32 26.05
N PRO C 117 20.33 5.21 25.04
CA PRO C 117 20.81 5.09 23.66
C PRO C 117 20.94 6.45 22.99
N GLU C 118 21.50 6.43 21.78
CA GLU C 118 21.66 7.65 21.00
C GLU C 118 20.38 8.06 20.30
N TYR C 119 19.45 7.13 20.10
CA TYR C 119 18.21 7.44 19.39
C TYR C 119 17.09 6.57 19.95
N MET C 120 15.88 6.83 19.47
CA MET C 120 14.71 6.04 19.85
C MET C 120 13.74 6.06 18.68
N SER C 121 13.37 4.87 18.20
CA SER C 121 12.51 4.76 17.03
C SER C 121 11.53 3.62 17.22
N HIS C 122 10.25 3.90 17.00
CA HIS C 122 9.20 2.89 17.04
C HIS C 122 8.72 2.49 15.65
N HIS C 123 8.70 3.45 14.72
CA HIS C 123 8.32 3.15 13.34
C HIS C 123 9.49 2.44 12.64
N GLN C 124 9.18 1.82 11.50
CA GLN C 124 10.18 1.01 10.80
C GLN C 124 11.25 1.88 10.15
N ASP C 125 10.88 3.06 9.66
CA ASP C 125 11.83 3.93 8.96
C ASP C 125 11.63 5.39 9.37
N PHE C 126 11.25 5.61 10.63
CA PHE C 126 11.02 6.96 11.14
C PHE C 126 11.34 6.99 12.62
N GLY C 127 12.23 7.90 13.03
CA GLY C 127 12.62 8.01 14.42
C GLY C 127 13.19 9.38 14.71
N TYR C 128 13.45 9.61 15.99
CA TYR C 128 13.98 10.88 16.47
C TYR C 128 15.19 10.64 17.35
N GLU C 129 16.10 11.61 17.36
CA GLU C 129 17.28 11.52 18.21
C GLU C 129 16.96 11.96 19.63
N LEU C 130 17.80 11.54 20.56
CA LEU C 130 17.63 11.85 21.98
C LEU C 130 18.76 12.78 22.40
N VAL C 131 18.47 14.06 22.52
CA VAL C 131 19.45 15.03 23.02
C VAL C 131 19.49 14.96 24.54
N LYS C 132 20.70 14.91 25.09
CA LYS C 132 20.88 14.64 26.51
C LYS C 132 20.84 15.92 27.32
N ASN C 133 20.33 15.81 28.55
CA ASN C 133 20.37 16.91 29.49
C ASN C 133 21.80 17.10 29.98
N ARG C 134 22.33 18.31 29.78
CA ARG C 134 23.74 18.57 30.09
C ARG C 134 24.00 18.66 31.59
N GLU C 135 22.97 18.93 32.40
CA GLU C 135 23.16 19.01 33.84
C GLU C 135 23.21 17.62 34.47
N VAL C 136 22.33 16.72 34.03
CA VAL C 136 22.26 15.39 34.62
C VAL C 136 23.42 14.52 34.14
N TRP C 137 23.84 14.69 32.88
CA TRP C 137 24.88 13.85 32.31
C TRP C 137 26.26 14.08 32.92
N GLU C 138 26.52 15.27 33.46
CA GLU C 138 27.78 15.52 34.13
C GLU C 138 27.82 14.94 35.53
N THR C 139 26.66 14.69 36.14
CA THR C 139 26.59 14.17 37.51
C THR C 139 26.44 12.64 37.53
N ILE C 140 26.72 11.97 36.41
CA ILE C 140 26.64 10.51 36.35
C ILE C 140 27.90 9.95 37.01
N ALA C 141 27.73 9.43 38.22
CA ALA C 141 28.84 8.97 39.05
C ALA C 141 28.54 7.60 39.61
N PRO C 142 29.57 6.82 39.95
CA PRO C 142 29.33 5.54 40.64
C PRO C 142 28.91 5.68 42.10
N ASN C 143 28.82 6.89 42.65
CA ASN C 143 28.25 7.13 43.98
C ASN C 143 27.46 8.43 43.88
N GLU C 144 26.17 8.32 43.58
CA GLU C 144 25.31 9.47 43.40
C GLU C 144 23.87 9.06 43.56
N MET C 145 23.12 9.84 44.34
CA MET C 145 21.72 9.57 44.61
C MET C 145 20.84 10.46 43.74
N PHE C 146 19.94 9.83 42.98
CA PHE C 146 19.00 10.54 42.13
C PHE C 146 17.58 10.28 42.61
N SER C 147 16.74 11.31 42.47
CA SER C 147 15.36 11.24 42.91
C SER C 147 14.47 10.71 41.78
N LYS C 148 13.17 10.72 42.01
CA LYS C 148 12.22 10.15 41.07
C LYS C 148 11.95 11.11 39.93
N ASP C 149 11.87 10.56 38.70
CA ASP C 149 11.46 11.26 37.48
C ASP C 149 12.40 12.42 37.14
N THR C 150 13.70 12.17 37.23
CA THR C 150 14.71 13.09 36.72
C THR C 150 15.07 12.64 35.32
N VAL C 151 14.70 13.45 34.32
CA VAL C 151 14.73 13.00 32.94
C VAL C 151 16.16 13.06 32.40
N ILE C 152 16.53 12.04 31.63
CA ILE C 152 17.75 11.99 30.85
C ILE C 152 17.36 11.72 29.41
N ALA C 153 18.07 12.37 28.47
CA ALA C 153 17.94 12.17 27.02
C ALA C 153 16.52 12.50 26.54
N GLN C 154 16.17 13.77 26.67
CA GLN C 154 14.89 14.27 26.19
C GLN C 154 14.82 14.21 24.66
N SER C 155 13.59 14.32 24.15
CA SER C 155 13.37 14.36 22.71
C SER C 155 13.62 15.77 22.17
N GLY C 156 13.54 15.90 20.85
CA GLY C 156 13.76 17.20 20.22
C GLY C 156 12.55 18.10 20.21
N ALA C 157 11.36 17.56 20.44
CA ALA C 157 10.15 18.38 20.42
C ALA C 157 9.95 19.14 21.73
N VAL C 158 10.44 18.60 22.84
CA VAL C 158 10.31 19.26 24.14
C VAL C 158 11.34 20.38 24.21
N LYS C 159 10.86 21.60 24.41
CA LYS C 159 11.73 22.77 24.49
C LYS C 159 12.18 22.98 25.93
N LYS C 160 12.76 24.15 26.22
CA LYS C 160 13.19 24.46 27.57
C LYS C 160 12.00 24.68 28.50
N ASP C 161 11.07 25.53 28.09
CA ASP C 161 9.81 25.67 28.79
C ASP C 161 8.86 24.54 28.40
N GLY C 162 7.67 24.54 28.97
CA GLY C 162 6.75 23.47 28.65
C GLY C 162 5.90 23.77 27.44
N THR C 163 6.36 23.30 26.27
CA THR C 163 5.67 23.42 25.00
C THR C 163 5.88 22.13 24.21
N LEU C 164 5.30 22.07 23.01
CA LEU C 164 5.46 20.90 22.16
C LEU C 164 5.46 21.36 20.71
N GLY C 165 6.54 21.05 20.00
CA GLY C 165 6.67 21.42 18.61
C GLY C 165 6.25 20.32 17.66
N MET C 166 5.06 20.44 17.09
CA MET C 166 4.52 19.42 16.19
C MET C 166 4.50 19.87 14.74
N GLY C 167 5.06 21.03 14.42
CA GLY C 167 5.05 21.49 13.04
C GLY C 167 5.86 22.76 12.89
N VAL C 168 5.83 23.30 11.68
CA VAL C 168 6.57 24.51 11.32
C VAL C 168 5.57 25.59 10.91
N ASN C 169 5.83 26.82 11.32
CA ASN C 169 5.02 27.96 10.89
C ASN C 169 5.48 28.41 9.51
N ALA C 170 4.53 28.55 8.58
CA ALA C 170 4.83 28.89 7.20
C ALA C 170 3.89 30.00 6.73
N ASN C 171 4.42 30.90 5.91
CA ASN C 171 3.63 31.96 5.30
C ASN C 171 2.86 31.38 4.12
N VAL C 172 1.57 31.12 4.33
CA VAL C 172 0.70 30.53 3.34
C VAL C 172 -0.04 31.65 2.62
N VAL C 173 0.01 31.63 1.30
CA VAL C 173 -0.75 32.53 0.43
C VAL C 173 -1.86 31.71 -0.23
N PHE C 174 -3.05 32.30 -0.31
CA PHE C 174 -4.21 31.62 -0.89
C PHE C 174 -4.40 32.15 -2.32
N LEU C 175 -3.93 31.37 -3.30
CA LEU C 175 -4.03 31.74 -4.70
C LEU C 175 -4.57 30.57 -5.51
N SER C 176 -5.19 30.89 -6.64
CA SER C 176 -5.73 29.89 -7.55
C SER C 176 -4.73 29.56 -8.66
N ALA C 177 -3.55 29.10 -8.23
CA ALA C 177 -2.49 28.77 -9.16
C ALA C 177 -2.79 27.46 -9.87
N ALA C 178 -2.02 27.21 -10.94
CA ALA C 178 -2.21 25.99 -11.72
C ALA C 178 -1.65 24.76 -11.03
N GLY C 179 -0.69 24.93 -10.13
CA GLY C 179 -0.11 23.80 -9.42
C GLY C 179 -0.97 23.22 -8.33
N THR C 180 -2.02 23.91 -7.91
CA THR C 180 -2.90 23.47 -6.84
C THR C 180 -4.10 22.68 -7.37
N ILE C 181 -3.82 21.65 -8.18
CA ILE C 181 -4.86 20.82 -8.79
C ILE C 181 -4.94 19.53 -8.00
N GLU C 182 -6.16 19.19 -7.54
CA GLU C 182 -6.47 17.99 -6.75
C GLU C 182 -5.66 17.96 -5.45
N ASP C 183 -5.81 19.03 -4.67
CA ASP C 183 -5.11 19.28 -3.41
C ASP C 183 -3.59 19.24 -3.60
N GLY C 184 -3.11 20.16 -4.44
CA GLY C 184 -1.69 20.28 -4.72
C GLY C 184 -1.06 21.44 -3.97
N PHE C 185 0.20 21.27 -3.63
CA PHE C 185 0.96 22.26 -2.88
C PHE C 185 2.14 22.74 -3.69
N VAL C 186 2.36 24.06 -3.69
CA VAL C 186 3.54 24.66 -4.30
C VAL C 186 4.43 25.20 -3.19
N ALA C 187 5.40 24.39 -2.76
CA ALA C 187 6.20 24.71 -1.59
C ALA C 187 7.49 25.41 -1.96
N ASN C 188 7.98 26.23 -1.04
CA ASN C 188 9.27 26.90 -1.22
C ASN C 188 10.41 25.91 -1.01
N LYS C 189 11.54 26.17 -1.67
CA LYS C 189 12.71 25.34 -1.49
C LYS C 189 13.38 25.61 -0.16
N ASN C 190 13.32 26.85 0.34
CA ASN C 190 13.87 27.18 1.64
C ASN C 190 12.99 26.71 2.78
N PHE C 191 11.71 26.46 2.53
CA PHE C 191 10.82 25.95 3.57
C PHE C 191 10.96 24.43 3.74
N LEU C 192 11.23 23.71 2.65
CA LEU C 192 11.37 22.26 2.73
C LEU C 192 12.68 21.84 3.38
N LYS C 193 13.66 22.75 3.48
CA LYS C 193 14.88 22.45 4.22
C LYS C 193 14.65 22.42 5.72
N ARG C 194 13.63 23.14 6.20
CA ARG C 194 13.28 23.13 7.62
C ARG C 194 12.31 22.01 7.98
N MET C 195 11.72 21.36 6.99
CA MET C 195 10.88 20.18 7.18
C MET C 195 11.68 18.98 6.65
N MET C 196 12.53 18.42 7.48
CA MET C 196 13.44 17.35 7.07
C MET C 196 13.38 16.22 8.10
N PRO C 197 12.63 15.16 7.82
CA PRO C 197 12.54 14.04 8.77
C PRO C 197 13.80 13.19 8.77
N THR C 198 13.89 12.35 9.79
CA THR C 198 15.04 11.49 10.03
C THR C 198 14.60 10.03 9.98
N SER C 199 15.36 9.21 9.27
CA SER C 199 15.06 7.79 9.11
C SER C 199 16.20 6.97 9.69
N TYR C 200 15.87 6.09 10.63
CA TYR C 200 16.83 5.18 11.23
C TYR C 200 16.54 3.77 10.70
N SER C 201 17.55 3.17 10.08
CA SER C 201 17.38 1.87 9.45
C SER C 201 18.43 0.90 9.98
N THR C 202 18.15 -0.40 9.81
CA THR C 202 19.00 -1.46 10.33
C THR C 202 19.11 -2.55 9.29
N ALA C 203 20.34 -2.88 8.90
CA ALA C 203 20.63 -3.92 7.91
C ALA C 203 21.45 -5.02 8.55
N VAL C 204 21.04 -6.27 8.34
CA VAL C 204 21.63 -7.43 9.01
C VAL C 204 22.04 -8.45 7.96
N ALA C 205 23.20 -9.08 8.16
CA ALA C 205 23.68 -10.11 7.26
C ALA C 205 24.46 -11.17 8.02
N ASN C 206 24.71 -12.28 7.34
CA ASN C 206 25.41 -13.44 7.90
C ASN C 206 26.45 -13.92 6.89
N ALA C 207 27.57 -14.43 7.40
CA ALA C 207 28.63 -14.94 6.53
C ALA C 207 29.36 -16.07 7.26
N GLY C 208 29.22 -17.29 6.78
CA GLY C 208 29.86 -18.43 7.41
C GLY C 208 30.39 -19.48 6.44
N ARG C 209 29.98 -20.74 6.64
CA ARG C 209 30.40 -21.81 5.76
C ARG C 209 29.75 -21.71 4.38
N LYS C 210 28.59 -21.05 4.28
CA LYS C 210 27.91 -20.96 3.00
C LYS C 210 28.53 -19.89 2.09
N ALA C 211 28.90 -18.74 2.67
CA ALA C 211 29.42 -17.63 1.90
C ALA C 211 30.25 -16.74 2.81
N PHE C 212 31.01 -15.83 2.21
CA PHE C 212 31.93 -14.97 2.93
C PHE C 212 31.80 -13.53 2.42
N PHE C 213 32.57 -12.63 3.04
CA PHE C 213 32.38 -11.19 2.85
C PHE C 213 33.11 -10.71 1.60
N LEU C 214 33.10 -9.39 1.41
CA LEU C 214 33.82 -8.73 0.33
C LEU C 214 34.56 -7.51 0.87
N ASN C 215 35.57 -7.07 0.11
CA ASN C 215 36.47 -6.01 0.55
C ASN C 215 36.09 -4.70 -0.14
N MET C 216 35.24 -3.92 0.51
CA MET C 216 34.94 -2.56 0.10
C MET C 216 35.54 -1.57 1.09
N TYR C 217 35.30 -0.29 0.84
CA TYR C 217 35.59 0.82 1.77
C TYR C 217 37.07 0.94 2.12
N GLY C 218 37.96 0.48 1.24
CA GLY C 218 39.37 0.49 1.55
C GLY C 218 40.21 0.12 0.34
N ASP C 219 41.50 0.40 0.46
CA ASP C 219 42.47 0.10 -0.60
C ASP C 219 42.95 -1.35 -0.48
N ASP C 220 44.01 -1.69 -1.21
CA ASP C 220 44.51 -3.05 -1.26
C ASP C 220 45.40 -3.41 -0.07
N LYS C 221 45.55 -2.53 0.92
CA LYS C 221 46.36 -2.81 2.10
C LYS C 221 45.52 -2.93 3.37
N ILE C 222 44.20 -2.96 3.25
CA ILE C 222 43.31 -3.04 4.40
C ILE C 222 42.06 -3.82 3.99
N TYR C 223 41.37 -4.38 4.98
CA TYR C 223 40.14 -5.12 4.77
C TYR C 223 39.06 -4.56 5.69
N LYS C 224 37.93 -4.16 5.10
CA LYS C 224 36.83 -3.56 5.86
C LYS C 224 35.51 -3.97 5.21
N PRO C 225 34.85 -5.00 5.74
CA PRO C 225 33.57 -5.43 5.14
C PRO C 225 32.42 -4.46 5.38
N PHE C 226 32.53 -3.57 6.37
CA PHE C 226 31.48 -2.61 6.68
C PHE C 226 32.12 -1.33 7.17
N PRO C 227 31.46 -0.19 7.03
CA PRO C 227 32.00 1.05 7.60
C PRO C 227 32.00 1.02 9.12
N ASP C 228 32.90 1.82 9.69
CA ASP C 228 33.02 1.91 11.14
C ASP C 228 31.90 2.74 11.72
N ILE C 229 31.85 2.81 13.05
CA ILE C 229 30.85 3.61 13.75
C ILE C 229 31.20 5.08 13.61
N GLY C 230 30.33 5.84 12.97
CA GLY C 230 30.61 7.24 12.69
C GLY C 230 31.22 7.49 11.32
N ASP C 231 30.99 6.59 10.37
CA ASP C 231 31.51 6.71 9.01
C ASP C 231 30.38 7.03 8.04
N VAL C 232 30.76 7.30 6.80
CA VAL C 232 29.82 7.66 5.74
C VAL C 232 29.72 6.50 4.76
N ILE C 233 28.49 6.21 4.32
CA ILE C 233 28.26 5.17 3.33
C ILE C 233 28.66 5.69 1.94
N ARG C 234 29.06 4.76 1.05
CA ARG C 234 29.46 5.06 -0.31
C ARG C 234 28.33 5.73 -1.11
N PRO C 235 28.67 6.40 -2.23
CA PRO C 235 27.63 6.93 -3.12
C PRO C 235 26.68 5.88 -3.68
N ASP C 236 27.14 4.65 -3.88
CA ASP C 236 26.22 3.54 -4.07
C ASP C 236 25.90 2.93 -2.70
N GLY C 237 24.70 2.36 -2.61
CA GLY C 237 24.18 1.92 -1.33
C GLY C 237 24.62 0.54 -0.88
N VAL C 238 25.59 -0.07 -1.55
CA VAL C 238 25.99 -1.43 -1.21
C VAL C 238 26.81 -1.43 0.09
N ILE C 239 26.31 -2.16 1.08
CA ILE C 239 26.97 -2.33 2.38
C ILE C 239 27.06 -3.83 2.64
N PHE C 240 28.25 -4.30 3.03
CA PHE C 240 28.65 -5.70 3.25
C PHE C 240 28.07 -6.67 2.21
N ALA C 241 28.52 -6.49 0.97
CA ALA C 241 28.17 -7.42 -0.10
C ALA C 241 28.79 -8.79 0.16
N ILE C 242 28.05 -9.84 -0.22
CA ILE C 242 28.39 -11.22 0.12
C ILE C 242 28.69 -11.97 -1.17
N ARG C 243 29.79 -12.71 -1.18
CA ARG C 243 30.16 -13.58 -2.29
C ARG C 243 30.15 -15.02 -1.81
N ASP C 244 29.71 -15.93 -2.69
CA ASP C 244 29.57 -17.35 -2.35
C ASP C 244 30.94 -18.00 -2.14
N HIS C 245 30.91 -19.18 -1.54
CA HIS C 245 32.12 -19.90 -1.14
C HIS C 245 32.43 -20.98 -2.18
N ASP C 246 33.59 -20.84 -2.83
CA ASP C 246 34.04 -21.81 -3.82
C ASP C 246 35.52 -22.08 -3.61
N ASP C 247 35.98 -23.20 -4.17
CA ASP C 247 37.36 -23.65 -4.02
C ASP C 247 38.16 -23.60 -5.31
N ASP C 248 37.56 -24.01 -6.44
CA ASP C 248 38.28 -24.07 -7.70
C ASP C 248 38.39 -22.72 -8.40
N LEU C 249 37.65 -21.70 -7.95
CA LEU C 249 37.70 -20.37 -8.53
C LEU C 249 38.57 -19.42 -7.70
N ALA C 250 39.62 -19.94 -7.07
CA ALA C 250 40.50 -19.15 -6.23
C ALA C 250 41.43 -18.19 -6.99
N PRO C 251 42.07 -18.53 -8.12
CA PRO C 251 42.83 -17.47 -8.84
C PRO C 251 41.95 -16.50 -9.59
N ALA C 252 40.66 -16.78 -9.75
CA ALA C 252 39.75 -15.89 -10.46
C ALA C 252 38.97 -14.97 -9.53
N GLU C 253 38.43 -15.51 -8.43
CA GLU C 253 37.60 -14.75 -7.51
C GLU C 253 38.29 -14.37 -6.21
N MET C 254 39.21 -15.19 -5.72
CA MET C 254 39.92 -14.90 -4.47
C MET C 254 41.25 -14.21 -4.75
N THR C 255 41.14 -13.07 -5.44
CA THR C 255 42.26 -12.19 -5.78
C THR C 255 41.92 -10.78 -5.34
N PRO C 256 42.93 -9.97 -4.96
CA PRO C 256 42.64 -8.60 -4.48
C PRO C 256 42.00 -7.67 -5.50
N ARG C 257 42.00 -8.02 -6.79
CA ARG C 257 41.26 -7.23 -7.76
C ARG C 257 39.76 -7.53 -7.69
N ALA C 258 39.40 -8.80 -7.58
CA ALA C 258 37.98 -9.17 -7.56
C ALA C 258 37.33 -8.95 -6.19
N LEU C 259 38.11 -8.90 -5.12
CA LEU C 259 37.55 -8.58 -3.81
C LEU C 259 37.15 -7.11 -3.70
N ARG C 260 37.71 -6.24 -4.53
CA ARG C 260 37.37 -4.82 -4.49
C ARG C 260 36.16 -4.49 -5.37
N THR C 261 36.08 -5.09 -6.55
CA THR C 261 34.95 -4.83 -7.43
C THR C 261 33.76 -5.69 -7.05
N LEU C 262 32.56 -5.18 -7.35
CA LEU C 262 31.31 -5.83 -6.99
C LEU C 262 30.58 -6.25 -8.25
N ASP C 263 30.26 -7.54 -8.35
CA ASP C 263 29.42 -8.05 -9.43
C ASP C 263 27.96 -7.94 -8.99
N ARG C 264 27.13 -7.35 -9.85
CA ARG C 264 25.72 -7.16 -9.51
C ARG C 264 24.95 -8.47 -9.59
N THR C 265 25.36 -9.37 -10.48
CA THR C 265 24.81 -10.71 -10.54
C THR C 265 25.79 -11.70 -9.91
N PHE C 266 25.29 -12.90 -9.61
CA PHE C 266 26.00 -13.97 -8.89
C PHE C 266 26.54 -13.49 -7.54
N ASP C 267 25.78 -12.63 -6.86
CA ASP C 267 26.19 -12.08 -5.57
C ASP C 267 24.94 -11.72 -4.78
N ARG C 268 25.14 -11.37 -3.52
CA ARG C 268 24.05 -10.95 -2.64
C ARG C 268 24.54 -9.75 -1.84
N ALA C 269 24.13 -8.55 -2.26
CA ALA C 269 24.50 -7.32 -1.59
C ALA C 269 23.34 -6.84 -0.71
N VAL C 270 23.58 -5.77 0.03
CA VAL C 270 22.56 -5.10 0.83
C VAL C 270 22.58 -3.63 0.48
N ILE C 271 21.48 -3.14 -0.09
CA ILE C 271 21.38 -1.75 -0.55
C ILE C 271 20.62 -0.95 0.49
N GLY C 272 21.18 0.20 0.87
CA GLY C 272 20.52 1.09 1.81
C GLY C 272 20.46 2.52 1.32
N THR C 273 20.88 3.47 2.16
CA THR C 273 20.90 4.88 1.84
C THR C 273 22.32 5.32 1.52
N PRO C 274 22.54 6.03 0.40
CA PRO C 274 23.90 6.52 0.08
C PRO C 274 24.46 7.51 1.08
N GLY C 275 23.72 8.60 1.33
CA GLY C 275 24.16 9.57 2.30
C GLY C 275 23.56 9.34 3.68
N ALA C 276 24.31 8.67 4.55
CA ALA C 276 23.84 8.35 5.89
C ALA C 276 25.03 8.04 6.78
N LYS C 277 24.91 8.39 8.05
CA LYS C 277 25.96 8.14 9.03
C LYS C 277 25.66 6.85 9.80
N VAL C 278 26.70 6.05 10.01
CA VAL C 278 26.56 4.79 10.73
C VAL C 278 26.52 5.08 12.23
N ILE C 279 25.49 4.59 12.90
CA ILE C 279 25.27 4.87 14.32
C ILE C 279 25.69 3.69 15.19
N ASP C 280 25.19 2.49 14.89
CA ASP C 280 25.41 1.35 15.77
C ASP C 280 25.83 0.13 14.97
N ILE C 281 26.62 -0.74 15.61
CA ILE C 281 27.10 -1.99 15.02
C ILE C 281 27.00 -3.07 16.08
N ASP C 282 26.31 -4.18 15.77
CA ASP C 282 26.20 -5.32 16.66
C ASP C 282 26.64 -6.58 15.93
N ILE C 283 27.58 -7.31 16.51
CA ILE C 283 28.18 -8.50 15.89
C ILE C 283 28.03 -9.67 16.85
N TRP C 284 27.37 -10.73 16.39
CA TRP C 284 27.30 -12.00 17.10
C TRP C 284 28.19 -13.01 16.40
N ARG C 285 28.73 -13.95 17.18
CA ARG C 285 29.70 -14.90 16.65
C ARG C 285 29.59 -16.24 17.36
N ASP C 286 29.54 -17.31 16.58
CA ASP C 286 29.69 -18.66 17.10
C ASP C 286 31.17 -18.99 17.02
N GLU C 287 31.79 -19.24 18.17
CA GLU C 287 33.23 -19.48 18.25
C GLU C 287 33.52 -20.83 18.88
N ARG C 288 32.71 -21.84 18.56
CA ARG C 288 32.91 -23.19 19.06
C ARG C 288 33.24 -24.19 17.95
N VAL C 289 33.20 -23.77 16.69
CA VAL C 289 33.49 -24.68 15.58
C VAL C 289 34.99 -24.85 15.43
N ASN C 290 35.44 -26.10 15.32
CA ASN C 290 36.85 -26.37 15.10
C ASN C 290 37.38 -26.07 13.68
N PRO C 291 36.57 -26.12 12.56
CA PRO C 291 37.11 -25.51 11.33
C PRO C 291 36.67 -24.06 11.14
N SER C 292 37.62 -23.17 10.89
CA SER C 292 37.28 -21.78 10.61
C SER C 292 36.87 -21.64 9.15
N PRO C 293 35.61 -21.26 8.87
CA PRO C 293 35.16 -21.18 7.47
C PRO C 293 35.66 -19.94 6.75
N THR C 294 35.92 -18.88 7.49
CA THR C 294 36.41 -17.65 6.87
C THR C 294 37.93 -17.73 6.67
N PRO C 295 38.43 -17.30 5.52
CA PRO C 295 39.89 -17.29 5.29
C PRO C 295 40.56 -16.21 6.12
N THR C 296 41.89 -16.33 6.20
CA THR C 296 42.67 -15.40 7.00
C THR C 296 42.76 -14.03 6.33
N GLY C 297 42.92 -13.00 7.17
CA GLY C 297 42.99 -11.63 6.69
C GLY C 297 41.66 -10.94 6.49
N MET C 298 40.54 -11.58 6.89
CA MET C 298 39.23 -11.01 6.71
C MET C 298 38.47 -10.79 8.01
N ASP C 299 39.02 -11.20 9.15
CA ASP C 299 38.30 -11.18 10.43
C ASP C 299 38.99 -10.27 11.43
N ALA C 300 39.41 -9.08 11.00
CA ALA C 300 40.00 -8.10 11.89
C ALA C 300 38.96 -7.13 12.45
N GLN C 301 38.19 -6.49 11.55
CA GLN C 301 37.15 -5.57 11.96
C GLN C 301 35.99 -6.26 12.67
N LEU C 302 35.79 -7.55 12.42
CA LEU C 302 34.76 -8.31 13.12
C LEU C 302 35.14 -8.51 14.58
N VAL C 303 36.35 -9.01 14.83
CA VAL C 303 36.77 -9.25 16.21
C VAL C 303 37.09 -7.95 16.94
N LYS C 304 37.33 -6.85 16.21
CA LYS C 304 37.54 -5.55 16.83
C LYS C 304 36.29 -5.07 17.56
N TYR C 305 35.11 -5.41 17.05
CA TYR C 305 33.87 -5.15 17.78
C TYR C 305 33.49 -6.29 18.71
N HIS C 306 33.81 -7.53 18.32
CA HIS C 306 33.37 -8.69 19.10
C HIS C 306 34.09 -8.78 20.44
N THR C 307 35.38 -8.39 20.49
CA THR C 307 36.11 -8.43 21.75
C THR C 307 35.59 -7.38 22.73
N HIS C 308 35.24 -6.19 22.23
CA HIS C 308 34.67 -5.16 23.08
C HIS C 308 33.29 -5.54 23.59
N LEU C 309 32.46 -6.13 22.71
CA LEU C 309 31.14 -6.59 23.15
C LEU C 309 31.23 -7.73 24.15
N SER C 310 32.20 -8.63 23.96
CA SER C 310 32.38 -9.75 24.88
C SER C 310 32.92 -9.27 26.23
N SER C 311 33.79 -8.26 26.22
CA SER C 311 34.28 -7.70 27.49
C SER C 311 33.18 -6.96 28.23
N TYR C 312 32.31 -6.26 27.49
CA TYR C 312 31.17 -5.57 28.09
C TYR C 312 30.20 -6.55 28.73
N TYR C 313 29.85 -7.62 28.01
CA TYR C 313 28.94 -8.62 28.57
C TYR C 313 29.60 -9.44 29.68
N ARG C 314 30.93 -9.59 29.64
CA ARG C 314 31.64 -10.28 30.71
C ARG C 314 31.63 -9.47 31.99
N GLU C 315 31.84 -8.15 31.89
CA GLU C 315 31.73 -7.30 33.07
C GLU C 315 30.29 -7.24 33.58
N LEU C 316 29.33 -7.25 32.65
CA LEU C 316 27.91 -7.24 33.02
C LEU C 316 27.50 -8.51 33.75
N LEU C 317 28.08 -9.65 33.39
CA LEU C 317 27.81 -10.88 34.13
C LEU C 317 28.61 -10.96 35.42
N LYS C 318 29.82 -10.39 35.44
CA LYS C 318 30.66 -10.40 36.64
C LYS C 318 30.06 -9.56 37.75
N ILE C 319 29.40 -8.45 37.40
CA ILE C 319 28.74 -7.61 38.41
C ILE C 319 27.59 -8.37 39.08
N TYR C 320 26.77 -9.08 38.28
CA TYR C 320 25.68 -9.87 38.84
C TYR C 320 26.20 -11.05 39.66
N ARG C 321 27.30 -11.66 39.22
CA ARG C 321 27.87 -12.77 39.98
C ARG C 321 28.46 -12.30 41.31
N GLY C 322 29.05 -11.10 41.34
CA GLY C 322 29.53 -10.54 42.59
C GLY C 322 28.38 -10.16 43.52
N LEU C 323 27.29 -9.63 42.96
CA LEU C 323 26.12 -9.32 43.78
C LEU C 323 25.43 -10.58 44.31
N LEU C 324 25.50 -11.67 43.56
CA LEU C 324 24.97 -12.94 44.04
C LEU C 324 25.88 -13.58 45.08
N ALA C 325 27.19 -13.40 44.95
CA ALA C 325 28.11 -13.91 45.97
C ALA C 325 28.06 -13.07 47.25
N ARG C 326 27.68 -11.80 47.15
CA ARG C 326 27.58 -10.95 48.33
C ARG C 326 26.26 -11.13 49.05
N ARG C 327 25.15 -10.88 48.36
CA ARG C 327 23.81 -10.98 48.96
C ARG C 327 23.20 -12.32 48.55
N LYS C 328 23.50 -13.35 49.33
CA LYS C 328 22.95 -14.67 49.09
C LYS C 328 21.51 -14.74 49.58
N ASP C 329 20.65 -15.38 48.77
CA ASP C 329 19.21 -15.66 49.01
C ASP C 329 18.41 -14.43 49.44
N ASP C 330 18.85 -13.23 49.05
CA ASP C 330 18.15 -12.01 49.38
C ASP C 330 18.12 -11.03 48.20
N LEU C 331 18.56 -11.45 47.02
CA LEU C 331 18.64 -10.54 45.88
C LEU C 331 17.28 -10.33 45.24
N HIS C 332 16.90 -9.07 45.09
CA HIS C 332 15.71 -8.68 44.33
C HIS C 332 16.14 -7.90 43.11
N ILE C 333 15.64 -8.29 41.94
CA ILE C 333 16.02 -7.66 40.68
C ILE C 333 14.76 -7.26 39.93
N THR C 334 14.90 -6.22 39.12
CA THR C 334 13.82 -5.74 38.27
C THR C 334 13.69 -6.67 37.06
N GLU C 335 12.54 -6.58 36.38
CA GLU C 335 12.22 -7.48 35.28
C GLU C 335 12.97 -7.15 34.00
N GLU C 336 13.65 -6.01 33.93
CA GLU C 336 14.47 -5.67 32.78
C GLU C 336 15.92 -6.14 32.94
N PHE C 337 16.39 -6.23 34.19
CA PHE C 337 17.77 -6.64 34.44
C PHE C 337 17.98 -8.13 34.24
N GLU C 338 16.98 -8.96 34.56
CA GLU C 338 17.10 -10.40 34.41
C GLU C 338 17.19 -10.80 32.94
N ARG C 339 16.44 -10.11 32.06
CA ARG C 339 16.55 -10.36 30.64
C ARG C 339 17.92 -9.92 30.10
N LEU C 340 18.49 -8.86 30.69
CA LEU C 340 19.83 -8.43 30.29
C LEU C 340 20.88 -9.45 30.73
N ILE C 341 20.70 -10.07 31.89
CA ILE C 341 21.66 -11.06 32.37
C ILE C 341 21.58 -12.34 31.54
N VAL C 342 20.36 -12.77 31.17
CA VAL C 342 20.27 -13.98 30.36
C VAL C 342 20.70 -13.69 28.91
N THR C 343 20.58 -12.43 28.46
CA THR C 343 21.15 -12.06 27.17
C THR C 343 22.68 -12.07 27.22
N ALA C 344 23.26 -11.61 28.33
CA ALA C 344 24.71 -11.67 28.51
C ALA C 344 25.21 -13.12 28.60
N GLN C 345 24.41 -14.01 29.18
CA GLN C 345 24.78 -15.43 29.20
C GLN C 345 24.62 -16.07 27.84
N MET C 346 23.67 -15.59 27.03
CA MET C 346 23.52 -16.10 25.68
C MET C 346 24.64 -15.62 24.77
N PHE C 347 25.19 -14.42 25.02
CA PHE C 347 26.28 -13.92 24.19
C PHE C 347 27.60 -14.61 24.53
N LEU C 348 27.84 -14.89 25.81
CA LEU C 348 29.11 -15.47 26.22
C LEU C 348 29.16 -16.95 25.85
N PRO C 349 30.31 -17.47 25.47
CA PRO C 349 30.40 -18.88 25.05
C PRO C 349 30.29 -19.84 26.22
N GLN C 350 29.82 -21.05 25.91
CA GLN C 350 29.64 -22.12 26.89
C GLN C 350 30.97 -22.87 27.11
N PRO C 351 31.16 -23.45 28.30
CA PRO C 351 32.36 -24.26 28.53
C PRO C 351 32.32 -25.58 27.77
N ASP C 352 33.44 -26.30 27.84
CA ASP C 352 33.59 -27.53 27.08
C ASP C 352 32.78 -28.69 27.63
N ASN C 353 32.40 -28.65 28.90
CA ASN C 353 31.58 -29.71 29.49
C ASN C 353 30.11 -29.59 29.13
N VAL C 354 29.68 -28.46 28.57
CA VAL C 354 28.30 -28.23 28.18
C VAL C 354 28.25 -28.14 26.66
N ARG C 355 27.17 -28.66 26.08
CA ARG C 355 26.96 -28.61 24.65
C ARG C 355 26.82 -27.16 24.17
N LYS C 356 27.27 -26.91 22.94
CA LYS C 356 27.26 -25.55 22.42
C LYS C 356 25.85 -25.13 22.02
N LEU C 357 25.65 -23.82 21.94
CA LEU C 357 24.33 -23.27 21.65
C LEU C 357 24.08 -23.21 20.16
N SER C 358 22.80 -23.27 19.79
CA SER C 358 22.35 -23.12 18.41
C SER C 358 21.46 -21.88 18.37
N ARG C 359 22.04 -20.74 18.02
CA ARG C 359 21.32 -19.48 18.06
C ARG C 359 20.37 -19.35 16.89
N PHE C 360 19.19 -18.77 17.14
CA PHE C 360 18.15 -18.62 16.15
C PHE C 360 17.55 -17.23 16.24
N TYR C 361 17.09 -16.70 15.11
CA TYR C 361 16.39 -15.42 15.04
C TYR C 361 15.11 -15.66 14.25
N ARG C 362 14.06 -16.08 14.97
CA ARG C 362 12.73 -16.36 14.42
C ARG C 362 12.78 -17.40 13.30
N LEU C 363 13.20 -18.61 13.68
CA LEU C 363 13.37 -19.76 12.78
C LEU C 363 14.34 -19.46 11.64
N ASP C 364 15.44 -18.80 11.96
CA ASP C 364 16.48 -18.49 10.98
C ASP C 364 17.81 -18.64 11.71
N PRO C 365 18.52 -19.75 11.49
CA PRO C 365 19.80 -19.96 12.18
C PRO C 365 20.91 -19.13 11.58
N LEU C 366 21.87 -18.75 12.42
CA LEU C 366 23.03 -18.00 12.00
C LEU C 366 24.24 -18.92 11.91
N ASP C 367 25.18 -18.56 11.04
CA ASP C 367 26.36 -19.36 10.74
C ASP C 367 27.61 -18.54 11.00
N GLU C 368 28.05 -18.55 12.27
CA GLU C 368 29.40 -18.18 12.73
C GLU C 368 29.66 -16.66 12.68
N TRP C 369 28.77 -15.90 12.05
CA TRP C 369 28.84 -14.44 12.05
C TRP C 369 27.42 -13.91 11.84
N ARG C 370 27.08 -12.86 12.58
CA ARG C 370 25.82 -12.13 12.37
C ARG C 370 26.11 -10.66 12.62
N VAL C 371 26.17 -9.87 11.55
CA VAL C 371 26.56 -8.47 11.64
C VAL C 371 25.35 -7.61 11.27
N GLU C 372 24.92 -6.75 12.19
CA GLU C 372 23.84 -5.81 11.91
C GLU C 372 24.32 -4.39 12.18
N VAL C 373 24.09 -3.51 11.23
CA VAL C 373 24.42 -2.10 11.38
C VAL C 373 23.11 -1.31 11.43
N THR C 374 23.19 -0.15 12.08
CA THR C 374 22.07 0.76 12.22
C THR C 374 22.56 2.15 11.85
N TYR C 375 21.95 2.74 10.83
CA TYR C 375 22.38 4.02 10.30
C TYR C 375 21.23 5.02 10.30
N LYS C 376 21.60 6.30 10.17
CA LYS C 376 20.68 7.42 10.28
C LYS C 376 20.82 8.32 9.06
N ALA C 377 19.70 8.64 8.42
CA ALA C 377 19.69 9.51 7.26
C ALA C 377 18.65 10.62 7.46
N GLN C 378 18.85 11.72 6.74
CA GLN C 378 17.92 12.84 6.74
C GLN C 378 17.31 12.97 5.36
N LYS C 379 15.98 12.91 5.28
CA LYS C 379 15.28 12.85 4.01
C LYS C 379 14.79 14.24 3.62
N MET C 380 15.27 14.73 2.47
CA MET C 380 14.83 16.03 1.98
C MET C 380 13.61 15.86 1.07
N PRO C 381 12.52 16.58 1.33
CA PRO C 381 11.30 16.38 0.52
C PRO C 381 11.41 17.07 -0.83
N ALA C 382 11.09 16.32 -1.88
CA ALA C 382 11.02 16.87 -3.24
C ALA C 382 9.64 16.74 -3.86
N GLY C 383 9.07 15.54 -3.84
CA GLY C 383 7.76 15.33 -4.41
C GLY C 383 7.04 14.19 -3.72
N ALA C 384 5.70 14.20 -3.87
CA ALA C 384 4.78 13.22 -3.28
C ALA C 384 4.90 13.17 -1.75
N PHE C 385 5.09 14.33 -1.14
CA PHE C 385 5.10 14.47 0.30
C PHE C 385 3.79 15.10 0.76
N LYS C 386 3.16 14.50 1.76
CA LYS C 386 1.85 14.92 2.24
C LYS C 386 1.99 15.88 3.41
N MET C 387 1.16 16.92 3.43
CA MET C 387 1.19 17.93 4.48
C MET C 387 -0.22 18.29 4.90
N THR C 388 -0.32 18.86 6.11
CA THR C 388 -1.59 19.16 6.75
C THR C 388 -1.38 20.36 7.66
N ASP C 389 -2.32 21.32 7.61
CA ASP C 389 -2.25 22.55 8.39
C ASP C 389 -3.01 22.44 9.73
N PHE C 390 -3.00 21.26 10.36
CA PHE C 390 -3.80 20.93 11.55
C PHE C 390 -5.29 21.18 11.32
N HIS C 391 -5.76 20.88 10.12
CA HIS C 391 -7.18 20.90 9.79
C HIS C 391 -7.47 19.71 8.88
N GLY C 392 -8.67 19.68 8.32
CA GLY C 392 -9.01 18.61 7.40
C GLY C 392 -8.36 18.72 6.04
N GLY C 393 -7.99 19.92 5.63
CA GLY C 393 -7.38 20.12 4.33
C GLY C 393 -5.94 19.64 4.28
N LYS C 394 -5.70 18.54 3.58
CA LYS C 394 -4.38 18.00 3.39
C LYS C 394 -3.99 18.08 1.91
N GLY C 395 -2.69 18.00 1.65
CA GLY C 395 -2.22 18.17 0.29
C GLY C 395 -0.93 17.42 0.03
N VAL C 396 -0.55 17.41 -1.25
CA VAL C 396 0.64 16.74 -1.74
C VAL C 396 1.45 17.77 -2.53
N ILE C 397 2.75 17.87 -2.23
CA ILE C 397 3.62 18.81 -2.90
C ILE C 397 3.81 18.38 -4.36
N CYS C 398 3.43 19.26 -5.29
CA CYS C 398 3.51 18.94 -6.71
C CYS C 398 4.49 19.80 -7.48
N LYS C 399 4.95 20.91 -6.92
CA LYS C 399 5.90 21.78 -7.60
C LYS C 399 6.74 22.51 -6.57
N VAL C 400 8.06 22.48 -6.74
CA VAL C 400 8.99 23.13 -5.83
C VAL C 400 9.70 24.23 -6.62
N MET C 401 9.43 25.47 -6.25
CA MET C 401 10.07 26.63 -6.87
C MET C 401 11.23 27.11 -6.01
N GLU C 402 11.97 28.07 -6.55
CA GLU C 402 13.10 28.66 -5.83
C GLU C 402 12.57 29.72 -4.85
N ASP C 403 13.50 30.29 -4.08
CA ASP C 403 13.11 31.30 -3.10
C ASP C 403 12.82 32.65 -3.76
N GLU C 404 13.46 32.94 -4.89
CA GLU C 404 13.25 34.20 -5.58
C GLU C 404 12.02 34.18 -6.49
N ASP C 405 11.43 33.00 -6.73
CA ASP C 405 10.25 32.88 -7.58
C ASP C 405 8.97 32.67 -6.78
N MET C 406 9.00 32.98 -5.47
CA MET C 406 7.89 32.82 -4.56
C MET C 406 7.04 34.08 -4.53
N PRO C 407 5.74 33.96 -4.21
CA PRO C 407 4.88 35.15 -4.09
C PRO C 407 5.30 36.03 -2.93
N ILE C 408 5.60 37.29 -3.22
CA ILE C 408 6.01 38.28 -2.23
C ILE C 408 5.09 39.49 -2.35
N ASP C 409 4.64 40.00 -1.21
CA ASP C 409 3.74 41.14 -1.17
C ASP C 409 4.56 42.44 -1.15
N GLU C 410 3.90 43.55 -0.86
CA GLU C 410 4.55 44.86 -0.84
C GLU C 410 5.24 45.16 0.48
N ASN C 411 5.32 44.20 1.40
CA ASN C 411 5.97 44.41 2.69
C ASN C 411 7.18 43.51 2.88
N GLY C 412 7.63 42.82 1.84
CA GLY C 412 8.81 41.98 1.93
C GLY C 412 8.58 40.59 2.48
N ASN C 413 7.36 40.23 2.82
CA ASN C 413 7.08 38.90 3.35
C ASN C 413 7.10 37.88 2.21
N ARG C 414 7.87 36.81 2.40
CA ARG C 414 8.01 35.77 1.40
C ARG C 414 7.12 34.58 1.77
N ALA C 415 6.40 34.05 0.79
CA ALA C 415 5.50 32.94 1.02
C ALA C 415 6.25 31.61 1.01
N ASP C 416 5.71 30.65 1.75
CA ASP C 416 6.27 29.30 1.81
C ASP C 416 5.39 28.24 1.18
N LEU C 417 4.08 28.50 1.05
CA LEU C 417 3.16 27.51 0.50
C LEU C 417 2.04 28.22 -0.25
N ILE C 418 1.58 27.60 -1.33
CA ILE C 418 0.46 28.10 -2.12
C ILE C 418 -0.63 27.03 -2.05
N ILE C 419 -1.75 27.38 -1.41
CA ILE C 419 -2.88 26.47 -1.26
C ILE C 419 -4.09 27.09 -1.96
N PHE C 420 -4.85 26.25 -2.67
CA PHE C 420 -6.07 26.70 -3.31
C PHE C 420 -7.13 27.01 -2.27
N GLY C 421 -7.75 28.19 -2.39
CA GLY C 421 -8.72 28.61 -1.39
C GLY C 421 -10.11 28.04 -1.60
N GLY C 422 -10.44 27.65 -2.84
CA GLY C 422 -11.78 27.18 -3.17
C GLY C 422 -12.18 25.86 -2.53
N SER C 423 -11.22 25.09 -2.03
CA SER C 423 -11.53 23.84 -1.33
C SER C 423 -11.99 24.05 0.10
N THR C 424 -11.91 25.28 0.62
CA THR C 424 -12.36 25.53 1.99
C THR C 424 -13.88 25.51 2.09
N MET C 425 -14.57 26.12 1.12
CA MET C 425 -16.02 26.16 1.15
C MET C 425 -16.66 24.81 0.83
N ARG C 426 -15.92 23.91 0.17
CA ARG C 426 -16.49 22.61 -0.20
C ARG C 426 -16.44 21.64 0.97
N ARG C 427 -15.30 21.54 1.65
CA ARG C 427 -15.14 20.60 2.75
C ARG C 427 -15.53 21.20 4.10
N SER C 428 -15.80 22.51 4.16
CA SER C 428 -16.30 23.23 5.34
C SER C 428 -15.33 23.11 6.53
N ASN C 429 -14.10 23.54 6.30
CA ASN C 429 -13.07 23.61 7.33
C ASN C 429 -12.63 25.08 7.47
N TYR C 430 -13.41 25.83 8.25
CA TYR C 430 -13.22 27.27 8.37
C TYR C 430 -12.22 27.66 9.46
N GLY C 431 -11.71 26.69 10.22
CA GLY C 431 -10.70 26.96 11.22
C GLY C 431 -9.37 27.42 10.64
N ARG C 432 -9.11 27.10 9.37
CA ARG C 432 -7.96 27.63 8.66
C ARG C 432 -8.18 29.06 8.21
N ILE C 433 -9.40 29.59 8.29
CA ILE C 433 -9.64 30.98 7.92
C ILE C 433 -9.24 31.92 9.05
N TYR C 434 -9.60 31.58 10.29
CA TYR C 434 -9.27 32.42 11.43
C TYR C 434 -7.80 32.32 11.81
N GLU C 435 -7.15 31.19 11.52
CA GLU C 435 -5.72 31.07 11.80
C GLU C 435 -4.89 31.85 10.79
N HIS C 436 -5.30 31.83 9.53
CA HIS C 436 -4.60 32.58 8.49
C HIS C 436 -4.87 34.08 8.62
N GLY C 437 -6.05 34.47 9.08
CA GLY C 437 -6.42 35.87 9.17
C GLY C 437 -5.87 36.60 10.38
N PHE C 438 -6.15 36.06 11.58
CA PHE C 438 -5.79 36.74 12.82
C PHE C 438 -4.28 36.85 13.00
N GLY C 439 -3.54 35.80 12.60
CA GLY C 439 -2.09 35.90 12.57
C GLY C 439 -1.59 36.93 11.59
N ALA C 440 -2.33 37.13 10.49
CA ALA C 440 -2.01 38.23 9.57
C ALA C 440 -2.26 39.58 10.22
N ALA C 441 -3.18 39.63 11.20
CA ALA C 441 -3.35 40.83 12.01
C ALA C 441 -2.33 40.90 13.14
N ALA C 442 -1.57 39.83 13.40
CA ALA C 442 -0.61 39.80 14.48
C ALA C 442 0.80 40.14 14.02
N ARG C 443 1.31 39.42 13.02
CA ARG C 443 2.68 39.63 12.53
C ARG C 443 2.84 41.02 11.93
N ASP C 444 1.84 41.49 11.18
CA ASP C 444 1.83 42.85 10.67
C ASP C 444 1.75 43.88 11.79
N LEU C 445 1.22 43.51 12.96
CA LEU C 445 1.39 44.36 14.13
C LEU C 445 2.81 44.30 14.67
N ALA C 446 3.38 43.09 14.73
CA ALA C 446 4.72 42.92 15.28
C ALA C 446 5.79 43.49 14.36
N GLN C 447 5.52 43.52 13.05
CA GLN C 447 6.38 44.24 12.12
C GLN C 447 6.13 45.74 12.13
N ARG C 448 5.02 46.19 12.73
CA ARG C 448 4.77 47.63 12.83
C ARG C 448 5.53 48.22 14.01
N LEU C 449 5.39 47.61 15.20
CA LEU C 449 6.14 48.04 16.38
C LEU C 449 7.64 47.85 16.23
N ARG C 450 8.07 46.94 15.35
CA ARG C 450 9.47 46.85 15.00
C ARG C 450 9.91 48.02 14.13
N VAL C 451 9.06 48.46 13.19
CA VAL C 451 9.47 49.51 12.26
C VAL C 451 9.13 50.90 12.80
N GLU C 452 8.33 50.99 13.88
CA GLU C 452 8.04 52.28 14.49
C GLU C 452 9.27 52.85 15.18
N ALA C 453 10.09 52.00 15.80
CA ALA C 453 11.36 52.41 16.36
C ALA C 453 12.45 52.21 15.30
N GLY C 454 13.71 52.35 15.71
CA GLY C 454 14.81 52.12 14.80
C GLY C 454 15.25 50.68 14.78
N LEU C 455 14.75 49.92 13.81
CA LEU C 455 15.07 48.50 13.67
C LEU C 455 14.92 48.10 12.21
N ASP C 456 15.12 46.82 11.93
CA ASP C 456 14.99 46.28 10.59
C ASP C 456 14.07 45.06 10.69
N ARG C 457 13.06 45.02 9.83
CA ARG C 457 12.11 43.92 9.85
C ARG C 457 12.69 42.69 9.15
N HIS C 458 12.08 41.54 9.43
CA HIS C 458 12.49 40.21 8.94
C HIS C 458 13.94 39.90 9.31
N ALA C 459 14.34 40.31 10.51
CA ALA C 459 15.71 40.11 10.99
C ALA C 459 15.69 40.14 12.51
N LYS C 460 16.41 39.20 13.12
CA LYS C 460 16.49 39.13 14.57
C LYS C 460 17.42 40.22 15.08
N PRO C 461 16.96 41.10 15.97
CA PRO C 461 17.84 42.15 16.49
C PRO C 461 18.83 41.61 17.52
N THR C 462 19.97 42.31 17.61
CA THR C 462 21.02 41.93 18.55
C THR C 462 20.72 42.49 19.93
N GLN C 463 21.63 42.23 20.88
CA GLN C 463 21.45 42.72 22.24
C GLN C 463 21.76 44.20 22.36
N GLN C 464 22.67 44.72 21.53
CA GLN C 464 23.05 46.13 21.59
C GLN C 464 21.94 47.05 21.13
N GLN C 465 21.02 46.56 20.30
CA GLN C 465 19.86 47.35 19.87
C GLN C 465 18.66 47.14 20.78
N LEU C 466 18.49 45.91 21.29
CA LEU C 466 17.38 45.65 22.21
C LEU C 466 17.61 46.28 23.57
N ASN C 467 18.87 46.50 23.94
CA ASN C 467 19.19 47.21 25.17
C ASN C 467 19.21 48.72 25.00
N SER C 468 19.16 49.20 23.75
CA SER C 468 19.09 50.64 23.48
C SER C 468 17.69 51.12 23.16
N VAL C 469 16.81 50.22 22.69
CA VAL C 469 15.41 50.59 22.48
C VAL C 469 14.71 50.83 23.82
N MET C 470 15.10 50.09 24.86
CA MET C 470 14.44 50.13 26.16
C MET C 470 14.72 51.40 26.96
N GLY C 471 15.54 52.32 26.45
CA GLY C 471 15.76 53.57 27.14
C GLY C 471 14.56 54.51 27.09
N ASN C 472 13.71 54.35 26.08
CA ASN C 472 12.50 55.16 25.94
C ASN C 472 11.35 54.41 26.63
N THR C 473 11.03 54.83 27.86
CA THR C 473 9.98 54.15 28.61
C THR C 473 8.59 54.50 28.12
N GLN C 474 8.41 55.71 27.57
CA GLN C 474 7.10 56.09 27.05
C GLN C 474 6.77 55.31 25.78
N TRP C 475 7.79 55.00 24.96
CA TRP C 475 7.54 54.24 23.74
C TRP C 475 7.17 52.79 24.05
N VAL C 476 7.84 52.17 25.04
CA VAL C 476 7.47 50.80 25.37
C VAL C 476 6.17 50.77 26.16
N ASP C 477 5.82 51.86 26.85
CA ASP C 477 4.49 51.94 27.48
C ASP C 477 3.39 52.05 26.43
N TYR C 478 3.64 52.82 25.37
CA TYR C 478 2.68 52.92 24.28
C TYR C 478 2.57 51.60 23.51
N ALA C 479 3.70 50.90 23.36
CA ALA C 479 3.67 49.58 22.72
C ALA C 479 2.95 48.55 23.58
N PHE C 480 3.07 48.64 24.90
CA PHE C 480 2.32 47.76 25.79
C PHE C 480 0.83 48.05 25.75
N LYS C 481 0.46 49.34 25.65
CA LYS C 481 -0.95 49.68 25.50
C LYS C 481 -1.50 49.23 24.15
N GLU C 482 -0.68 49.30 23.09
CA GLU C 482 -1.09 48.82 21.78
C GLU C 482 -1.28 47.31 21.77
N LEU C 483 -0.36 46.57 22.41
CA LEU C 483 -0.49 45.12 22.51
C LEU C 483 -1.68 44.73 23.38
N LEU C 484 -1.96 45.52 24.43
CA LEU C 484 -3.13 45.24 25.26
C LEU C 484 -4.43 45.51 24.52
N GLY C 485 -4.45 46.53 23.65
CA GLY C 485 -5.62 46.75 22.82
C GLY C 485 -5.81 45.65 21.79
N PHE C 486 -4.71 45.15 21.21
CA PHE C 486 -4.81 44.04 20.27
C PHE C 486 -5.27 42.77 20.95
N TYR C 487 -4.82 42.54 22.19
CA TYR C 487 -5.28 41.37 22.94
C TYR C 487 -6.74 41.52 23.36
N GLU C 488 -7.18 42.74 23.68
CA GLU C 488 -8.59 42.98 23.96
C GLU C 488 -9.46 42.75 22.74
N ILE C 489 -8.93 43.04 21.54
CA ILE C 489 -9.63 42.69 20.31
C ILE C 489 -9.69 41.18 20.13
N ILE C 490 -8.55 40.50 20.32
CA ILE C 490 -8.45 39.09 19.96
C ILE C 490 -8.94 38.18 21.10
N ALA C 491 -8.27 38.23 22.25
CA ALA C 491 -8.52 37.27 23.33
C ALA C 491 -8.72 37.98 24.65
N PRO C 492 -9.97 38.11 25.12
CA PRO C 492 -10.22 38.87 26.35
C PRO C 492 -9.78 38.14 27.61
N THR C 493 -9.73 36.81 27.58
CA THR C 493 -9.27 36.08 28.76
C THR C 493 -7.76 36.23 28.95
N MET C 494 -7.00 36.23 27.86
CA MET C 494 -5.56 36.48 27.94
C MET C 494 -5.27 37.93 28.31
N HIS C 495 -6.08 38.85 27.80
CA HIS C 495 -5.95 40.26 28.12
C HIS C 495 -6.25 40.53 29.60
N SER C 496 -7.27 39.86 30.15
CA SER C 496 -7.54 40.00 31.57
C SER C 496 -6.52 39.26 32.42
N LYS C 497 -5.86 38.23 31.86
CA LYS C 497 -4.77 37.57 32.57
C LYS C 497 -3.57 38.49 32.70
N MET C 498 -3.17 39.17 31.62
CA MET C 498 -1.97 40.00 31.64
C MET C 498 -2.26 41.48 31.83
N MET C 499 -3.44 41.84 32.34
CA MET C 499 -3.65 43.21 32.79
C MET C 499 -2.79 43.54 34.01
N GLU C 500 -2.57 42.56 34.88
CA GLU C 500 -1.68 42.70 36.02
C GLU C 500 -0.40 41.94 35.67
N HIS C 501 0.51 42.62 34.99
CA HIS C 501 1.74 42.02 34.51
C HIS C 501 2.94 42.74 35.12
N PRO C 502 3.73 42.09 35.97
CA PRO C 502 4.93 42.74 36.50
C PRO C 502 6.05 42.80 35.47
N ASN C 503 6.75 43.93 35.47
CA ASN C 503 7.83 44.30 34.55
C ASN C 503 7.36 44.17 33.09
N PRO C 504 6.53 45.08 32.60
CA PRO C 504 5.95 44.93 31.26
C PRO C 504 6.91 45.22 30.12
N ALA C 505 8.13 45.69 30.40
CA ALA C 505 9.10 45.88 29.33
C ALA C 505 9.64 44.55 28.81
N GLU C 506 9.61 43.50 29.64
CA GLU C 506 10.03 42.18 29.19
C GLU C 506 9.06 41.59 28.18
N HIS C 507 7.77 41.94 28.28
CA HIS C 507 6.80 41.51 27.27
C HIS C 507 7.08 42.17 25.92
N VAL C 508 7.43 43.46 25.94
CA VAL C 508 7.79 44.17 24.71
C VAL C 508 9.09 43.61 24.13
N LYS C 509 10.03 43.23 25.00
CA LYS C 509 11.28 42.63 24.54
C LYS C 509 11.05 41.25 23.92
N THR C 510 10.21 40.43 24.53
CA THR C 510 9.92 39.10 23.99
C THR C 510 8.97 39.15 22.81
N VAL C 511 8.29 40.27 22.58
CA VAL C 511 7.55 40.44 21.32
C VAL C 511 8.49 40.88 20.21
N LEU C 512 9.34 41.88 20.47
CA LEU C 512 10.23 42.40 19.44
C LEU C 512 11.44 41.51 19.18
N MET C 513 11.67 40.47 19.98
CA MET C 513 12.80 39.57 19.72
C MET C 513 12.52 38.64 18.55
N ASP C 514 11.37 37.95 18.57
CA ASP C 514 11.05 36.96 17.56
C ASP C 514 10.12 37.48 16.46
N GLY C 515 9.50 38.64 16.65
CA GLY C 515 8.65 39.20 15.63
C GLY C 515 7.25 38.64 15.54
N PHE C 516 6.75 38.05 16.62
CA PHE C 516 5.38 37.55 16.66
C PHE C 516 4.92 37.51 18.12
N PRO C 517 3.76 38.10 18.43
CA PRO C 517 3.20 37.96 19.78
C PRO C 517 2.41 36.66 19.91
N TYR C 518 2.84 35.80 20.83
CA TYR C 518 2.18 34.52 21.05
C TYR C 518 0.86 34.75 21.78
N ILE C 519 -0.24 34.36 21.15
CA ILE C 519 -1.58 34.63 21.65
C ILE C 519 -2.16 33.36 22.26
N TYR C 520 -2.58 33.43 23.52
CA TYR C 520 -3.21 32.31 24.20
C TYR C 520 -4.71 32.36 23.94
N ALA C 521 -5.25 31.27 23.39
CA ALA C 521 -6.67 31.17 23.07
C ALA C 521 -7.17 29.79 23.44
N PRO C 522 -7.81 29.64 24.60
CA PRO C 522 -8.35 28.33 25.01
C PRO C 522 -9.64 28.01 24.28
N VAL C 523 -10.23 26.87 24.65
CA VAL C 523 -11.46 26.40 23.99
C VAL C 523 -12.70 27.08 24.53
N ASP C 524 -12.62 27.75 25.67
CA ASP C 524 -13.76 28.44 26.28
C ASP C 524 -13.47 29.94 26.21
N ASP C 525 -13.91 30.57 25.12
CA ASP C 525 -13.65 31.97 24.86
C ASP C 525 -14.97 32.72 24.68
N PRO C 526 -15.17 33.84 25.37
CA PRO C 526 -16.36 34.68 25.12
C PRO C 526 -16.16 35.62 23.93
N VAL C 527 -15.91 35.04 22.76
CA VAL C 527 -15.51 35.77 21.56
C VAL C 527 -16.55 35.56 20.49
N ASP C 528 -17.13 36.66 20.01
CA ASP C 528 -17.85 36.64 18.74
C ASP C 528 -16.80 36.83 17.65
N LEU C 529 -16.66 35.83 16.78
CA LEU C 529 -15.51 35.79 15.87
C LEU C 529 -15.64 36.83 14.76
N MET C 530 -16.81 36.90 14.12
CA MET C 530 -17.00 37.87 13.05
C MET C 530 -17.11 39.29 13.55
N ALA C 531 -17.49 39.49 14.82
CA ALA C 531 -17.42 40.82 15.41
C ALA C 531 -15.97 41.27 15.59
N ALA C 532 -15.08 40.33 15.98
CA ALA C 532 -13.66 40.65 16.03
C ALA C 532 -13.08 40.86 14.64
N VAL C 533 -13.60 40.16 13.64
CA VAL C 533 -13.20 40.37 12.26
C VAL C 533 -13.57 41.78 11.80
N ASN C 534 -14.81 42.20 12.09
CA ASN C 534 -15.26 43.54 11.72
C ASN C 534 -14.56 44.62 12.53
N LYS C 535 -14.13 44.30 13.76
CA LYS C 535 -13.33 45.26 14.51
C LYS C 535 -11.91 45.37 13.97
N LEU C 536 -11.36 44.27 13.45
CA LEU C 536 -10.02 44.31 12.87
C LEU C 536 -10.02 45.00 11.51
N ILE C 537 -11.09 44.86 10.74
CA ILE C 537 -11.15 45.46 9.41
C ILE C 537 -11.46 46.95 9.50
N ASN C 538 -12.51 47.30 10.24
CA ASN C 538 -12.95 48.69 10.35
C ASN C 538 -12.21 49.42 11.47
N SER C 539 -10.90 49.54 11.30
CA SER C 539 -10.04 50.21 12.26
C SER C 539 -8.78 50.67 11.56
N ASP C 540 -8.24 51.80 12.02
CA ASP C 540 -6.98 52.30 11.46
C ASP C 540 -5.81 51.44 11.92
N LYS C 541 -5.75 51.13 13.22
CA LYS C 541 -4.73 50.26 13.75
C LYS C 541 -5.17 48.81 13.68
N TYR C 542 -4.19 47.90 13.87
CA TYR C 542 -4.36 46.44 13.85
C TYR C 542 -4.92 45.93 12.52
N ARG C 543 -4.63 46.63 11.42
CA ARG C 543 -5.14 46.21 10.12
C ARG C 543 -4.03 45.54 9.32
N PRO C 544 -4.25 44.35 8.77
CA PRO C 544 -3.21 43.70 7.97
C PRO C 544 -3.06 44.37 6.61
N HIS C 545 -1.91 44.14 5.99
CA HIS C 545 -1.59 44.72 4.69
C HIS C 545 -2.32 43.94 3.61
N TYR C 546 -3.44 44.47 3.16
CA TYR C 546 -4.24 43.83 2.10
C TYR C 546 -3.89 44.46 0.75
N GLY C 547 -2.69 44.15 0.28
CA GLY C 547 -2.20 44.71 -0.95
C GLY C 547 -1.95 43.70 -2.06
N LYS C 548 -1.25 44.11 -3.11
CA LYS C 548 -0.99 43.24 -4.24
C LYS C 548 0.19 42.32 -3.96
N VAL C 549 0.29 41.26 -4.75
CA VAL C 549 1.30 40.22 -4.57
C VAL C 549 1.96 39.95 -5.92
N SER C 550 3.29 40.06 -5.97
CA SER C 550 4.06 39.75 -7.16
C SER C 550 4.72 38.38 -7.03
N TYR C 551 4.85 37.69 -8.16
CA TYR C 551 5.40 36.33 -8.19
C TYR C 551 5.97 36.07 -9.58
N ARG C 552 6.33 34.81 -9.83
CA ARG C 552 6.81 34.37 -11.13
C ARG C 552 5.97 33.20 -11.59
N ASP C 553 5.50 33.26 -12.84
CA ASP C 553 4.63 32.24 -13.40
C ASP C 553 5.46 31.05 -13.89
N GLN C 554 4.82 30.18 -14.68
CA GLN C 554 5.50 29.01 -15.23
C GLN C 554 6.58 29.41 -16.23
N ALA C 555 6.29 30.40 -17.07
CA ALA C 555 7.30 30.96 -17.95
C ALA C 555 8.18 31.96 -17.20
N GLY C 556 9.14 32.54 -17.89
CA GLY C 556 9.99 33.54 -17.26
C GLY C 556 9.42 34.93 -17.37
N LYS C 557 8.73 35.38 -16.32
CA LYS C 557 8.07 36.68 -16.30
C LYS C 557 7.72 37.04 -14.87
N TRP C 558 7.92 38.31 -14.51
CA TRP C 558 7.51 38.83 -13.21
C TRP C 558 6.07 39.28 -13.31
N VAL C 559 5.17 38.59 -12.63
CA VAL C 559 3.73 38.79 -12.76
C VAL C 559 3.20 39.39 -11.47
N THR C 560 2.52 40.53 -11.57
CA THR C 560 1.85 41.16 -10.44
C THR C 560 0.35 40.94 -10.58
N THR C 561 -0.27 40.37 -9.55
CA THR C 561 -1.69 40.08 -9.59
C THR C 561 -2.51 41.35 -9.46
N LYS C 562 -3.79 41.23 -9.81
CA LYS C 562 -4.71 42.37 -9.79
C LYS C 562 -5.46 42.49 -8.46
N ASP C 563 -5.99 41.38 -7.96
CA ASP C 563 -6.78 41.41 -6.73
C ASP C 563 -5.88 41.51 -5.52
N ASN C 564 -6.40 42.12 -4.45
CA ASN C 564 -5.70 42.21 -3.19
C ASN C 564 -5.67 40.84 -2.52
N VAL C 565 -4.47 40.38 -2.17
CA VAL C 565 -4.27 39.02 -1.68
C VAL C 565 -3.58 39.10 -0.32
N LEU C 566 -4.17 38.45 0.68
CA LEU C 566 -3.62 38.41 2.03
C LEU C 566 -2.85 37.13 2.25
N MET C 567 -1.66 37.27 2.85
CA MET C 567 -0.79 36.14 3.18
C MET C 567 -0.71 35.99 4.70
N GLY C 568 -0.92 34.79 5.20
CA GLY C 568 -0.98 34.59 6.63
C GLY C 568 -0.25 33.36 7.12
N PRO C 569 0.04 33.30 8.42
CA PRO C 569 0.77 32.15 8.96
C PRO C 569 -0.11 30.93 9.15
N LEU C 570 0.49 29.76 8.96
CA LEU C 570 -0.19 28.49 9.16
C LEU C 570 0.80 27.46 9.70
N TYR C 571 0.32 26.62 10.60
CA TYR C 571 1.16 25.62 11.25
C TYR C 571 1.03 24.29 10.51
N MET C 572 2.07 23.92 9.77
CA MET C 572 2.05 22.72 8.94
C MET C 572 2.84 21.59 9.59
N MET C 573 2.61 20.38 9.09
CA MET C 573 3.31 19.19 9.55
C MET C 573 3.45 18.22 8.39
N LEU C 574 4.42 17.31 8.51
CA LEU C 574 4.60 16.25 7.53
C LEU C 574 3.88 14.99 7.98
N LEU C 575 3.55 14.14 7.02
CA LEU C 575 2.74 12.95 7.27
C LEU C 575 3.50 11.68 6.91
N GLU C 576 2.84 10.55 7.17
CA GLU C 576 3.36 9.22 6.87
C GLU C 576 3.13 8.93 5.38
N LYS C 577 3.69 7.81 4.92
CA LYS C 577 3.57 7.29 3.55
C LYS C 577 4.11 8.27 2.52
N ILE C 578 5.41 8.56 2.64
CA ILE C 578 6.14 9.34 1.65
C ILE C 578 6.49 8.41 0.50
N GLY C 579 6.99 8.96 -0.60
CA GLY C 579 7.24 8.11 -1.74
C GLY C 579 8.56 7.39 -1.67
N GLU C 580 8.51 6.15 -1.15
CA GLU C 580 9.66 5.25 -1.11
C GLU C 580 9.30 3.83 -1.50
N ASP C 581 8.03 3.46 -1.54
CA ASP C 581 7.60 2.10 -1.86
C ASP C 581 7.28 2.01 -3.35
N TRP C 582 8.31 2.27 -4.15
CA TRP C 582 8.22 2.17 -5.60
C TRP C 582 8.91 0.90 -6.08
N SER C 583 8.58 0.49 -7.30
CA SER C 583 9.13 -0.73 -7.88
C SER C 583 9.38 -0.52 -9.37
N ALA C 584 10.43 -1.17 -9.86
CA ALA C 584 10.78 -1.14 -11.27
C ALA C 584 11.62 -2.36 -11.58
N ALA C 585 11.20 -3.14 -12.57
CA ALA C 585 11.86 -4.41 -12.87
C ALA C 585 11.71 -4.71 -14.35
N ALA C 586 12.84 -4.71 -15.07
CA ALA C 586 12.84 -5.17 -16.45
C ALA C 586 12.91 -6.68 -16.57
N SER C 587 13.44 -7.36 -15.55
CA SER C 587 13.52 -8.81 -15.53
C SER C 587 13.47 -9.29 -14.09
N VAL C 588 12.66 -10.31 -13.83
CA VAL C 588 12.47 -10.86 -12.49
C VAL C 588 12.80 -12.35 -12.55
N LYS C 589 13.27 -12.89 -11.43
CA LYS C 589 13.57 -14.32 -11.34
C LYS C 589 12.28 -15.13 -11.43
N THR C 590 12.43 -16.37 -11.89
CA THR C 590 11.30 -17.24 -12.16
C THR C 590 11.22 -18.37 -11.16
N GLN C 591 10.06 -19.03 -11.13
CA GLN C 591 9.82 -20.18 -10.27
C GLN C 591 10.33 -21.46 -10.92
N PRO C 592 10.85 -22.41 -10.12
CA PRO C 592 11.33 -23.68 -10.69
C PRO C 592 10.17 -24.60 -11.08
N SER C 597 4.56 -17.71 -13.26
CA SER C 597 5.67 -18.48 -12.71
C SER C 597 6.88 -17.59 -12.45
N LYS C 598 6.63 -16.31 -12.24
CA LYS C 598 7.66 -15.31 -11.98
C LYS C 598 7.35 -14.56 -10.69
N LEU C 599 7.00 -15.31 -9.65
CA LEU C 599 6.64 -14.73 -8.35
C LEU C 599 7.77 -14.99 -7.36
N ASN C 600 8.15 -13.94 -6.63
CA ASN C 600 9.18 -14.04 -5.60
C ASN C 600 8.74 -13.24 -4.38
N ASN C 601 8.89 -13.85 -3.20
CA ASN C 601 8.49 -13.20 -1.95
C ASN C 601 9.48 -13.63 -0.87
N ALA C 602 10.46 -12.76 -0.61
CA ALA C 602 11.49 -13.03 0.40
C ALA C 602 12.04 -11.69 0.88
N ASP C 603 13.17 -11.72 1.57
CA ASP C 603 13.85 -10.51 2.02
C ASP C 603 14.55 -9.88 0.83
N ARG C 604 13.79 -9.09 0.08
CA ARG C 604 14.27 -8.50 -1.18
C ARG C 604 14.79 -7.10 -0.89
N ALA C 605 16.07 -7.05 -0.50
CA ALA C 605 16.75 -5.78 -0.26
C ALA C 605 18.13 -5.75 -0.90
N SER C 606 18.36 -6.55 -1.93
CA SER C 606 19.65 -6.64 -2.59
C SER C 606 19.75 -5.76 -3.82
N THR C 607 18.73 -4.98 -4.12
CA THR C 607 18.70 -4.09 -5.26
C THR C 607 18.20 -2.71 -4.84
N PRO C 608 18.69 -1.63 -5.47
CA PRO C 608 18.13 -0.30 -5.17
C PRO C 608 16.72 -0.16 -5.70
N GLY C 609 15.75 -0.17 -4.81
CA GLY C 609 14.36 -0.30 -5.19
C GLY C 609 13.95 -1.74 -5.37
N ARG C 610 12.64 -1.96 -5.44
CA ARG C 610 12.12 -3.31 -5.57
C ARG C 610 12.30 -3.83 -6.99
N GLU C 611 12.55 -5.13 -7.10
CA GLU C 611 12.73 -5.80 -8.38
C GLU C 611 11.65 -6.85 -8.63
N THR C 612 10.55 -6.78 -7.88
CA THR C 612 9.48 -7.75 -8.03
C THR C 612 8.57 -7.38 -9.19
N ALA C 613 7.97 -8.40 -9.80
CA ALA C 613 6.99 -8.18 -10.86
C ALA C 613 5.68 -7.70 -10.26
N ILE C 614 5.08 -6.71 -10.90
CA ILE C 614 3.83 -6.11 -10.43
C ILE C 614 2.69 -6.68 -11.26
N ARG C 615 1.68 -7.23 -10.57
CA ARG C 615 0.52 -7.82 -11.23
C ARG C 615 -0.40 -6.70 -11.72
N SER C 616 -0.02 -6.11 -12.86
CA SER C 616 -0.83 -5.06 -13.46
C SER C 616 -1.98 -5.62 -14.28
N PHE C 617 -1.91 -6.88 -14.69
CA PHE C 617 -2.93 -7.53 -15.50
C PHE C 617 -3.70 -8.51 -14.62
N GLY C 618 -4.84 -8.07 -14.09
CA GLY C 618 -5.75 -8.94 -13.39
C GLY C 618 -6.75 -9.56 -14.35
N GLU C 619 -7.83 -10.10 -13.79
CA GLU C 619 -8.87 -10.70 -14.63
C GLU C 619 -9.71 -9.63 -15.31
N SER C 620 -10.06 -8.57 -14.58
CA SER C 620 -10.78 -7.46 -15.19
C SER C 620 -9.89 -6.68 -16.16
N GLU C 621 -8.58 -6.63 -15.89
CA GLU C 621 -7.67 -5.94 -16.78
C GLU C 621 -7.51 -6.68 -18.10
N THR C 622 -7.36 -8.01 -18.06
CA THR C 622 -7.29 -8.76 -19.31
C THR C 622 -8.66 -8.86 -19.98
N ARG C 623 -9.76 -8.70 -19.23
CA ARG C 623 -11.07 -8.63 -19.86
C ARG C 623 -11.24 -7.33 -20.65
N SER C 624 -10.82 -6.19 -20.06
CA SER C 624 -10.86 -4.92 -20.76
C SER C 624 -9.87 -4.87 -21.92
N TYR C 625 -8.73 -5.54 -21.78
CA TYR C 625 -7.78 -5.64 -22.88
C TYR C 625 -8.23 -6.63 -23.95
N ASN C 626 -9.14 -7.55 -23.63
CA ASN C 626 -9.72 -8.42 -24.63
C ASN C 626 -10.86 -7.74 -25.38
N CYS C 627 -11.58 -6.83 -24.72
CA CYS C 627 -12.70 -6.16 -25.38
C CYS C 627 -12.26 -4.93 -26.16
N THR C 628 -11.46 -4.05 -25.54
CA THR C 628 -11.06 -2.82 -26.22
C THR C 628 -9.98 -3.09 -27.25
N VAL C 629 -8.83 -3.60 -26.80
CA VAL C 629 -7.84 -4.11 -27.73
C VAL C 629 -8.34 -5.46 -28.25
N GLY C 630 -7.94 -5.81 -29.48
CA GLY C 630 -8.34 -7.06 -30.09
C GLY C 630 -7.80 -8.27 -29.34
N PRO C 631 -8.49 -9.42 -29.48
CA PRO C 631 -8.06 -10.62 -28.75
C PRO C 631 -6.74 -11.20 -29.24
N GLY C 632 -6.31 -10.87 -30.44
CA GLY C 632 -5.02 -11.26 -30.96
C GLY C 632 -3.84 -10.66 -30.22
N PRO C 633 -3.65 -9.34 -30.33
CA PRO C 633 -2.46 -8.72 -29.72
C PRO C 633 -2.48 -8.64 -28.20
N THR C 634 -3.58 -8.97 -27.53
CA THR C 634 -3.58 -8.97 -26.08
C THR C 634 -3.12 -10.30 -25.49
N ALA C 635 -3.00 -11.35 -26.31
CA ALA C 635 -2.42 -12.61 -25.86
C ALA C 635 -0.91 -12.59 -25.93
N GLU C 636 -0.32 -11.73 -26.77
CA GLU C 636 1.12 -11.62 -26.86
C GLU C 636 1.74 -10.99 -25.62
N ILE C 637 1.01 -10.12 -24.92
CA ILE C 637 1.53 -9.51 -23.70
C ILE C 637 1.62 -10.54 -22.59
N LEU C 638 0.67 -11.49 -22.55
CA LEU C 638 0.75 -12.57 -21.58
C LEU C 638 1.73 -13.66 -22.03
N ASP C 639 1.89 -13.84 -23.34
CA ASP C 639 2.83 -14.82 -23.85
C ASP C 639 4.28 -14.37 -23.75
N GLN C 640 4.51 -13.07 -23.63
CA GLN C 640 5.86 -12.56 -23.38
C GLN C 640 6.28 -12.68 -21.92
N THR C 641 5.39 -13.14 -21.05
CA THR C 641 5.68 -13.35 -19.64
C THR C 641 5.58 -14.82 -19.24
N ASN C 642 4.50 -15.50 -19.65
CA ASN C 642 4.31 -16.90 -19.27
C ASN C 642 5.26 -17.83 -20.01
N ASN C 643 5.83 -17.41 -21.14
CA ASN C 643 6.82 -18.19 -21.85
C ASN C 643 8.19 -17.59 -21.58
N PRO C 644 9.15 -18.37 -21.05
CA PRO C 644 10.49 -17.82 -20.83
C PRO C 644 11.28 -17.61 -22.10
N LEU C 645 10.92 -18.29 -23.20
CA LEU C 645 11.63 -18.11 -24.46
C LEU C 645 11.31 -16.74 -25.07
N ALA C 646 10.06 -16.29 -24.95
CA ALA C 646 9.73 -14.94 -25.41
C ALA C 646 10.34 -13.88 -24.50
N HIS C 647 10.47 -14.19 -23.20
CA HIS C 647 11.13 -13.27 -22.29
C HIS C 647 12.63 -13.16 -22.56
N ALA C 648 13.24 -14.24 -23.06
CA ALA C 648 14.62 -14.14 -23.52
C ALA C 648 14.71 -13.44 -24.88
N ALA C 649 13.69 -13.61 -25.73
CA ALA C 649 13.72 -13.04 -27.06
C ALA C 649 13.52 -11.54 -27.06
N VAL C 650 12.75 -11.00 -26.12
CA VAL C 650 12.61 -9.54 -26.05
C VAL C 650 13.91 -8.88 -25.59
N ILE C 651 14.66 -9.54 -24.69
CA ILE C 651 15.95 -8.99 -24.29
C ILE C 651 16.99 -9.16 -25.39
N GLU C 652 16.90 -10.26 -26.16
CA GLU C 652 17.79 -10.43 -27.30
C GLU C 652 17.51 -9.40 -28.39
N SER C 653 16.24 -9.05 -28.61
CA SER C 653 15.90 -8.01 -29.58
C SER C 653 16.27 -6.62 -29.07
N TRP C 654 16.23 -6.40 -27.75
CA TRP C 654 16.68 -5.13 -27.20
C TRP C 654 18.20 -5.00 -27.27
N LEU C 655 18.92 -6.11 -27.17
CA LEU C 655 20.38 -6.07 -27.11
C LEU C 655 21.06 -6.29 -28.45
N THR C 656 20.32 -6.71 -29.49
CA THR C 656 20.92 -6.92 -30.81
C THR C 656 20.58 -5.83 -31.81
N ALA C 657 19.59 -4.99 -31.53
CA ALA C 657 19.20 -3.93 -32.45
C ALA C 657 20.11 -2.72 -32.31
N GLU C 658 20.26 -1.97 -33.40
CA GLU C 658 21.02 -0.73 -33.37
C GLU C 658 20.26 0.39 -32.67
N LYS C 659 18.93 0.27 -32.56
CA LYS C 659 18.11 1.20 -31.81
C LYS C 659 17.38 0.41 -30.73
N PRO C 660 17.61 0.70 -29.45
CA PRO C 660 16.91 -0.06 -28.40
C PRO C 660 15.42 0.24 -28.33
N SER C 661 15.03 1.47 -28.61
CA SER C 661 13.62 1.81 -28.74
C SER C 661 13.19 1.71 -30.19
N SER C 662 11.87 1.64 -30.38
CA SER C 662 11.21 1.59 -31.70
C SER C 662 11.68 0.39 -32.53
N VAL C 663 11.65 -0.80 -31.92
CA VAL C 663 11.96 -2.03 -32.62
C VAL C 663 10.66 -2.60 -33.19
N PRO C 664 10.62 -2.95 -34.49
CA PRO C 664 9.37 -3.45 -35.10
C PRO C 664 8.88 -4.79 -34.55
N VAL C 665 9.72 -5.82 -34.60
CA VAL C 665 9.34 -7.18 -34.20
C VAL C 665 10.39 -7.70 -33.24
N ALA C 666 9.93 -8.19 -32.08
CA ALA C 666 10.81 -8.80 -31.09
C ALA C 666 10.69 -10.32 -31.09
N VAL C 667 9.49 -10.85 -30.93
CA VAL C 667 9.24 -12.29 -30.93
C VAL C 667 8.42 -12.60 -32.18
N ASP C 668 9.09 -13.09 -33.22
CA ASP C 668 8.39 -13.55 -34.41
C ASP C 668 7.76 -14.91 -34.16
N ARG C 669 6.57 -15.12 -34.72
CA ARG C 669 5.83 -16.36 -34.52
C ARG C 669 6.16 -17.43 -35.57
N GLU C 670 7.32 -17.33 -36.20
CA GLU C 670 7.79 -18.37 -37.12
C GLU C 670 8.78 -19.32 -36.46
N LYS C 671 9.51 -18.86 -35.43
CA LYS C 671 10.44 -19.69 -34.68
C LYS C 671 9.93 -20.04 -33.29
N ILE C 672 9.31 -19.09 -32.60
CA ILE C 672 8.68 -19.34 -31.31
C ILE C 672 7.18 -19.13 -31.47
N PRO C 673 6.43 -20.13 -31.89
CA PRO C 673 5.00 -19.95 -32.18
C PRO C 673 4.18 -19.95 -30.90
N PHE C 674 2.86 -19.82 -31.06
CA PHE C 674 1.94 -19.82 -29.94
C PHE C 674 1.68 -21.24 -29.47
N GLY C 675 1.41 -21.37 -28.18
CA GLY C 675 1.15 -22.65 -27.56
C GLY C 675 2.22 -23.15 -26.61
N GLY C 676 3.14 -22.30 -26.17
CA GLY C 676 4.18 -22.71 -25.25
C GLY C 676 4.04 -22.09 -23.88
N SER C 677 2.82 -21.70 -23.53
CA SER C 677 2.55 -21.11 -22.22
C SER C 677 2.62 -22.18 -21.13
N ARG C 678 3.18 -21.82 -19.98
CA ARG C 678 3.36 -22.80 -18.92
C ARG C 678 2.06 -23.16 -18.18
N PRO C 679 1.21 -22.22 -17.73
CA PRO C 679 -0.04 -22.67 -17.09
C PRO C 679 -1.04 -23.26 -18.07
N VAL C 680 -1.02 -22.84 -19.34
CA VAL C 680 -1.91 -23.42 -20.34
C VAL C 680 -1.54 -24.87 -20.62
N ALA C 681 -0.24 -25.15 -20.77
CA ALA C 681 0.19 -26.53 -20.97
C ALA C 681 0.02 -27.36 -19.69
N MET C 682 0.14 -26.74 -18.52
CA MET C 682 -0.11 -27.47 -17.27
C MET C 682 -1.57 -27.85 -17.14
N PHE C 683 -2.49 -26.93 -17.49
CA PHE C 683 -3.92 -27.24 -17.46
C PHE C 683 -4.29 -28.26 -18.52
N ASP C 684 -3.64 -28.19 -19.70
CA ASP C 684 -3.90 -29.17 -20.75
C ASP C 684 -3.40 -30.55 -20.36
N HIS C 685 -2.26 -30.63 -19.66
CA HIS C 685 -1.75 -31.92 -19.18
C HIS C 685 -2.62 -32.48 -18.07
N LEU C 686 -3.09 -31.61 -17.16
CA LEU C 686 -3.96 -32.04 -16.07
C LEU C 686 -5.32 -32.49 -16.57
N LEU C 687 -5.80 -31.90 -17.67
CA LEU C 687 -7.04 -32.37 -18.28
C LEU C 687 -6.82 -33.58 -19.18
N GLU C 688 -5.60 -33.77 -19.68
CA GLU C 688 -5.30 -34.94 -20.50
C GLU C 688 -5.17 -36.20 -19.65
N CYS C 689 -4.64 -36.07 -18.43
CA CYS C 689 -4.63 -37.21 -17.53
C CYS C 689 -6.03 -37.57 -17.02
N SER C 690 -6.97 -36.63 -17.07
CA SER C 690 -8.36 -36.95 -16.76
C SER C 690 -9.01 -37.78 -17.86
N GLY C 691 -8.56 -37.63 -19.10
CA GLY C 691 -9.09 -38.40 -20.22
C GLY C 691 -9.83 -37.60 -21.26
N ILE C 692 -10.00 -36.29 -21.07
CA ILE C 692 -10.75 -35.46 -22.01
C ILE C 692 -9.83 -34.38 -22.58
N ALA C 693 -10.35 -33.60 -23.52
CA ALA C 693 -9.58 -32.52 -24.13
C ALA C 693 -10.53 -31.42 -24.56
N LEU C 694 -10.01 -30.18 -24.55
CA LEU C 694 -10.79 -28.99 -24.93
C LEU C 694 -10.37 -28.58 -26.34
N GLU C 695 -11.14 -29.02 -27.33
CA GLU C 695 -10.92 -28.67 -28.71
C GLU C 695 -12.27 -28.35 -29.36
N TYR C 696 -12.24 -28.06 -30.65
CA TYR C 696 -13.45 -27.76 -31.40
C TYR C 696 -13.26 -28.17 -32.86
N ALA C 697 -14.39 -28.41 -33.53
CA ALA C 697 -14.37 -28.83 -34.92
C ALA C 697 -15.69 -28.42 -35.57
N PRO C 698 -15.67 -27.90 -36.82
CA PRO C 698 -16.91 -27.50 -37.49
C PRO C 698 -17.76 -28.70 -37.93
N MET D 1 -22.11 53.43 -35.94
CA MET D 1 -21.75 53.46 -34.53
C MET D 1 -20.24 53.26 -34.35
N ASN D 2 -19.77 53.39 -33.11
CA ASN D 2 -18.37 53.19 -32.80
C ASN D 2 -18.08 51.74 -32.38
N LEU D 3 -18.51 50.80 -33.23
CA LEU D 3 -18.35 49.38 -32.97
C LEU D 3 -17.70 48.73 -34.18
N ASN D 4 -16.50 48.20 -34.00
CA ASN D 4 -15.81 47.53 -35.10
C ASN D 4 -16.43 46.17 -35.37
N ARG D 5 -16.33 45.72 -36.62
CA ARG D 5 -16.95 44.49 -37.08
C ARG D 5 -15.89 43.46 -37.43
N TYR D 6 -16.10 42.22 -36.99
CA TYR D 6 -15.19 41.12 -37.27
C TYR D 6 -15.98 39.95 -37.85
N LYS D 7 -15.38 39.26 -38.81
CA LYS D 7 -16.01 38.12 -39.44
C LYS D 7 -15.85 36.87 -38.58
N ALA D 8 -16.40 35.76 -39.05
CA ALA D 8 -16.32 34.50 -38.30
C ALA D 8 -14.96 33.84 -38.49
N ARG D 9 -14.57 33.58 -39.74
CA ARG D 9 -13.31 32.91 -40.01
C ARG D 9 -12.10 33.82 -39.96
N ASP D 10 -12.31 35.14 -39.88
CA ASP D 10 -11.17 36.06 -39.78
C ASP D 10 -10.53 35.99 -38.41
N LEU D 11 -11.34 35.84 -37.36
CA LEU D 11 -10.80 35.63 -36.02
C LEU D 11 -10.26 34.22 -35.82
N LEU D 12 -10.72 33.26 -36.62
CA LEU D 12 -10.23 31.89 -36.52
C LEU D 12 -8.89 31.72 -37.22
N ASN D 13 -8.68 32.41 -38.34
CA ASN D 13 -7.43 32.34 -39.07
C ASN D 13 -6.34 33.24 -38.49
N LEU D 14 -6.67 34.01 -37.44
CA LEU D 14 -5.68 34.86 -36.79
C LEU D 14 -4.70 34.02 -35.99
N SER D 15 -3.52 34.60 -35.75
CA SER D 15 -2.48 33.91 -34.99
C SER D 15 -2.83 33.88 -33.51
N TYR D 16 -2.11 33.03 -32.77
CA TYR D 16 -2.34 32.91 -31.34
C TYR D 16 -1.82 34.12 -30.58
N ASP D 17 -0.78 34.78 -31.11
CA ASP D 17 -0.26 35.98 -30.47
C ASP D 17 -1.11 37.20 -30.80
N ASP D 18 -1.66 37.26 -32.01
CA ASP D 18 -2.52 38.37 -32.41
C ASP D 18 -3.95 38.23 -31.87
N LEU D 19 -4.33 37.06 -31.37
CA LEU D 19 -5.66 36.89 -30.79
C LEU D 19 -5.77 37.60 -29.45
N TRP D 20 -4.75 37.49 -28.60
CA TRP D 20 -4.74 38.17 -27.32
C TRP D 20 -4.43 39.66 -27.44
N SER D 21 -3.93 40.11 -28.58
CA SER D 21 -3.62 41.52 -28.79
C SER D 21 -4.81 42.23 -29.47
N LEU D 22 -5.96 42.16 -28.80
CA LEU D 22 -7.18 42.78 -29.25
C LEU D 22 -7.55 43.95 -28.33
N PRO D 23 -8.08 45.04 -28.88
CA PRO D 23 -8.42 46.20 -28.04
C PRO D 23 -9.68 45.94 -27.23
N SER D 24 -9.75 46.61 -26.07
CA SER D 24 -10.87 46.47 -25.15
C SER D 24 -12.05 47.26 -25.69
N GLU D 25 -13.01 46.57 -26.28
CA GLU D 25 -14.14 47.23 -26.93
C GLU D 25 -15.30 46.27 -27.05
N TRP D 26 -16.49 46.83 -27.25
CA TRP D 26 -17.65 46.08 -27.71
C TRP D 26 -17.61 46.04 -29.23
N HIS D 27 -17.92 44.88 -29.80
CA HIS D 27 -17.72 44.71 -31.23
C HIS D 27 -18.79 43.81 -31.82
N LEU D 28 -19.04 44.00 -33.11
CA LEU D 28 -19.95 43.16 -33.88
C LEU D 28 -19.20 41.96 -34.42
N ILE D 29 -19.86 40.81 -34.38
CA ILE D 29 -19.32 39.57 -34.92
C ILE D 29 -20.34 39.03 -35.93
N GLU D 30 -19.91 38.93 -37.19
CA GLU D 30 -20.71 38.33 -38.24
C GLU D 30 -20.47 36.83 -38.29
N PHE D 31 -21.50 36.10 -38.70
CA PHE D 31 -21.43 34.65 -38.80
C PHE D 31 -21.79 34.22 -40.21
N ASP D 32 -21.69 32.90 -40.46
CA ASP D 32 -21.91 32.38 -41.81
C ASP D 32 -23.38 32.37 -42.18
N ASP D 33 -24.28 32.19 -41.21
CA ASP D 33 -25.71 32.31 -41.48
C ASP D 33 -26.12 33.77 -41.43
N GLY D 34 -27.41 34.03 -41.64
CA GLY D 34 -27.91 35.39 -41.66
C GLY D 34 -28.19 35.99 -40.30
N LYS D 35 -27.19 35.98 -39.42
CA LYS D 35 -27.30 36.55 -38.09
C LYS D 35 -25.97 37.16 -37.70
N THR D 36 -26.01 38.05 -36.71
CA THR D 36 -24.81 38.67 -36.18
C THR D 36 -25.03 38.99 -34.71
N VAL D 37 -23.94 39.00 -33.95
CA VAL D 37 -24.01 39.23 -32.50
C VAL D 37 -23.12 40.42 -32.14
N VAL D 38 -23.26 40.87 -30.90
CA VAL D 38 -22.38 41.86 -30.30
C VAL D 38 -21.74 41.24 -29.07
N SER D 39 -20.47 41.55 -28.83
CA SER D 39 -19.75 40.86 -27.76
C SER D 39 -18.58 41.71 -27.29
N VAL D 40 -18.03 41.30 -26.14
CA VAL D 40 -16.81 41.84 -25.55
C VAL D 40 -15.67 40.93 -26.00
N ASP D 41 -14.46 41.49 -26.09
CA ASP D 41 -13.31 40.75 -26.59
C ASP D 41 -12.90 39.61 -25.66
N ARG D 42 -13.14 39.76 -24.36
CA ARG D 42 -12.74 38.73 -23.40
C ARG D 42 -13.60 37.47 -23.48
N ILE D 43 -14.76 37.55 -24.12
CA ILE D 43 -15.62 36.40 -24.33
C ILE D 43 -15.36 35.75 -25.70
N THR D 44 -15.14 36.57 -26.73
CA THR D 44 -14.84 36.00 -28.04
C THR D 44 -13.43 35.43 -28.11
N LYS D 45 -12.53 35.83 -27.20
CA LYS D 45 -11.24 35.16 -27.11
C LYS D 45 -11.39 33.72 -26.66
N LEU D 46 -12.21 33.48 -25.62
CA LEU D 46 -12.51 32.13 -25.19
C LEU D 46 -13.32 31.38 -26.25
N SER D 47 -14.19 32.08 -26.98
CA SER D 47 -14.97 31.45 -28.04
C SER D 47 -14.09 30.96 -29.18
N VAL D 48 -13.12 31.77 -29.60
CA VAL D 48 -12.16 31.36 -30.62
C VAL D 48 -11.24 30.27 -30.09
N LEU D 49 -10.91 30.31 -28.79
CA LEU D 49 -10.09 29.26 -28.18
C LEU D 49 -10.82 27.92 -28.14
N CYS D 50 -12.14 27.93 -28.01
CA CYS D 50 -12.91 26.69 -28.09
C CYS D 50 -13.34 26.33 -29.52
N TRP D 51 -12.93 27.11 -30.52
CA TRP D 51 -13.24 26.80 -31.91
C TRP D 51 -12.07 26.12 -32.63
N TYR D 52 -11.25 25.35 -31.92
CA TYR D 52 -10.07 24.70 -32.49
C TYR D 52 -10.35 23.63 -33.56
N PRO D 53 -11.37 22.74 -33.46
CA PRO D 53 -11.60 21.82 -34.59
C PRO D 53 -12.12 22.50 -35.85
N LEU D 54 -12.66 23.71 -35.76
CA LEU D 54 -13.08 24.43 -36.96
C LEU D 54 -11.92 25.01 -37.75
N LYS D 55 -10.70 25.01 -37.19
CA LYS D 55 -9.54 25.55 -37.90
C LYS D 55 -9.03 24.59 -38.97
N HIS D 56 -9.20 23.28 -38.77
CA HIS D 56 -8.75 22.31 -39.74
C HIS D 56 -9.66 22.21 -40.95
N TYR D 57 -10.93 22.56 -40.80
CA TYR D 57 -11.91 22.53 -41.89
C TYR D 57 -12.33 23.97 -42.18
N LYS D 58 -11.71 24.56 -43.18
CA LYS D 58 -11.93 25.97 -43.53
C LYS D 58 -13.03 26.15 -44.57
N ASP D 59 -13.97 25.23 -44.66
CA ASP D 59 -15.07 25.33 -45.61
C ASP D 59 -16.46 25.15 -45.00
N CYS D 60 -16.55 24.74 -43.72
CA CYS D 60 -17.85 24.52 -43.12
C CYS D 60 -18.43 25.85 -42.59
N PRO D 61 -19.76 26.00 -42.63
CA PRO D 61 -20.37 27.21 -42.09
C PRO D 61 -20.42 27.18 -40.57
N ILE D 62 -20.22 28.35 -39.96
CA ILE D 62 -20.25 28.51 -38.51
C ILE D 62 -21.56 29.22 -38.16
N PRO D 63 -22.48 28.56 -37.46
CA PRO D 63 -23.73 29.22 -37.07
C PRO D 63 -23.50 30.17 -35.90
N SER D 64 -24.56 30.94 -35.61
CA SER D 64 -24.50 31.93 -34.55
C SER D 64 -24.64 31.33 -33.15
N ASP D 65 -25.03 30.06 -33.04
CA ASP D 65 -25.18 29.42 -31.74
C ASP D 65 -23.87 28.93 -31.15
N HIS D 66 -22.75 29.08 -31.86
CA HIS D 66 -21.45 28.66 -31.35
C HIS D 66 -20.86 29.65 -30.37
N HIS D 67 -21.37 30.88 -30.33
CA HIS D 67 -20.84 31.89 -29.44
C HIS D 67 -21.45 31.74 -28.05
N ILE D 68 -20.71 32.21 -27.04
CA ILE D 68 -21.18 32.17 -25.66
C ILE D 68 -22.29 33.19 -25.44
N ASP D 69 -22.34 34.25 -26.25
CA ASP D 69 -23.30 35.32 -26.07
C ASP D 69 -24.30 35.35 -27.23
N PHE D 70 -24.82 34.19 -27.59
CA PHE D 70 -25.76 34.07 -28.71
C PHE D 70 -27.12 34.71 -28.43
N ASN D 71 -27.41 35.08 -27.19
CA ASN D 71 -28.67 35.77 -26.90
C ASN D 71 -28.70 37.17 -27.49
N ARG D 72 -27.55 37.84 -27.55
CA ARG D 72 -27.46 39.17 -28.14
C ARG D 72 -27.52 39.05 -29.65
N ILE D 73 -28.59 39.57 -30.26
CA ILE D 73 -28.78 39.55 -31.70
C ILE D 73 -29.07 40.98 -32.15
N LEU D 74 -28.25 41.48 -33.07
CA LEU D 74 -28.42 42.85 -33.57
C LEU D 74 -29.62 42.91 -34.50
N THR D 75 -30.69 43.56 -34.05
CA THR D 75 -31.88 43.79 -34.84
C THR D 75 -32.01 45.27 -35.18
N ASP D 76 -33.12 45.63 -35.83
CA ASP D 76 -33.36 47.02 -36.18
C ASP D 76 -33.77 47.85 -34.97
N ASN D 77 -34.40 47.24 -33.97
CA ASN D 77 -34.76 47.93 -32.75
C ASN D 77 -33.74 47.64 -31.64
N PRO D 78 -33.37 48.63 -30.83
CA PRO D 78 -32.36 48.41 -29.80
C PRO D 78 -32.88 47.75 -28.52
N LYS D 79 -34.15 47.36 -28.47
CA LYS D 79 -34.73 46.80 -27.26
C LYS D 79 -34.31 45.36 -26.99
N ASP D 80 -33.70 44.68 -27.96
CA ASP D 80 -33.34 43.28 -27.80
C ASP D 80 -31.87 43.06 -27.44
N TYR D 81 -31.05 44.11 -27.44
CA TYR D 81 -29.65 43.96 -27.10
C TYR D 81 -29.12 45.09 -26.21
N LEU D 82 -29.98 45.92 -25.62
CA LEU D 82 -29.50 47.02 -24.80
C LEU D 82 -29.07 46.53 -23.42
N ASN D 83 -29.99 45.95 -22.67
CA ASN D 83 -29.71 45.45 -21.31
C ASN D 83 -30.23 44.02 -21.29
N VAL D 84 -29.39 43.09 -21.76
CA VAL D 84 -29.69 41.66 -21.70
C VAL D 84 -28.53 40.95 -21.02
N GLU D 85 -28.78 39.71 -20.62
CA GLU D 85 -27.77 38.88 -19.97
C GLU D 85 -27.28 37.82 -20.96
N GLY D 86 -25.95 37.66 -21.03
CA GLY D 86 -25.37 36.69 -21.92
C GLY D 86 -25.28 35.30 -21.32
N GLY D 87 -24.21 34.58 -21.63
CA GLY D 87 -24.00 33.24 -21.11
C GLY D 87 -22.95 33.24 -20.00
N ARG D 88 -23.17 32.40 -19.00
CA ARG D 88 -22.24 32.25 -17.89
C ARG D 88 -21.15 31.25 -18.26
N VAL D 89 -19.91 31.61 -17.99
CA VAL D 89 -18.79 30.72 -18.27
C VAL D 89 -18.79 29.60 -17.25
N THR D 90 -18.86 28.36 -17.73
CA THR D 90 -18.94 27.18 -16.89
C THR D 90 -17.96 26.15 -17.42
N SER D 91 -17.52 25.24 -16.54
CA SER D 91 -16.65 24.14 -16.96
C SER D 91 -17.37 23.19 -17.90
N LYS D 92 -18.69 23.07 -17.77
CA LYS D 92 -19.47 22.26 -18.70
C LYS D 92 -19.84 23.02 -19.98
N ALA D 93 -19.86 24.35 -19.93
CA ALA D 93 -20.27 25.14 -21.08
C ALA D 93 -19.23 25.09 -22.19
N MET D 94 -17.95 25.09 -21.83
CA MET D 94 -16.89 24.99 -22.84
C MET D 94 -16.88 23.60 -23.49
N VAL D 95 -17.18 22.57 -22.71
CA VAL D 95 -17.29 21.22 -23.25
C VAL D 95 -18.50 21.11 -24.18
N LYS D 96 -19.61 21.77 -23.81
CA LYS D 96 -20.79 21.77 -24.66
C LYS D 96 -20.56 22.54 -25.96
N HIS D 97 -19.81 23.64 -25.90
CA HIS D 97 -19.51 24.38 -27.12
C HIS D 97 -18.50 23.64 -28.00
N LEU D 98 -17.56 22.91 -27.40
CA LEU D 98 -16.69 22.04 -28.19
C LEU D 98 -17.47 20.91 -28.84
N ASN D 99 -18.48 20.38 -28.13
CA ASN D 99 -19.34 19.35 -28.70
C ASN D 99 -20.18 19.90 -29.86
N LYS D 100 -20.66 21.14 -29.72
CA LYS D 100 -21.37 21.79 -30.82
C LYS D 100 -20.47 22.03 -32.02
N ALA D 101 -19.22 22.42 -31.77
CA ALA D 101 -18.26 22.62 -32.86
C ALA D 101 -17.87 21.31 -33.52
N ILE D 102 -17.89 20.20 -32.77
CA ILE D 102 -17.61 18.90 -33.37
C ILE D 102 -18.77 18.44 -34.25
N TRP D 103 -20.00 18.50 -33.72
CA TRP D 103 -21.14 18.03 -34.49
C TRP D 103 -21.54 18.99 -35.61
N ASN D 104 -21.04 20.23 -35.60
CA ASN D 104 -21.23 21.10 -36.75
C ASN D 104 -20.43 20.60 -37.95
N ILE D 105 -19.19 20.16 -37.71
CA ILE D 105 -18.39 19.57 -38.79
C ILE D 105 -18.93 18.19 -39.15
N TYR D 106 -19.51 17.48 -38.18
CA TYR D 106 -20.04 16.14 -38.46
C TYR D 106 -21.26 16.19 -39.37
N ASP D 107 -22.13 17.18 -39.19
CA ASP D 107 -23.28 17.36 -40.06
C ASP D 107 -23.03 18.37 -41.18
N TRP D 108 -21.79 18.82 -41.36
CA TRP D 108 -21.46 19.63 -42.52
C TRP D 108 -21.45 18.78 -43.79
N SER D 109 -20.61 17.75 -43.81
CA SER D 109 -20.65 16.74 -44.85
C SER D 109 -21.70 15.69 -44.49
N GLY D 110 -22.13 14.93 -45.50
CA GLY D 110 -23.23 14.03 -45.25
C GLY D 110 -22.81 12.68 -44.71
N GLU D 111 -22.81 12.57 -43.38
CA GLU D 111 -22.66 11.32 -42.62
C GLU D 111 -21.38 10.55 -42.94
N THR D 112 -20.34 11.23 -43.40
CA THR D 112 -19.03 10.58 -43.63
C THR D 112 -17.91 11.42 -42.98
N VAL D 113 -17.77 11.24 -41.67
CA VAL D 113 -16.65 11.78 -40.89
C VAL D 113 -16.20 10.68 -39.95
N ASP D 114 -14.89 10.48 -39.85
CA ASP D 114 -14.34 9.56 -38.85
C ASP D 114 -14.49 10.18 -37.47
N PRO D 115 -15.24 9.56 -36.55
CA PRO D 115 -15.46 10.20 -35.24
C PRO D 115 -14.25 10.19 -34.33
N GLU D 116 -13.28 9.30 -34.57
CA GLU D 116 -12.07 9.30 -33.74
C GLU D 116 -11.18 10.50 -34.02
N VAL D 117 -11.20 11.01 -35.27
CA VAL D 117 -10.44 12.21 -35.60
C VAL D 117 -11.04 13.42 -34.88
N LEU D 118 -12.37 13.52 -34.85
CA LEU D 118 -13.02 14.61 -34.12
C LEU D 118 -12.85 14.45 -32.62
N SER D 119 -12.82 13.22 -32.12
CA SER D 119 -12.60 12.99 -30.69
C SER D 119 -11.17 13.32 -30.29
N LYS D 120 -10.21 13.16 -31.20
CA LYS D 120 -8.85 13.63 -30.94
C LYS D 120 -8.73 15.14 -31.07
N LEU D 121 -9.49 15.74 -31.99
CA LEU D 121 -9.48 17.20 -32.12
C LEU D 121 -10.11 17.86 -30.90
N ALA D 122 -11.06 17.20 -30.24
CA ALA D 122 -11.67 17.75 -29.03
C ALA D 122 -10.66 17.84 -27.89
N ILE D 123 -9.90 16.76 -27.64
CA ILE D 123 -8.92 16.79 -26.56
C ILE D 123 -7.72 17.65 -26.94
N GLU D 124 -7.42 17.77 -28.25
CA GLU D 124 -6.37 18.70 -28.66
C GLU D 124 -6.80 20.16 -28.45
N GLY D 125 -8.07 20.47 -28.71
CA GLY D 125 -8.56 21.81 -28.44
C GLY D 125 -8.64 22.12 -26.97
N LYS D 126 -8.97 21.12 -26.14
CA LYS D 126 -8.98 21.31 -24.70
C LYS D 126 -7.56 21.52 -24.17
N ASN D 127 -6.58 20.80 -24.72
CA ASN D 127 -5.19 20.98 -24.32
C ASN D 127 -4.66 22.35 -24.75
N TRP D 128 -5.03 22.81 -25.95
CA TRP D 128 -4.63 24.13 -26.40
C TRP D 128 -5.30 25.23 -25.58
N LEU D 129 -6.55 25.01 -25.19
CA LEU D 129 -7.26 25.96 -24.32
C LEU D 129 -6.61 26.04 -22.95
N TYR D 130 -6.19 24.90 -22.40
CA TYR D 130 -5.51 24.90 -21.11
C TYR D 130 -4.14 25.57 -21.20
N ASN D 131 -3.37 25.27 -22.26
CA ASN D 131 -2.06 25.86 -22.43
C ASN D 131 -2.12 27.34 -22.75
N GLN D 132 -3.23 27.83 -23.31
CA GLN D 132 -3.37 29.26 -23.54
C GLN D 132 -3.92 30.00 -22.34
N THR D 133 -4.82 29.38 -21.57
CA THR D 133 -5.39 30.03 -20.39
C THR D 133 -4.47 29.96 -19.18
N THR D 134 -3.47 29.07 -19.19
CA THR D 134 -2.55 29.02 -18.07
C THR D 134 -1.45 30.08 -18.19
N VAL D 135 -0.88 30.23 -19.38
CA VAL D 135 0.26 31.13 -19.55
C VAL D 135 -0.21 32.58 -19.65
N LYS D 136 -1.19 32.85 -20.52
CA LYS D 136 -1.60 34.22 -20.79
C LYS D 136 -2.40 34.84 -19.65
N LEU D 137 -3.06 34.04 -18.84
CA LEU D 137 -3.85 34.53 -17.71
C LEU D 137 -3.10 34.18 -16.43
N SER D 138 -2.17 35.06 -16.03
CA SER D 138 -1.44 34.92 -14.80
C SER D 138 -1.63 36.08 -13.83
N GLU D 139 -2.09 37.24 -14.32
CA GLU D 139 -2.38 38.36 -13.44
C GLU D 139 -3.74 38.23 -12.77
N TYR D 140 -4.63 37.40 -13.31
CA TYR D 140 -5.98 37.24 -12.78
C TYR D 140 -6.05 35.90 -12.05
N LEU D 141 -5.64 35.90 -10.78
CA LEU D 141 -5.67 34.74 -9.93
C LEU D 141 -6.71 34.93 -8.84
N ALA D 142 -7.60 33.95 -8.68
CA ALA D 142 -8.60 34.03 -7.63
C ALA D 142 -7.97 33.79 -6.27
N THR D 143 -8.51 34.45 -5.25
CA THR D 143 -7.96 34.38 -3.91
C THR D 143 -9.09 34.24 -2.90
N LEU D 144 -8.70 33.98 -1.65
CA LEU D 144 -9.65 33.86 -0.55
C LEU D 144 -8.97 34.34 0.72
N SER D 145 -9.64 35.22 1.45
CA SER D 145 -9.10 35.76 2.69
C SER D 145 -10.24 35.96 3.67
N MET D 146 -9.93 36.61 4.79
CA MET D 146 -10.95 36.96 5.78
C MET D 146 -11.89 38.03 5.26
N PHE D 147 -11.39 38.91 4.38
CA PHE D 147 -12.21 39.97 3.79
C PHE D 147 -13.29 39.40 2.89
N ASP D 148 -13.02 38.29 2.19
CA ASP D 148 -14.04 37.66 1.35
C ASP D 148 -15.13 37.02 2.18
N ILE D 149 -14.81 36.59 3.41
CA ILE D 149 -15.84 36.08 4.32
C ILE D 149 -16.65 37.23 4.89
N ALA D 150 -15.98 38.32 5.28
CA ALA D 150 -16.67 39.46 5.89
C ALA D 150 -17.48 40.26 4.89
N GLU D 151 -17.19 40.14 3.59
CA GLU D 151 -17.99 40.84 2.58
C GLU D 151 -19.37 40.20 2.43
N VAL D 152 -19.43 38.87 2.46
CA VAL D 152 -20.70 38.18 2.32
C VAL D 152 -21.42 38.00 3.66
N TYR D 153 -20.67 37.96 4.77
CA TYR D 153 -21.31 37.77 6.07
C TYR D 153 -22.04 39.03 6.53
N ASN D 154 -21.52 40.20 6.20
CA ASN D 154 -22.07 41.46 6.67
C ASN D 154 -23.25 41.97 5.83
N HIS D 155 -23.81 41.13 4.96
CA HIS D 155 -24.98 41.54 4.20
C HIS D 155 -26.22 41.50 5.09
N PRO D 156 -27.11 42.50 5.00
CA PRO D 156 -28.28 42.52 5.89
C PRO D 156 -29.31 41.45 5.58
N LYS D 157 -29.43 41.02 4.32
CA LYS D 157 -30.38 39.97 3.98
C LYS D 157 -29.93 38.60 4.49
N VAL D 158 -28.62 38.41 4.69
CA VAL D 158 -28.14 37.16 5.27
C VAL D 158 -28.28 37.19 6.79
N ARG D 159 -28.00 38.35 7.40
CA ARG D 159 -28.12 38.48 8.85
C ARG D 159 -29.58 38.50 9.31
N GLU D 160 -30.52 38.90 8.45
CA GLU D 160 -31.92 38.85 8.80
C GLU D 160 -32.47 37.43 8.79
N ALA D 161 -31.86 36.53 8.02
CA ALA D 161 -32.31 35.15 7.94
C ALA D 161 -31.77 34.28 9.08
N ASN D 162 -30.91 34.82 9.93
CA ASN D 162 -30.37 34.07 11.06
C ASN D 162 -30.95 34.50 12.40
N HIS D 163 -31.72 35.58 12.45
CA HIS D 163 -32.35 36.06 13.67
C HIS D 163 -33.85 35.94 13.56
N ASN D 164 -34.49 35.62 14.71
CA ASN D 164 -35.94 35.41 14.84
C ASN D 164 -36.42 34.32 13.89
N ILE D 165 -35.85 33.12 14.07
CA ILE D 165 -36.18 31.95 13.26
C ILE D 165 -36.60 30.84 14.20
N GLU D 166 -37.80 30.32 14.01
CA GLU D 166 -38.30 29.24 14.85
C GLU D 166 -37.60 27.93 14.49
N PRO D 167 -37.30 27.08 15.49
CA PRO D 167 -36.66 25.78 15.19
C PRO D 167 -37.65 24.76 14.62
N THR D 168 -37.94 24.91 13.34
CA THR D 168 -38.89 24.07 12.64
C THR D 168 -38.30 23.77 11.26
N THR D 169 -38.62 22.59 10.72
CA THR D 169 -38.11 22.21 9.40
C THR D 169 -38.66 23.13 8.31
N TYR D 170 -39.94 23.53 8.43
CA TYR D 170 -40.49 24.53 7.52
C TYR D 170 -39.88 25.91 7.79
N GLY D 171 -39.57 26.22 9.04
CA GLY D 171 -38.98 27.50 9.37
C GLY D 171 -37.51 27.63 9.02
N ILE D 172 -36.84 26.53 8.68
CA ILE D 172 -35.43 26.54 8.33
C ILE D 172 -35.22 26.27 6.85
N GLU D 173 -35.79 25.18 6.34
CA GLU D 173 -35.55 24.78 4.95
C GLU D 173 -36.32 25.65 3.95
N LYS D 174 -37.49 26.16 4.35
CA LYS D 174 -38.32 26.97 3.46
C LYS D 174 -38.24 28.46 3.77
N ILE D 175 -38.25 28.84 5.05
CA ILE D 175 -38.27 30.24 5.43
C ILE D 175 -36.85 30.81 5.54
N SER D 176 -35.99 30.15 6.31
CA SER D 176 -34.65 30.67 6.54
C SER D 176 -33.74 30.46 5.34
N TYR D 177 -33.86 29.32 4.66
CA TYR D 177 -33.02 29.06 3.50
C TYR D 177 -33.48 29.82 2.26
N GLY D 178 -34.77 30.15 2.18
CA GLY D 178 -35.27 30.85 1.02
C GLY D 178 -34.80 32.29 0.93
N LYS D 179 -34.70 32.96 2.09
CA LYS D 179 -34.29 34.37 2.12
C LYS D 179 -32.82 34.56 1.77
N VAL D 180 -31.99 33.53 1.92
CA VAL D 180 -30.60 33.61 1.50
C VAL D 180 -30.40 32.98 0.10
N LYS D 181 -31.26 32.03 -0.30
CA LYS D 181 -31.20 31.52 -1.66
C LYS D 181 -31.74 32.51 -2.67
N GLU D 182 -32.58 33.46 -2.26
CA GLU D 182 -33.05 34.50 -3.17
C GLU D 182 -32.03 35.62 -3.33
N VAL D 183 -31.05 35.73 -2.44
CA VAL D 183 -30.01 36.74 -2.57
C VAL D 183 -28.70 36.15 -3.12
N PHE D 184 -28.51 34.83 -3.00
CA PHE D 184 -27.38 34.20 -3.71
C PHE D 184 -27.59 34.19 -5.22
N ASN D 185 -28.83 34.13 -5.67
CA ASN D 185 -29.15 34.12 -7.10
C ASN D 185 -29.21 35.51 -7.71
N ASP D 186 -29.07 36.56 -6.91
CA ASP D 186 -29.10 37.92 -7.42
C ASP D 186 -27.76 38.25 -8.08
N PRO D 187 -27.75 38.58 -9.37
CA PRO D 187 -26.48 38.89 -10.04
C PRO D 187 -25.99 40.31 -9.86
N THR D 188 -26.74 41.17 -9.16
CA THR D 188 -26.39 42.57 -8.98
C THR D 188 -26.08 42.91 -7.53
N GLN D 189 -25.69 41.93 -6.72
CA GLN D 189 -25.38 42.16 -5.31
C GLN D 189 -23.92 41.93 -4.98
N PHE D 190 -23.38 40.77 -5.32
CA PHE D 190 -21.99 40.42 -5.02
C PHE D 190 -21.20 40.41 -6.33
N ILE D 191 -20.62 41.55 -6.66
CA ILE D 191 -19.81 41.71 -7.87
C ILE D 191 -18.36 41.84 -7.43
N GLY D 192 -17.56 40.83 -7.72
CA GLY D 192 -16.15 40.81 -7.35
C GLY D 192 -15.79 39.84 -6.26
N ASN D 193 -16.77 39.36 -5.49
CA ASN D 193 -16.48 38.37 -4.47
C ASN D 193 -16.26 37.01 -5.11
N SER D 194 -15.18 36.34 -4.71
CA SER D 194 -14.79 35.09 -5.35
C SER D 194 -15.70 33.92 -4.98
N ILE D 195 -16.35 33.97 -3.81
CA ILE D 195 -17.18 32.85 -3.39
C ILE D 195 -18.51 32.84 -4.14
N ILE D 196 -19.13 34.00 -4.30
CA ILE D 196 -20.41 34.07 -5.01
C ILE D 196 -20.19 33.89 -6.51
N GLU D 197 -19.09 34.43 -7.05
CA GLU D 197 -18.80 34.25 -8.47
C GLU D 197 -18.37 32.81 -8.78
N GLY D 198 -17.80 32.11 -7.79
CA GLY D 198 -17.57 30.68 -7.96
C GLY D 198 -18.82 29.84 -7.75
N LEU D 199 -19.77 30.34 -6.97
CA LEU D 199 -21.04 29.65 -6.80
C LEU D 199 -21.89 29.74 -8.06
N ARG D 200 -21.92 30.91 -8.70
CA ARG D 200 -22.68 31.07 -9.93
C ARG D 200 -22.04 30.37 -11.12
N SER D 201 -20.75 30.05 -11.04
CA SER D 201 -20.03 29.41 -12.13
C SER D 201 -20.02 27.89 -12.03
N GLY D 202 -20.75 27.32 -11.06
CA GLY D 202 -20.85 25.88 -10.94
C GLY D 202 -19.68 25.20 -10.26
N THR D 203 -18.80 25.94 -9.61
CA THR D 203 -17.69 25.33 -8.88
C THR D 203 -18.06 25.03 -7.44
N GLN D 204 -18.50 26.05 -6.70
CA GLN D 204 -18.96 25.87 -5.33
C GLN D 204 -20.44 25.51 -5.33
N LYS D 205 -20.81 24.59 -4.46
CA LYS D 205 -22.20 24.14 -4.36
C LYS D 205 -22.95 24.96 -3.32
N THR D 206 -24.24 25.22 -3.60
CA THR D 206 -25.06 25.98 -2.68
C THR D 206 -25.55 25.16 -1.50
N GLU D 207 -25.48 23.83 -1.57
CA GLU D 207 -25.89 22.99 -0.45
C GLU D 207 -24.88 23.06 0.69
N GLN D 208 -23.61 23.33 0.40
CA GLN D 208 -22.59 23.46 1.41
C GLN D 208 -22.47 24.87 1.96
N LEU D 209 -23.16 25.84 1.35
CA LEU D 209 -23.11 27.22 1.82
C LEU D 209 -24.26 27.54 2.77
N LEU D 210 -25.38 26.82 2.67
CA LEU D 210 -26.48 27.01 3.60
C LEU D 210 -26.19 26.43 4.98
N GLN D 211 -25.25 25.50 5.07
CA GLN D 211 -24.84 24.96 6.36
C GLN D 211 -23.73 25.77 7.02
N ALA D 212 -23.30 26.86 6.41
CA ALA D 212 -22.26 27.72 6.96
C ALA D 212 -22.74 29.14 7.22
N PHE D 213 -23.38 29.77 6.24
CA PHE D 213 -23.89 31.13 6.40
C PHE D 213 -25.30 31.18 6.94
N ALA D 214 -25.98 30.03 7.01
CA ALA D 214 -27.33 29.97 7.59
C ALA D 214 -27.39 28.90 8.66
N TRP D 215 -28.59 28.58 9.14
CA TRP D 215 -28.77 27.63 10.22
C TRP D 215 -28.58 26.21 9.70
N ARG D 216 -27.66 25.47 10.32
CA ARG D 216 -27.52 24.04 10.05
C ARG D 216 -28.73 23.30 10.60
N GLY D 217 -29.28 22.39 9.80
CA GLY D 217 -30.53 21.77 10.18
C GLY D 217 -30.54 20.26 10.26
N PHE D 218 -30.74 19.75 11.48
CA PHE D 218 -31.06 18.37 11.83
C PHE D 218 -30.06 17.32 11.33
N PRO D 219 -28.87 17.21 11.92
CA PRO D 219 -28.03 16.04 11.62
C PRO D 219 -28.60 14.79 12.26
N THR D 220 -28.23 13.65 11.69
CA THR D 220 -28.83 12.37 12.05
C THR D 220 -27.83 11.49 12.80
N ASP D 221 -28.33 10.35 13.27
CA ASP D 221 -27.56 9.36 14.00
C ASP D 221 -26.99 8.34 13.01
N ILE D 222 -26.49 7.21 13.54
CA ILE D 222 -26.10 6.09 12.68
C ILE D 222 -27.31 5.57 11.90
N ASN D 223 -28.39 5.25 12.62
CA ASN D 223 -29.66 4.96 11.97
C ASN D 223 -30.31 6.26 11.50
N SER D 224 -31.34 6.13 10.67
CA SER D 224 -32.01 7.28 10.07
C SER D 224 -33.08 7.86 11.02
N ASP D 225 -32.61 8.32 12.18
CA ASP D 225 -33.45 8.93 13.20
C ASP D 225 -33.02 10.38 13.36
N ILE D 226 -33.96 11.30 13.13
CA ILE D 226 -33.70 12.73 13.29
C ILE D 226 -33.84 13.10 14.76
N PHE D 227 -33.36 14.29 15.12
CA PHE D 227 -33.43 14.79 16.49
C PHE D 227 -34.51 15.86 16.59
N LYS D 228 -34.93 16.11 17.83
CA LYS D 228 -36.02 17.05 18.08
C LYS D 228 -35.54 18.49 17.99
N TYR D 229 -34.49 18.83 18.73
CA TYR D 229 -33.99 20.20 18.77
C TYR D 229 -32.77 20.33 17.87
N PRO D 230 -32.79 21.23 16.88
CA PRO D 230 -31.64 21.34 15.97
C PRO D 230 -30.56 22.27 16.50
N VAL D 231 -29.44 22.34 15.77
CA VAL D 231 -28.33 23.22 16.14
C VAL D 231 -28.63 24.63 15.66
N THR D 232 -28.37 25.62 16.52
CA THR D 232 -28.74 27.00 16.23
C THR D 232 -27.74 27.66 15.28
N THR D 233 -26.45 27.47 15.51
CA THR D 233 -25.42 28.17 14.77
C THR D 233 -25.02 27.40 13.52
N GLY D 234 -24.18 28.04 12.69
CA GLY D 234 -23.69 27.43 11.47
C GLY D 234 -22.22 27.06 11.56
N TYR D 235 -21.48 27.25 10.46
CA TYR D 235 -20.06 26.93 10.42
C TYR D 235 -19.16 28.16 10.45
N ILE D 236 -19.66 29.32 10.04
CA ILE D 236 -18.88 30.55 10.19
C ILE D 236 -18.81 30.94 11.66
N ASP D 237 -19.96 31.17 12.28
CA ASP D 237 -20.06 31.21 13.74
C ASP D 237 -20.27 29.76 14.21
N GLY D 238 -19.24 29.19 14.81
CA GLY D 238 -19.16 27.76 15.01
C GLY D 238 -20.10 27.23 16.06
N ILE D 239 -20.10 25.91 16.17
CA ILE D 239 -20.93 25.20 17.14
C ILE D 239 -20.13 25.01 18.42
N TRP D 240 -20.65 25.50 19.54
CA TRP D 240 -19.90 25.49 20.79
C TRP D 240 -20.72 25.00 21.97
N ASN D 241 -21.92 24.48 21.76
CA ASN D 241 -22.65 23.78 22.80
C ASN D 241 -22.35 22.29 22.71
N LEU D 242 -22.35 21.62 23.86
CA LEU D 242 -21.96 20.20 23.90
C LEU D 242 -22.99 19.32 23.23
N TYR D 243 -24.28 19.61 23.43
CA TYR D 243 -25.35 18.82 22.84
C TYR D 243 -25.39 18.97 21.31
N GLU D 244 -25.26 20.21 20.84
CA GLU D 244 -25.30 20.48 19.40
C GLU D 244 -24.05 19.95 18.70
N ASN D 245 -22.88 20.09 19.32
CA ASN D 245 -21.66 19.56 18.72
C ASN D 245 -21.63 18.03 18.78
N MET D 246 -22.25 17.44 19.80
CA MET D 246 -22.34 15.98 19.84
C MET D 246 -23.29 15.44 18.79
N ILE D 247 -24.35 16.19 18.46
CA ILE D 247 -25.18 15.81 17.32
C ILE D 247 -24.42 15.99 16.01
N GLU D 248 -23.67 17.09 15.89
CA GLU D 248 -22.90 17.38 14.67
C GLU D 248 -21.80 16.36 14.43
N SER D 249 -21.20 15.82 15.50
CA SER D 249 -20.18 14.80 15.37
C SER D 249 -20.70 13.49 14.83
N ARG D 250 -22.01 13.23 14.95
CA ARG D 250 -22.61 12.03 14.39
C ARG D 250 -22.91 12.16 12.90
N SER D 251 -22.75 13.35 12.32
CA SER D 251 -22.94 13.52 10.89
C SER D 251 -21.79 12.92 10.09
N GLY D 252 -20.59 12.92 10.65
CA GLY D 252 -19.44 12.32 10.01
C GLY D 252 -19.19 10.88 10.37
N THR D 253 -20.09 10.26 11.15
CA THR D 253 -19.92 8.87 11.52
C THR D 253 -20.37 7.92 10.39
N LYS D 254 -21.32 8.34 9.57
CA LYS D 254 -21.79 7.52 8.46
C LYS D 254 -20.87 7.57 7.26
N ALA D 255 -19.86 8.44 7.26
CA ALA D 255 -18.91 8.54 6.16
C ALA D 255 -17.74 7.57 6.31
N LEU D 256 -17.78 6.68 7.29
CA LEU D 256 -16.71 5.72 7.52
C LEU D 256 -17.16 4.27 7.41
N LEU D 257 -18.45 4.00 7.22
CA LEU D 257 -18.96 2.65 7.05
C LEU D 257 -18.63 2.18 5.64
N TYR D 258 -17.40 1.70 5.48
CA TYR D 258 -16.84 1.33 4.18
C TYR D 258 -16.26 -0.08 4.23
N ASN D 259 -17.06 -1.03 4.71
CA ASN D 259 -16.65 -2.42 4.82
C ASN D 259 -16.39 -3.04 3.45
N LYS D 260 -15.51 -4.04 3.43
CA LYS D 260 -15.01 -4.63 2.19
C LYS D 260 -16.03 -5.51 1.49
N GLU D 261 -17.13 -5.87 2.16
CA GLU D 261 -18.16 -6.70 1.53
C GLU D 261 -18.87 -5.96 0.41
N LEU D 262 -19.02 -4.64 0.54
CA LEU D 262 -19.66 -3.85 -0.50
C LEU D 262 -18.79 -3.77 -1.76
N LEU D 263 -17.49 -3.50 -1.58
CA LEU D 263 -16.57 -3.50 -2.71
C LEU D 263 -16.35 -4.88 -3.29
N ARG D 264 -16.57 -5.93 -2.50
CA ARG D 264 -16.53 -7.29 -3.06
C ARG D 264 -17.78 -7.59 -3.88
N VAL D 265 -18.96 -7.17 -3.40
CA VAL D 265 -20.18 -7.56 -4.08
C VAL D 265 -20.42 -6.71 -5.32
N THR D 266 -19.91 -5.46 -5.38
CA THR D 266 -20.05 -4.72 -6.63
C THR D 266 -19.10 -5.26 -7.72
N GLU D 267 -17.93 -5.77 -7.33
CA GLU D 267 -17.05 -6.41 -8.29
C GLU D 267 -17.61 -7.76 -8.73
N TYR D 268 -18.29 -8.48 -7.82
CA TYR D 268 -18.96 -9.72 -8.20
C TYR D 268 -20.12 -9.44 -9.15
N PHE D 269 -20.83 -8.33 -8.95
CA PHE D 269 -21.92 -7.95 -9.85
C PHE D 269 -21.37 -7.58 -11.23
N ASN D 270 -20.25 -6.86 -11.27
CA ASN D 270 -19.64 -6.51 -12.55
C ASN D 270 -19.12 -7.74 -13.28
N ARG D 271 -18.52 -8.68 -12.55
CA ARG D 271 -18.03 -9.92 -13.16
C ARG D 271 -19.18 -10.82 -13.62
N LYS D 272 -20.32 -10.77 -12.93
CA LYS D 272 -21.48 -11.53 -13.36
C LYS D 272 -22.15 -10.91 -14.57
N SER D 273 -22.17 -9.57 -14.66
CA SER D 273 -22.86 -8.92 -15.77
C SER D 273 -22.04 -8.94 -17.05
N GLN D 274 -20.75 -8.62 -16.96
CA GLN D 274 -19.93 -8.46 -18.16
C GLN D 274 -19.63 -9.79 -18.85
N LEU D 275 -19.50 -10.87 -18.07
CA LEU D 275 -19.17 -12.17 -18.65
C LEU D 275 -20.31 -12.73 -19.48
N ILE D 276 -21.56 -12.36 -19.17
CA ILE D 276 -22.69 -12.77 -20.00
C ILE D 276 -23.03 -11.70 -21.03
N ALA D 277 -22.65 -10.44 -20.80
CA ALA D 277 -22.91 -9.40 -21.78
C ALA D 277 -21.90 -9.40 -22.93
N GLN D 278 -20.75 -10.04 -22.74
CA GLN D 278 -19.67 -10.01 -23.74
C GLN D 278 -19.92 -10.89 -24.97
N TYR D 279 -21.11 -11.46 -25.15
CA TYR D 279 -21.33 -12.34 -26.30
C TYR D 279 -21.57 -11.56 -27.57
N VAL D 280 -22.44 -10.54 -27.52
CA VAL D 280 -22.71 -9.71 -28.70
C VAL D 280 -21.56 -8.73 -28.90
N GLN D 281 -21.13 -8.57 -30.15
CA GLN D 281 -19.96 -7.76 -30.45
C GLN D 281 -20.02 -7.29 -31.90
N ARG D 282 -19.02 -6.47 -32.27
CA ARG D 282 -18.64 -6.04 -33.62
C ARG D 282 -19.85 -5.54 -34.45
N LEU D 283 -20.39 -4.41 -33.99
CA LEU D 283 -21.42 -3.72 -34.76
C LEU D 283 -20.83 -3.19 -36.07
N HIS D 284 -21.69 -3.06 -37.08
CA HIS D 284 -21.23 -2.61 -38.38
C HIS D 284 -22.01 -1.39 -38.86
N PRO D 285 -21.34 -0.41 -39.46
CA PRO D 285 -22.06 0.74 -40.00
C PRO D 285 -22.80 0.40 -41.27
N GLY D 286 -24.02 0.93 -41.41
CA GLY D 286 -24.83 0.66 -42.58
C GLY D 286 -26.30 0.51 -42.27
N ASP D 287 -27.00 -0.32 -43.05
CA ASP D 287 -28.42 -0.54 -42.86
C ASP D 287 -28.77 -1.95 -43.27
N CYS D 288 -29.47 -2.68 -42.40
CA CYS D 288 -29.88 -4.04 -42.69
C CYS D 288 -31.21 -4.14 -43.43
N LYS D 289 -31.99 -3.04 -43.44
CA LYS D 289 -33.17 -2.86 -44.31
C LYS D 289 -34.26 -3.92 -44.04
N THR D 290 -34.81 -3.88 -42.84
CA THR D 290 -35.87 -4.81 -42.44
C THR D 290 -37.15 -4.04 -42.11
N THR D 291 -38.28 -4.72 -42.32
CA THR D 291 -39.60 -4.18 -42.05
C THR D 291 -40.28 -4.96 -40.93
N ILE D 292 -39.51 -5.27 -39.88
CA ILE D 292 -39.97 -6.09 -38.78
C ILE D 292 -39.93 -5.17 -37.56
N LEU D 293 -40.30 -3.91 -37.80
CA LEU D 293 -40.23 -2.84 -36.79
C LEU D 293 -41.07 -3.16 -35.56
N ALA D 294 -40.42 -3.16 -34.39
CA ALA D 294 -41.10 -3.38 -33.13
C ALA D 294 -41.85 -2.13 -32.69
N GLU D 295 -42.64 -2.26 -31.63
CA GLU D 295 -43.49 -1.17 -31.16
C GLU D 295 -43.40 -1.08 -29.64
N TYR D 296 -43.12 0.12 -29.13
CA TYR D 296 -42.96 0.34 -27.70
C TYR D 296 -43.75 1.57 -27.27
N PRO D 297 -44.29 1.57 -26.05
CA PRO D 297 -44.94 2.78 -25.54
C PRO D 297 -43.94 3.74 -24.88
N VAL D 298 -44.06 5.02 -25.19
CA VAL D 298 -43.16 6.05 -24.67
C VAL D 298 -43.92 6.87 -23.62
N THR D 299 -43.30 7.05 -22.46
CA THR D 299 -43.87 7.83 -21.37
C THR D 299 -42.96 9.04 -21.10
N LYS D 300 -43.31 9.79 -20.05
CA LYS D 300 -42.53 10.98 -19.69
C LYS D 300 -41.21 10.59 -19.03
N LEU D 301 -41.23 9.56 -18.18
CA LEU D 301 -40.06 9.23 -17.37
C LEU D 301 -38.95 8.59 -18.20
N THR D 302 -39.29 7.85 -19.24
CA THR D 302 -38.31 7.16 -20.06
C THR D 302 -38.02 7.89 -21.37
N LEU D 303 -38.35 9.18 -21.46
CA LEU D 303 -38.13 9.93 -22.69
C LEU D 303 -36.65 10.19 -22.93
N LYS D 304 -35.85 10.29 -21.86
CA LYS D 304 -34.41 10.45 -22.02
C LYS D 304 -33.75 9.16 -22.50
N ALA D 305 -34.37 8.01 -22.20
CA ALA D 305 -33.84 6.73 -22.67
C ALA D 305 -34.07 6.53 -24.16
N PHE D 306 -35.08 7.19 -24.73
CA PHE D 306 -35.35 7.13 -26.16
C PHE D 306 -34.73 8.30 -26.93
N LYS D 307 -33.56 8.78 -26.49
CA LYS D 307 -32.94 9.94 -27.12
C LYS D 307 -32.40 9.59 -28.50
N GLY D 308 -31.43 8.68 -28.56
CA GLY D 308 -30.98 8.21 -29.85
C GLY D 308 -31.64 6.91 -30.25
N LYS D 309 -32.75 7.01 -31.00
CA LYS D 309 -33.53 5.85 -31.41
C LYS D 309 -34.28 6.20 -32.68
N TYR D 310 -34.22 5.32 -33.67
CA TYR D 310 -34.95 5.52 -34.91
C TYR D 310 -36.35 4.93 -34.80
N TYR D 311 -37.35 5.71 -35.19
CA TYR D 311 -38.74 5.27 -35.20
C TYR D 311 -39.36 5.54 -36.56
N GLN D 312 -40.55 4.99 -36.77
CA GLN D 312 -41.26 5.10 -38.05
C GLN D 312 -42.44 6.04 -37.86
N LYS D 313 -42.39 7.19 -38.52
CA LYS D 313 -43.48 8.16 -38.49
C LYS D 313 -44.35 8.00 -39.74
N GLU D 314 -45.51 8.67 -39.71
CA GLU D 314 -46.39 8.64 -40.86
C GLU D 314 -45.87 9.53 -41.97
N ASP D 315 -45.97 9.03 -43.22
CA ASP D 315 -45.48 9.68 -44.44
C ASP D 315 -43.99 10.01 -44.34
N GLY D 316 -43.22 9.08 -43.79
CA GLY D 316 -41.80 9.27 -43.62
C GLY D 316 -41.07 7.95 -43.55
N LYS D 317 -39.75 8.01 -43.74
CA LYS D 317 -38.93 6.81 -43.75
C LYS D 317 -38.35 6.52 -42.38
N LEU D 318 -37.54 7.43 -41.84
CA LEU D 318 -36.89 7.24 -40.55
C LEU D 318 -36.61 8.60 -39.93
N ASP D 319 -36.63 8.63 -38.60
CA ASP D 319 -36.37 9.85 -37.85
C ASP D 319 -35.90 9.48 -36.45
N TRP D 320 -35.02 10.31 -35.89
CA TRP D 320 -34.52 10.13 -34.54
C TRP D 320 -35.09 11.20 -33.62
N ILE D 321 -35.24 10.83 -32.34
CA ILE D 321 -36.04 11.65 -31.42
C ILE D 321 -35.23 12.82 -30.89
N ARG D 322 -34.05 12.55 -30.32
CA ARG D 322 -33.06 13.46 -29.73
C ARG D 322 -33.54 14.18 -28.46
N GLY D 323 -34.79 13.96 -28.05
CA GLY D 323 -35.23 14.37 -26.73
C GLY D 323 -35.74 15.78 -26.59
N ASN D 324 -36.58 16.25 -27.53
CA ASN D 324 -37.18 17.57 -27.44
C ASN D 324 -38.66 17.55 -27.76
N GLU D 325 -39.30 16.37 -27.69
CA GLU D 325 -40.69 16.21 -28.09
C GLU D 325 -41.57 16.14 -26.85
N THR D 326 -42.39 17.18 -26.65
CA THR D 326 -43.39 17.13 -25.60
C THR D 326 -44.55 16.21 -25.96
N HIS D 327 -44.79 16.02 -27.26
CA HIS D 327 -45.80 15.10 -27.73
C HIS D 327 -45.25 13.67 -27.75
N LEU D 328 -46.08 12.74 -28.24
CA LEU D 328 -45.84 11.29 -28.19
C LEU D 328 -45.53 10.83 -26.77
N ILE D 329 -46.35 11.31 -25.82
CA ILE D 329 -46.11 11.05 -24.40
C ILE D 329 -46.99 9.93 -23.85
N GLY D 330 -48.00 9.49 -24.59
CA GLY D 330 -48.88 8.45 -24.11
C GLY D 330 -49.22 7.40 -25.16
N THR D 331 -48.75 7.60 -26.39
CA THR D 331 -49.05 6.68 -27.47
C THR D 331 -48.05 5.54 -27.50
N LYS D 332 -48.23 4.63 -28.45
CA LYS D 332 -47.35 3.48 -28.65
C LYS D 332 -46.67 3.64 -30.01
N GLN D 333 -45.40 4.05 -30.00
CA GLN D 333 -44.69 4.36 -31.22
C GLN D 333 -43.93 3.14 -31.73
N LYS D 334 -43.95 2.94 -33.04
CA LYS D 334 -43.22 1.85 -33.66
C LYS D 334 -41.77 2.26 -33.85
N PHE D 335 -40.86 1.49 -33.25
CA PHE D 335 -39.43 1.77 -33.27
C PHE D 335 -38.70 0.76 -34.15
N ARG D 336 -37.38 0.90 -34.19
CA ARG D 336 -36.50 -0.06 -34.87
C ARG D 336 -35.43 -0.49 -33.88
N SER D 337 -35.63 -1.67 -33.29
CA SER D 337 -34.73 -2.22 -32.28
C SER D 337 -33.90 -3.34 -32.88
N VAL D 338 -33.01 -3.90 -32.05
CA VAL D 338 -32.17 -5.01 -32.50
C VAL D 338 -32.93 -6.32 -32.58
N PHE D 339 -34.09 -6.41 -31.93
CA PHE D 339 -34.88 -7.64 -31.93
C PHE D 339 -35.62 -7.75 -33.26
N GLY D 340 -35.01 -8.44 -34.22
CA GLY D 340 -35.71 -8.78 -35.44
C GLY D 340 -35.19 -8.17 -36.72
N CYS D 341 -33.89 -7.91 -36.81
CA CYS D 341 -33.31 -7.45 -38.06
C CYS D 341 -32.27 -8.44 -38.54
N ASN D 342 -32.01 -8.41 -39.85
CA ASN D 342 -31.25 -9.45 -40.54
C ASN D 342 -29.93 -8.87 -41.05
N HIS D 343 -28.84 -9.19 -40.34
CA HIS D 343 -27.48 -8.93 -40.77
C HIS D 343 -26.77 -10.25 -41.04
N PRO D 344 -25.85 -10.30 -42.01
CA PRO D 344 -25.13 -11.57 -42.27
C PRO D 344 -24.21 -12.00 -41.15
N ASP D 345 -23.81 -11.11 -40.25
CA ASP D 345 -23.01 -11.52 -39.10
C ASP D 345 -23.88 -12.26 -38.09
N SER D 346 -23.32 -13.31 -37.49
CA SER D 346 -24.07 -14.15 -36.57
C SER D 346 -24.15 -13.56 -35.17
N GLN D 347 -23.30 -12.58 -34.84
CA GLN D 347 -23.28 -11.98 -33.51
C GLN D 347 -23.21 -10.46 -33.56
N GLY D 348 -23.36 -9.86 -34.73
CA GLY D 348 -23.27 -8.42 -34.88
C GLY D 348 -24.62 -7.79 -35.24
N ILE D 349 -24.66 -6.47 -35.12
CA ILE D 349 -25.84 -5.68 -35.44
C ILE D 349 -25.41 -4.53 -36.34
N CYS D 350 -26.38 -3.72 -36.76
CA CYS D 350 -26.15 -2.58 -37.63
C CYS D 350 -26.24 -1.28 -36.84
N MET D 351 -25.96 -0.17 -37.52
CA MET D 351 -25.95 1.13 -36.87
C MET D 351 -27.36 1.66 -36.65
N THR D 352 -28.25 1.45 -37.63
CA THR D 352 -29.61 1.99 -37.53
C THR D 352 -30.45 1.23 -36.52
N CYS D 353 -30.13 -0.05 -36.28
CA CYS D 353 -30.87 -0.81 -35.28
C CYS D 353 -30.43 -0.45 -33.86
N TYR D 354 -29.15 -0.16 -33.68
CA TYR D 354 -28.65 0.23 -32.36
C TYR D 354 -29.01 1.67 -32.02
N GLY D 355 -29.10 2.54 -33.01
CA GLY D 355 -29.45 3.93 -32.81
C GLY D 355 -28.28 4.85 -33.11
N ARG D 356 -28.43 6.09 -32.65
CA ARG D 356 -27.39 7.11 -32.82
C ARG D 356 -26.31 7.04 -31.76
N LEU D 357 -26.37 6.06 -30.85
CA LEU D 357 -25.33 5.87 -29.86
C LEU D 357 -24.10 5.14 -30.42
N GLY D 358 -24.25 4.48 -31.57
CA GLY D 358 -23.17 3.67 -32.11
C GLY D 358 -22.03 4.48 -32.69
N ILE D 359 -22.31 5.71 -33.14
CA ILE D 359 -21.25 6.53 -33.72
C ILE D 359 -20.35 7.13 -32.64
N ASN D 360 -20.83 7.18 -31.38
CA ASN D 360 -19.97 7.58 -30.28
C ASN D 360 -19.07 6.46 -29.81
N ILE D 361 -19.33 5.23 -30.23
CA ILE D 361 -18.50 4.07 -29.91
C ILE D 361 -17.43 3.95 -30.99
N PRO D 362 -16.18 3.67 -30.63
CA PRO D 362 -15.14 3.47 -31.65
C PRO D 362 -15.36 2.19 -32.44
N LYS D 363 -14.56 2.03 -33.49
CA LYS D 363 -14.73 0.91 -34.43
C LYS D 363 -14.30 -0.40 -33.80
N GLY D 364 -13.10 -0.42 -33.20
CA GLY D 364 -12.62 -1.62 -32.54
C GLY D 364 -12.98 -1.64 -31.07
N THR D 365 -14.28 -1.71 -30.76
CA THR D 365 -14.77 -1.68 -29.39
C THR D 365 -15.93 -2.65 -29.26
N ASN D 366 -15.86 -3.52 -28.25
CA ASN D 366 -16.95 -4.43 -27.95
C ASN D 366 -18.17 -3.66 -27.48
N ILE D 367 -19.28 -3.80 -28.21
CA ILE D 367 -20.53 -3.18 -27.80
C ILE D 367 -21.22 -3.96 -26.68
N GLY D 368 -20.77 -5.20 -26.43
CA GLY D 368 -21.39 -6.01 -25.41
C GLY D 368 -21.03 -5.63 -23.99
N GLN D 369 -19.75 -5.35 -23.74
CA GLN D 369 -19.33 -5.03 -22.37
C GLN D 369 -19.75 -3.63 -21.96
N VAL D 370 -19.82 -2.69 -22.91
CA VAL D 370 -20.03 -1.29 -22.57
C VAL D 370 -21.45 -1.02 -22.07
N ALA D 371 -22.42 -1.88 -22.40
CA ALA D 371 -23.75 -1.76 -21.82
C ALA D 371 -23.73 -2.06 -20.32
N ALA D 372 -23.07 -3.16 -19.93
CA ALA D 372 -22.93 -3.49 -18.52
C ALA D 372 -22.03 -2.50 -17.80
N VAL D 373 -21.05 -1.92 -18.51
CA VAL D 373 -20.20 -0.89 -17.92
C VAL D 373 -20.99 0.39 -17.66
N SER D 374 -21.82 0.80 -18.62
CA SER D 374 -22.64 2.00 -18.46
C SER D 374 -23.72 1.82 -17.42
N MET D 375 -24.16 0.57 -17.19
CA MET D 375 -25.02 0.31 -16.05
C MET D 375 -24.24 0.34 -14.74
N GLY D 376 -23.05 -0.28 -14.74
CA GLY D 376 -22.33 -0.50 -13.50
C GLY D 376 -21.68 0.74 -12.92
N ASP D 377 -21.30 1.70 -13.77
CA ASP D 377 -20.70 2.92 -13.21
C ASP D 377 -21.75 3.76 -12.50
N LYS D 378 -22.96 3.86 -13.06
CA LYS D 378 -24.04 4.53 -12.37
C LYS D 378 -24.51 3.77 -11.14
N ILE D 379 -24.43 2.44 -11.17
CA ILE D 379 -24.80 1.65 -9.99
C ILE D 379 -23.77 1.85 -8.87
N THR D 380 -22.48 1.87 -9.22
CA THR D 380 -21.43 2.09 -8.23
C THR D 380 -21.45 3.52 -7.70
N SER D 381 -21.79 4.50 -8.55
CA SER D 381 -21.94 5.86 -8.08
C SER D 381 -23.17 6.02 -7.20
N ALA D 382 -24.22 5.24 -7.45
CA ALA D 382 -25.34 5.20 -6.52
C ALA D 382 -24.97 4.47 -5.23
N VAL D 383 -24.03 3.53 -5.32
CA VAL D 383 -23.56 2.83 -4.12
C VAL D 383 -22.61 3.72 -3.33
N LEU D 384 -21.62 4.32 -4.00
CA LEU D 384 -20.66 5.18 -3.32
C LEU D 384 -21.27 6.53 -2.99
N ALA D 552 -31.56 5.27 -2.18
CA ALA D 552 -31.77 4.52 -0.95
C ALA D 552 -31.66 3.03 -1.20
N GLU D 553 -30.83 2.37 -0.39
CA GLU D 553 -30.48 0.94 -0.44
C GLU D 553 -30.18 0.46 -1.87
N ALA D 554 -29.09 1.00 -2.42
CA ALA D 554 -28.65 0.67 -3.77
C ALA D 554 -28.20 -0.78 -3.92
N GLY D 555 -27.84 -1.44 -2.82
CA GLY D 555 -27.58 -2.86 -2.88
C GLY D 555 -28.83 -3.68 -3.18
N LYS D 556 -29.98 -3.21 -2.70
CA LYS D 556 -31.25 -3.86 -3.05
C LYS D 556 -31.57 -3.67 -4.52
N LEU D 557 -31.23 -2.49 -5.08
CA LEU D 557 -31.40 -2.27 -6.51
C LEU D 557 -30.45 -3.15 -7.32
N SER D 558 -29.22 -3.35 -6.82
CA SER D 558 -28.26 -4.21 -7.51
C SER D 558 -28.71 -5.67 -7.50
N THR D 559 -29.23 -6.14 -6.36
CA THR D 559 -29.75 -7.50 -6.29
C THR D 559 -31.03 -7.65 -7.11
N GLU D 560 -31.82 -6.59 -7.23
CA GLU D 560 -33.01 -6.64 -8.08
C GLU D 560 -32.64 -6.73 -9.55
N LYS D 561 -31.61 -5.97 -9.97
CA LYS D 561 -31.14 -6.07 -11.35
C LYS D 561 -30.47 -7.41 -11.61
N VAL D 562 -29.83 -8.01 -10.60
CA VAL D 562 -29.28 -9.35 -10.74
C VAL D 562 -30.39 -10.38 -10.90
N GLY D 563 -31.43 -10.28 -10.08
CA GLY D 563 -32.56 -11.20 -10.18
C GLY D 563 -33.37 -11.04 -11.45
N TYR D 564 -33.41 -9.83 -12.00
CA TYR D 564 -34.10 -9.64 -13.27
C TYR D 564 -33.25 -10.13 -14.44
N THR D 565 -32.01 -9.65 -14.53
CA THR D 565 -31.21 -9.92 -15.72
C THR D 565 -30.60 -11.32 -15.69
N SER D 566 -30.02 -11.72 -14.57
CA SER D 566 -29.26 -12.96 -14.48
C SER D 566 -29.91 -13.98 -13.55
N LYS D 567 -31.23 -14.10 -13.62
CA LYS D 567 -31.97 -15.12 -12.88
C LYS D 567 -33.30 -15.36 -13.59
N THR D 568 -34.21 -16.06 -12.93
CA THR D 568 -35.51 -16.42 -13.49
C THR D 568 -36.66 -15.68 -12.82
N TYR D 569 -36.40 -14.53 -12.19
CA TYR D 569 -37.45 -13.80 -11.50
C TYR D 569 -38.42 -13.11 -12.46
N LEU D 570 -38.02 -12.88 -13.71
CA LEU D 570 -38.94 -12.34 -14.70
C LEU D 570 -39.86 -13.46 -15.19
N LYS D 571 -41.12 -13.09 -15.45
CA LYS D 571 -42.03 -14.02 -16.11
C LYS D 571 -41.60 -14.19 -17.56
N ASN D 572 -41.53 -15.43 -18.03
CA ASN D 572 -41.06 -15.73 -19.37
C ASN D 572 -42.13 -15.32 -20.38
N TYR D 573 -41.95 -14.15 -20.98
CA TYR D 573 -42.90 -13.65 -21.95
C TYR D 573 -42.70 -14.33 -23.31
N LYS D 574 -43.72 -14.20 -24.17
CA LYS D 574 -43.65 -14.80 -25.50
C LYS D 574 -42.74 -14.02 -26.44
N SER D 575 -42.73 -12.69 -26.31
CA SER D 575 -41.96 -11.82 -27.18
C SER D 575 -41.24 -10.77 -26.35
N PRO D 576 -40.02 -10.38 -26.74
CA PRO D 576 -39.27 -9.39 -25.96
C PRO D 576 -39.74 -7.94 -26.14
N ILE D 577 -40.75 -7.68 -26.97
CA ILE D 577 -41.21 -6.31 -27.14
C ILE D 577 -42.01 -5.83 -25.93
N GLU D 578 -42.52 -6.74 -25.11
CA GLU D 578 -43.16 -6.37 -23.85
C GLU D 578 -42.25 -6.51 -22.65
N ALA D 579 -41.05 -7.07 -22.83
CA ALA D 579 -40.07 -7.14 -21.76
C ALA D 579 -39.18 -5.90 -21.69
N LEU D 580 -39.06 -5.16 -22.80
CA LEU D 580 -38.21 -3.96 -22.80
C LEU D 580 -38.81 -2.78 -22.03
N PRO D 581 -40.10 -2.40 -22.16
CA PRO D 581 -40.57 -1.24 -21.39
C PRO D 581 -40.67 -1.48 -19.89
N VAL D 582 -40.86 -2.72 -19.45
CA VAL D 582 -40.88 -2.99 -18.01
C VAL D 582 -39.50 -2.79 -17.40
N PHE D 583 -38.47 -3.32 -18.06
CA PHE D 583 -37.09 -3.09 -17.61
C PHE D 583 -36.68 -1.63 -17.76
N ALA D 584 -37.25 -0.94 -18.76
CA ALA D 584 -36.95 0.48 -18.93
C ALA D 584 -37.55 1.32 -17.81
N THR D 585 -38.82 1.08 -17.47
CA THR D 585 -39.45 1.82 -16.38
C THR D 585 -39.00 1.34 -15.01
N MET D 586 -38.34 0.18 -14.93
CA MET D 586 -37.72 -0.22 -13.66
C MET D 586 -36.34 0.40 -13.50
N ALA D 587 -35.59 0.56 -14.61
CA ALA D 587 -34.23 1.06 -14.53
C ALA D 587 -34.19 2.59 -14.52
N ASN D 588 -34.92 3.23 -15.45
CA ASN D 588 -34.79 4.67 -15.66
C ASN D 588 -35.45 5.50 -14.56
N GLU D 589 -36.24 4.90 -13.68
CA GLU D 589 -36.83 5.65 -12.58
C GLU D 589 -35.80 6.01 -11.52
N LYS D 590 -34.70 5.27 -11.43
CA LYS D 590 -33.67 5.52 -10.43
C LYS D 590 -32.26 5.56 -10.99
N ILE D 591 -31.98 4.94 -12.14
CA ILE D 591 -30.65 4.93 -12.74
C ILE D 591 -30.78 5.45 -14.17
N SER D 592 -30.06 6.53 -14.47
CA SER D 592 -30.09 7.13 -15.81
C SER D 592 -29.35 6.22 -16.78
N LEU D 593 -30.08 5.44 -17.56
CA LEU D 593 -29.51 4.50 -18.51
C LEU D 593 -30.27 4.58 -19.82
N ASN D 594 -29.54 4.64 -20.92
CA ASN D 594 -30.16 4.64 -22.24
C ASN D 594 -30.70 3.25 -22.57
N ILE D 595 -31.76 3.21 -23.38
CA ILE D 595 -32.42 1.94 -23.70
C ILE D 595 -31.65 1.12 -24.71
N SER D 596 -30.65 1.70 -25.39
CA SER D 596 -29.82 0.92 -26.30
C SER D 596 -28.93 -0.06 -25.54
N HIS D 597 -28.60 0.25 -24.28
CA HIS D 597 -27.88 -0.68 -23.44
C HIS D 597 -28.81 -1.76 -22.89
N CYS D 598 -30.05 -1.39 -22.55
CA CYS D 598 -31.01 -2.35 -22.06
C CYS D 598 -31.44 -3.34 -23.13
N GLU D 599 -31.46 -2.90 -24.40
CA GLU D 599 -31.76 -3.81 -25.50
C GLU D 599 -30.69 -4.88 -25.65
N ILE D 600 -29.41 -4.49 -25.48
CA ILE D 600 -28.33 -5.46 -25.53
C ILE D 600 -28.37 -6.39 -24.31
N LEU D 601 -28.69 -5.84 -23.14
CA LEU D 601 -28.76 -6.66 -21.93
C LEU D 601 -29.93 -7.63 -21.95
N ILE D 602 -30.99 -7.31 -22.71
CA ILE D 602 -32.08 -8.26 -22.87
C ILE D 602 -31.78 -9.26 -23.98
N TYR D 603 -31.16 -8.80 -25.08
CA TYR D 603 -30.82 -9.67 -26.21
C TYR D 603 -29.73 -10.68 -25.88
N ALA D 604 -28.91 -10.40 -24.86
CA ALA D 604 -27.86 -11.34 -24.48
C ALA D 604 -28.40 -12.62 -23.84
N MET D 605 -29.66 -12.63 -23.40
CA MET D 605 -30.28 -13.81 -22.80
C MET D 605 -31.26 -14.51 -23.73
N MET D 606 -31.08 -14.34 -25.05
CA MET D 606 -31.99 -14.87 -26.05
C MET D 606 -31.36 -16.06 -26.74
N ILE D 607 -32.09 -17.16 -26.83
CA ILE D 607 -31.60 -18.43 -27.37
C ILE D 607 -32.65 -18.99 -28.32
N ARG D 608 -32.23 -19.32 -29.54
CA ARG D 608 -33.12 -19.98 -30.48
C ARG D 608 -33.27 -21.46 -30.13
N SER D 609 -34.46 -22.00 -30.38
CA SER D 609 -34.77 -23.44 -30.40
C SER D 609 -34.37 -24.15 -29.10
N ALA D 610 -35.03 -23.71 -28.01
CA ALA D 610 -34.70 -24.24 -26.69
C ALA D 610 -35.11 -25.69 -26.51
N GLN D 611 -36.01 -26.21 -27.35
CA GLN D 611 -36.39 -27.62 -27.30
C GLN D 611 -35.35 -28.55 -27.92
N TYR D 612 -34.35 -28.01 -28.61
CA TYR D 612 -33.31 -28.81 -29.25
C TYR D 612 -31.92 -28.53 -28.71
N ARG D 613 -31.83 -27.75 -27.61
CA ARG D 613 -30.57 -27.40 -26.93
C ARG D 613 -29.58 -26.70 -27.87
N ASP D 614 -30.09 -25.81 -28.72
CA ASP D 614 -29.26 -25.05 -29.65
C ASP D 614 -28.96 -23.71 -28.99
N TYR D 615 -28.03 -23.74 -28.05
CA TYR D 615 -27.68 -22.56 -27.24
C TYR D 615 -26.87 -21.61 -28.11
N ARG D 616 -27.58 -20.75 -28.85
CA ARG D 616 -26.95 -19.78 -29.72
C ARG D 616 -27.88 -18.58 -29.85
N LEU D 617 -27.29 -17.41 -30.10
CA LEU D 617 -28.08 -16.19 -30.22
C LEU D 617 -28.84 -16.19 -31.55
N PRO D 618 -30.16 -16.02 -31.54
CA PRO D 618 -30.90 -15.91 -32.79
C PRO D 618 -30.77 -14.53 -33.40
N LYS D 619 -30.67 -14.48 -34.72
CA LYS D 619 -30.60 -13.18 -35.39
C LYS D 619 -31.98 -12.52 -35.51
N PRO D 620 -33.08 -13.21 -35.85
CA PRO D 620 -34.38 -12.57 -35.62
C PRO D 620 -34.78 -12.67 -34.15
N GLY D 621 -35.01 -11.51 -33.53
CA GLY D 621 -35.39 -11.45 -32.12
C GLY D 621 -36.85 -11.73 -31.82
N ILE D 622 -37.63 -12.11 -32.83
CA ILE D 622 -39.06 -12.33 -32.63
C ILE D 622 -39.32 -13.63 -31.86
N ASN D 623 -38.35 -14.55 -31.87
CA ASN D 623 -38.45 -15.78 -31.08
C ASN D 623 -38.50 -15.46 -29.59
N GLY D 624 -37.40 -14.91 -29.05
CA GLY D 624 -37.38 -14.40 -27.69
C GLY D 624 -37.52 -15.42 -26.58
N GLN D 625 -36.78 -16.52 -26.67
CA GLN D 625 -36.86 -17.58 -25.66
C GLN D 625 -35.75 -17.36 -24.63
N PHE D 626 -36.16 -17.15 -23.37
CA PHE D 626 -35.23 -16.84 -22.29
C PHE D 626 -35.11 -18.03 -21.36
N GLU D 627 -33.89 -18.24 -20.84
CA GLU D 627 -33.65 -19.25 -19.81
C GLU D 627 -32.80 -18.64 -18.70
N LYS D 628 -32.29 -19.51 -17.84
CA LYS D 628 -31.54 -19.08 -16.67
C LYS D 628 -30.14 -18.62 -17.05
N TYR D 629 -29.46 -18.03 -16.08
CA TYR D 629 -28.12 -17.49 -16.29
C TYR D 629 -27.05 -18.56 -16.22
N ASN D 630 -27.20 -19.53 -15.30
CA ASN D 630 -26.21 -20.59 -15.17
C ASN D 630 -26.25 -21.56 -16.34
N ARG D 631 -27.44 -21.81 -16.89
CA ARG D 631 -27.53 -22.63 -18.09
C ARG D 631 -26.94 -21.92 -19.30
N LEU D 632 -26.97 -20.59 -19.32
CA LEU D 632 -26.30 -19.84 -20.36
C LEU D 632 -24.79 -19.83 -20.16
N MET D 633 -24.32 -19.88 -18.91
CA MET D 633 -22.89 -19.87 -18.66
C MET D 633 -22.25 -21.24 -18.91
N GLN D 634 -22.98 -22.33 -18.62
CA GLN D 634 -22.37 -23.65 -18.72
C GLN D 634 -22.55 -24.30 -20.09
N CYS D 635 -23.75 -24.20 -20.68
CA CYS D 635 -24.07 -24.92 -21.90
C CYS D 635 -23.75 -24.13 -23.17
N ARG D 636 -22.81 -23.19 -23.10
CA ARG D 636 -22.43 -22.41 -24.27
C ARG D 636 -21.01 -21.88 -24.07
N SER D 637 -20.12 -22.18 -25.02
CA SER D 637 -18.78 -21.58 -25.12
C SER D 637 -17.94 -21.83 -23.86
N LEU D 638 -17.52 -23.10 -23.74
CA LEU D 638 -16.77 -23.60 -22.58
C LEU D 638 -15.53 -22.77 -22.24
N GLY D 639 -14.89 -22.16 -23.25
CA GLY D 639 -13.80 -21.24 -22.98
C GLY D 639 -14.22 -20.01 -22.20
N GLY D 640 -15.48 -19.60 -22.33
CA GLY D 640 -16.03 -18.56 -21.49
C GLY D 640 -16.57 -19.12 -20.19
N ALA D 641 -16.87 -20.42 -20.18
CA ALA D 641 -17.32 -21.08 -18.95
C ALA D 641 -16.18 -21.30 -17.97
N MET D 642 -14.94 -21.36 -18.45
CA MET D 642 -13.80 -21.49 -17.55
C MET D 642 -13.46 -20.20 -16.82
N ALA D 643 -14.09 -19.08 -17.16
CA ALA D 643 -13.85 -17.81 -16.49
C ALA D 643 -14.80 -17.55 -15.32
N PHE D 644 -15.91 -18.26 -15.26
CA PHE D 644 -16.90 -18.08 -14.20
C PHE D 644 -16.69 -19.15 -13.13
N GLU D 645 -17.36 -18.96 -11.99
CA GLU D 645 -17.32 -19.86 -10.85
C GLU D 645 -17.90 -21.23 -11.23
N LYS D 646 -17.49 -22.26 -10.48
CA LYS D 646 -17.86 -23.67 -10.67
C LYS D 646 -17.42 -24.17 -12.06
N GLN D 647 -16.10 -24.20 -12.23
CA GLN D 647 -15.52 -24.58 -13.50
C GLN D 647 -15.66 -26.07 -13.79
N HIS D 648 -15.78 -26.90 -12.75
CA HIS D 648 -15.75 -28.35 -12.95
C HIS D 648 -17.09 -28.92 -13.39
N GLU D 649 -18.19 -28.22 -13.16
CA GLU D 649 -19.52 -28.68 -13.59
C GLU D 649 -19.74 -28.71 -15.11
N PRO D 650 -19.23 -27.76 -15.93
CA PRO D 650 -19.31 -28.00 -17.39
C PRO D 650 -18.36 -29.08 -17.89
N LEU D 651 -17.39 -29.54 -17.09
CA LEU D 651 -16.50 -30.59 -17.55
C LEU D 651 -17.18 -31.95 -17.56
N ASN D 652 -17.84 -32.31 -16.48
CA ASN D 652 -18.53 -33.60 -16.38
C ASN D 652 -20.00 -33.51 -16.82
N ASN D 653 -20.22 -32.99 -18.02
CA ASN D 653 -21.55 -32.88 -18.59
C ASN D 653 -21.59 -33.59 -19.93
N PRO D 654 -22.60 -34.43 -20.19
CA PRO D 654 -22.64 -35.17 -21.46
C PRO D 654 -23.00 -34.32 -22.66
N GLY D 655 -23.58 -33.13 -22.46
CA GLY D 655 -23.93 -32.28 -23.57
C GLY D 655 -22.76 -31.50 -24.16
N SER D 656 -21.64 -31.44 -23.46
CA SER D 656 -20.48 -30.69 -23.89
C SER D 656 -19.48 -31.53 -24.67
N PHE D 657 -19.81 -32.78 -24.97
CA PHE D 657 -18.92 -33.67 -25.71
C PHE D 657 -19.48 -34.04 -27.09
N LEU D 658 -20.20 -33.11 -27.71
CA LEU D 658 -20.73 -33.31 -29.04
C LEU D 658 -20.69 -31.99 -29.81
N ASN D 659 -20.29 -32.05 -31.07
CA ASN D 659 -19.96 -30.87 -31.87
C ASN D 659 -21.25 -30.19 -32.32
N LYS D 660 -21.69 -29.21 -31.55
CA LYS D 660 -22.81 -28.35 -31.93
C LYS D 660 -22.28 -27.00 -32.41
N MET D 661 -23.04 -26.37 -33.30
CA MET D 661 -22.72 -25.02 -33.75
C MET D 661 -23.10 -24.03 -32.64
N ARG D 662 -22.10 -23.37 -32.06
CA ARG D 662 -22.31 -22.49 -30.92
C ARG D 662 -21.56 -21.18 -31.14
N ASN D 663 -21.67 -20.29 -30.15
CA ASN D 663 -21.11 -18.95 -30.25
C ASN D 663 -19.62 -18.96 -29.93
N ASP D 664 -19.02 -17.77 -29.82
CA ASP D 664 -17.58 -17.65 -29.61
C ASP D 664 -17.34 -16.53 -28.60
N HIS D 665 -16.79 -16.88 -27.44
CA HIS D 665 -16.40 -15.91 -26.43
C HIS D 665 -15.02 -15.34 -26.76
N PRO D 666 -14.73 -14.10 -26.34
CA PRO D 666 -13.37 -13.57 -26.53
C PRO D 666 -12.30 -14.29 -25.72
N TYR D 667 -12.66 -14.91 -24.59
CA TYR D 667 -11.70 -15.62 -23.74
C TYR D 667 -11.12 -16.87 -24.39
N ASP D 668 -11.73 -17.36 -25.48
CA ASP D 668 -11.32 -18.56 -26.21
C ASP D 668 -9.85 -18.62 -26.62
N LEU D 669 -9.21 -17.46 -26.79
CA LEU D 669 -7.78 -17.45 -27.12
C LEU D 669 -6.90 -17.57 -25.88
N LEU D 670 -7.37 -17.11 -24.73
CA LEU D 670 -6.60 -17.25 -23.50
C LEU D 670 -6.68 -18.67 -22.93
N VAL D 671 -7.71 -19.43 -23.29
CA VAL D 671 -7.84 -20.79 -22.79
C VAL D 671 -6.89 -21.73 -23.52
N LYS D 672 -6.86 -21.63 -24.85
CA LYS D 672 -6.01 -22.49 -25.68
C LYS D 672 -4.61 -21.95 -25.86
N GLY D 673 -4.23 -20.90 -25.12
CA GLY D 673 -2.89 -20.35 -25.17
C GLY D 673 -2.67 -19.28 -26.20
N GLY D 674 -3.50 -19.23 -27.25
CA GLY D 674 -3.31 -18.23 -28.29
C GLY D 674 -3.17 -18.83 -29.67
N LYS D 675 -3.62 -20.07 -29.84
CA LYS D 675 -3.55 -20.74 -31.13
C LYS D 675 -4.58 -20.14 -32.09
N LEU D 676 -4.21 -20.05 -33.36
CA LEU D 676 -5.09 -19.45 -34.36
C LEU D 676 -6.25 -20.38 -34.71
N ARG D 677 -6.04 -21.68 -34.65
CA ARG D 677 -7.09 -22.65 -34.95
C ARG D 677 -7.01 -23.86 -34.03
N PRO E 2 8.36 32.33 23.74
CA PRO E 2 7.34 33.29 24.19
C PRO E 2 7.67 33.90 25.56
N ASP E 3 6.72 34.64 26.11
CA ASP E 3 6.93 35.23 27.43
C ASP E 3 6.80 34.15 28.51
N PRO E 4 7.70 34.12 29.50
CA PRO E 4 7.60 33.08 30.53
C PRO E 4 6.43 33.28 31.48
N PHE E 5 6.01 34.53 31.71
CA PHE E 5 4.85 34.78 32.55
C PHE E 5 3.56 34.32 31.86
N LEU E 6 3.52 34.38 30.53
CA LEU E 6 2.36 33.87 29.80
C LEU E 6 2.24 32.36 29.92
N ILE E 7 3.36 31.64 29.80
CA ILE E 7 3.34 30.19 29.99
C ILE E 7 3.05 29.84 31.45
N GLU E 8 3.47 30.69 32.39
CA GLU E 8 3.15 30.48 33.80
C GLU E 8 1.66 30.65 34.06
N LYS E 9 1.03 31.64 33.42
CA LYS E 9 -0.41 31.82 33.59
C LYS E 9 -1.21 30.75 32.87
N ILE E 10 -0.68 30.21 31.76
CA ILE E 10 -1.33 29.09 31.10
C ILE E 10 -1.24 27.83 31.96
N ARG E 11 -0.07 27.60 32.57
CA ARG E 11 0.11 26.46 33.48
C ARG E 11 -0.73 26.61 34.74
N GLU E 12 -0.96 27.85 35.19
CA GLU E 12 -1.79 28.06 36.37
C GLU E 12 -3.27 27.77 36.08
N ASN E 13 -3.73 28.11 34.88
CA ASN E 13 -5.11 27.88 34.47
C ASN E 13 -5.12 26.80 33.39
N THR E 14 -5.09 25.54 33.83
CA THR E 14 -5.10 24.36 32.97
C THR E 14 -5.50 23.15 33.81
N PRO E 15 -6.52 22.38 33.40
CA PRO E 15 -6.84 21.14 34.12
C PRO E 15 -5.79 20.07 33.84
N CYS E 16 -5.32 19.43 34.90
CA CYS E 16 -4.27 18.43 34.76
C CYS E 16 -4.85 17.07 34.39
N MET E 17 -4.07 16.30 33.63
CA MET E 17 -4.47 14.97 33.25
C MET E 17 -4.29 14.00 34.42
N ASN E 18 -4.91 12.83 34.29
CA ASN E 18 -4.75 11.79 35.30
C ASN E 18 -3.39 11.12 35.13
N PRO E 19 -2.54 11.09 36.17
CA PRO E 19 -1.22 10.47 36.02
C PRO E 19 -1.27 8.95 35.91
N THR E 20 -2.33 8.31 36.41
CA THR E 20 -2.44 6.86 36.31
C THR E 20 -2.80 6.41 34.90
N LEU E 21 -3.54 7.22 34.15
CA LEU E 21 -3.96 6.86 32.80
C LEU E 21 -3.05 7.42 31.72
N ALA E 22 -2.38 8.54 31.97
CA ALA E 22 -1.46 9.09 30.97
C ALA E 22 -0.18 8.26 30.89
N ASN E 23 0.28 7.73 32.03
CA ASN E 23 1.42 6.83 32.04
C ASN E 23 1.04 5.40 31.68
N GLY E 24 -0.25 5.07 31.67
CA GLY E 24 -0.69 3.75 31.34
C GLY E 24 -1.28 3.00 32.52
N ILE E 25 -2.54 2.57 32.40
CA ILE E 25 -3.16 1.81 33.48
C ILE E 25 -2.68 0.36 33.49
N THR E 26 -2.05 -0.10 32.42
CA THR E 26 -1.40 -1.41 32.42
C THR E 26 -0.17 -1.42 33.33
N VAL E 27 0.48 -0.25 33.46
CA VAL E 27 1.60 -0.12 34.39
C VAL E 27 1.10 -0.23 35.84
N GLU E 28 -0.09 0.31 36.11
CA GLU E 28 -0.64 0.26 37.46
C GLU E 28 -1.20 -1.11 37.80
N HIS E 29 -1.95 -1.72 36.89
CA HIS E 29 -2.63 -2.98 37.17
C HIS E 29 -1.77 -4.21 36.87
N THR E 30 -0.51 -4.02 36.52
CA THR E 30 0.40 -5.13 36.27
C THR E 30 1.81 -4.70 36.65
N MET E 31 2.48 -5.51 37.48
CA MET E 31 3.82 -5.26 38.02
C MET E 31 3.88 -3.94 38.79
N THR E 32 3.13 -3.90 39.89
CA THR E 32 3.15 -2.78 40.83
C THR E 32 3.38 -3.37 42.22
N ARG E 33 4.62 -3.31 42.69
CA ARG E 33 4.99 -3.94 43.94
C ARG E 33 4.49 -3.15 45.14
N ASP E 34 3.98 -3.86 46.13
CA ASP E 34 3.55 -3.28 47.39
C ASP E 34 4.77 -3.01 48.29
N PRO E 35 4.70 -2.02 49.18
CA PRO E 35 5.85 -1.72 50.05
C PRO E 35 6.11 -2.78 51.13
N ASN E 36 5.18 -3.71 51.37
CA ASN E 36 5.42 -4.73 52.39
C ASN E 36 6.38 -5.79 51.90
N THR E 37 6.14 -6.34 50.70
CA THR E 37 7.01 -7.35 50.11
C THR E 37 7.04 -7.15 48.60
N GLY E 38 8.10 -7.64 47.97
CA GLY E 38 8.21 -7.49 46.53
C GLY E 38 7.49 -8.58 45.78
N VAL E 39 6.24 -8.32 45.40
CA VAL E 39 5.40 -9.25 44.66
C VAL E 39 4.60 -8.42 43.65
N ASN E 40 4.71 -8.77 42.37
CA ASN E 40 4.00 -8.05 41.33
C ASN E 40 2.51 -8.36 41.37
N MET E 41 1.73 -7.54 40.67
CA MET E 41 0.29 -7.74 40.63
C MET E 41 -0.12 -8.95 39.80
N THR E 42 0.73 -9.39 38.86
CA THR E 42 0.47 -10.63 38.14
C THR E 42 0.64 -11.82 39.07
N ARG E 43 1.66 -11.81 39.93
CA ARG E 43 1.84 -12.86 40.92
C ARG E 43 0.73 -12.83 41.96
N ARG E 44 0.24 -11.64 42.31
CA ARG E 44 -0.93 -11.55 43.20
C ARG E 44 -2.19 -12.08 42.54
N TYR E 45 -2.34 -11.88 41.23
CA TYR E 45 -3.49 -12.44 40.51
C TYR E 45 -3.39 -13.96 40.43
N ILE E 46 -2.18 -14.48 40.25
CA ILE E 46 -2.00 -15.94 40.24
C ILE E 46 -2.27 -16.53 41.63
N ASP E 47 -1.82 -15.84 42.68
CA ASP E 47 -2.06 -16.30 44.04
C ASP E 47 -3.54 -16.20 44.42
N SER E 48 -4.25 -15.21 43.89
CA SER E 48 -5.69 -15.10 44.11
C SER E 48 -6.51 -16.02 43.21
N LEU E 49 -5.92 -16.53 42.13
CA LEU E 49 -6.60 -17.48 41.27
C LEU E 49 -6.41 -18.92 41.72
N PHE E 50 -5.27 -19.25 42.33
CA PHE E 50 -5.01 -20.63 42.71
C PHE E 50 -5.75 -21.05 43.98
N ASP E 51 -5.99 -20.12 44.91
CA ASP E 51 -6.69 -20.48 46.13
C ASP E 51 -8.19 -20.61 45.95
N ILE E 52 -8.72 -20.17 44.80
CA ILE E 52 -10.14 -20.35 44.51
C ILE E 52 -10.44 -21.83 44.27
N SER E 53 -9.59 -22.50 43.49
CA SER E 53 -9.73 -23.91 43.20
C SER E 53 -9.10 -24.81 44.26
N SER E 54 -8.85 -24.28 45.46
CA SER E 54 -8.33 -25.11 46.55
C SER E 54 -9.39 -26.03 47.12
N VAL E 55 -10.67 -25.71 46.96
CA VAL E 55 -11.73 -26.62 47.41
C VAL E 55 -11.91 -27.79 46.45
N LEU E 56 -11.36 -27.71 45.24
CA LEU E 56 -11.37 -28.82 44.30
C LEU E 56 -10.16 -29.73 44.46
N PHE E 57 -9.20 -29.35 45.30
CA PHE E 57 -8.00 -30.13 45.54
C PHE E 57 -8.28 -31.26 46.53
N PRO E 58 -7.57 -32.40 46.40
CA PRO E 58 -7.74 -33.48 47.38
C PRO E 58 -7.08 -33.17 48.71
N ASP E 59 -7.23 -34.07 49.68
CA ASP E 59 -6.64 -33.86 51.00
C ASP E 59 -5.13 -34.05 50.94
N GLY E 60 -4.40 -33.10 51.51
CA GLY E 60 -2.95 -33.10 51.52
C GLY E 60 -2.33 -32.19 50.47
N PHE E 61 -3.00 -32.00 49.34
CA PHE E 61 -2.49 -31.14 48.28
C PHE E 61 -2.67 -29.67 48.67
N LYS E 62 -1.63 -28.87 48.42
CA LYS E 62 -1.65 -27.47 48.82
C LYS E 62 -0.70 -26.67 47.93
N TYR E 63 -1.20 -25.56 47.41
CA TYR E 63 -0.39 -24.61 46.66
C TYR E 63 0.28 -23.65 47.63
N GLU E 64 1.60 -23.53 47.54
CA GLU E 64 2.39 -22.75 48.50
C GLU E 64 3.16 -21.66 47.76
N GLY E 65 2.50 -20.52 47.53
CA GLY E 65 3.02 -19.27 47.00
C GLY E 65 3.77 -19.39 45.67
N ASN E 66 4.61 -18.40 45.42
CA ASN E 66 5.46 -18.38 44.24
C ASN E 66 6.73 -17.60 44.55
N ARG E 67 7.83 -17.99 43.90
CA ARG E 67 9.12 -17.37 44.10
C ARG E 67 9.68 -16.88 42.77
N ALA E 68 10.42 -15.78 42.83
CA ALA E 68 11.06 -15.23 41.65
C ALA E 68 12.30 -16.06 41.31
N CYS E 69 12.45 -16.39 40.02
CA CYS E 69 13.55 -17.22 39.58
C CYS E 69 14.78 -16.39 39.23
N THR E 70 15.95 -16.99 39.40
CA THR E 70 17.21 -16.36 39.05
C THR E 70 17.45 -16.47 37.54
N PRO E 71 18.20 -15.53 36.96
CA PRO E 71 18.55 -15.67 35.52
C PRO E 71 19.48 -16.84 35.23
N LEU E 72 20.22 -17.34 36.23
CA LEU E 72 21.00 -18.57 36.03
C LEU E 72 20.08 -19.77 35.84
N LYS E 73 18.94 -19.78 36.52
CA LYS E 73 17.93 -20.79 36.27
C LYS E 73 17.21 -20.55 34.94
N HIS E 74 17.03 -19.28 34.59
CA HIS E 74 16.31 -18.93 33.35
C HIS E 74 17.10 -19.32 32.12
N PHE E 75 18.43 -19.19 32.16
CA PHE E 75 19.26 -19.55 31.01
C PHE E 75 19.28 -21.06 30.80
N GLU E 76 19.24 -21.84 31.89
CA GLU E 76 19.19 -23.29 31.76
C GLU E 76 17.80 -23.78 31.39
N GLU E 77 16.75 -23.06 31.79
CA GLU E 77 15.40 -23.49 31.44
C GLU E 77 15.02 -23.09 30.03
N ILE E 78 15.59 -22.01 29.48
CA ILE E 78 15.32 -21.66 28.10
C ILE E 78 16.09 -22.56 27.15
N THR E 79 17.40 -22.69 27.37
CA THR E 79 18.25 -23.52 26.51
C THR E 79 18.35 -24.92 27.11
N ARG E 80 17.22 -25.61 27.09
CA ARG E 80 17.13 -26.98 27.57
C ARG E 80 17.42 -27.96 26.44
N GLU E 81 18.33 -28.90 26.69
CA GLU E 81 18.69 -29.88 25.68
C GLU E 81 17.59 -30.92 25.54
N TYR E 82 16.98 -30.98 24.35
CA TYR E 82 15.89 -31.90 24.06
C TYR E 82 16.29 -33.02 23.11
N ASN E 83 16.90 -32.68 21.98
CA ASN E 83 17.33 -33.65 20.97
C ASN E 83 18.80 -33.45 20.66
N ALA E 84 19.61 -33.36 21.74
CA ALA E 84 21.05 -33.07 21.70
C ALA E 84 21.35 -31.78 20.94
N LYS E 85 20.49 -30.78 21.13
CA LYS E 85 20.62 -29.47 20.50
C LYS E 85 19.99 -28.43 21.40
N ARG E 86 20.77 -27.41 21.77
CA ARG E 86 20.30 -26.32 22.62
C ARG E 86 19.87 -25.17 21.70
N ILE E 87 18.56 -25.01 21.54
CA ILE E 87 18.01 -24.02 20.63
C ILE E 87 17.78 -22.74 21.45
N ALA E 88 18.73 -21.82 21.37
CA ALA E 88 18.62 -20.52 22.02
C ALA E 88 18.00 -19.52 21.05
N ASN E 89 16.93 -18.87 21.48
CA ASN E 89 16.21 -17.91 20.64
C ASN E 89 16.75 -16.51 20.92
N ILE E 90 17.69 -16.07 20.09
CA ILE E 90 18.27 -14.73 20.22
C ILE E 90 17.27 -13.74 19.64
N ALA E 91 16.51 -13.08 20.52
CA ALA E 91 15.53 -12.07 20.11
C ALA E 91 15.25 -11.19 21.31
N PRO E 92 15.09 -9.87 21.12
CA PRO E 92 14.74 -9.01 22.26
C PRO E 92 13.30 -9.21 22.68
N THR E 93 13.10 -9.88 23.82
CA THR E 93 11.77 -10.19 24.32
C THR E 93 11.76 -9.97 25.83
N ASP E 94 10.88 -9.11 26.31
CA ASP E 94 10.72 -8.89 27.74
C ASP E 94 9.95 -10.07 28.32
N MET E 95 10.60 -10.85 29.19
CA MET E 95 9.96 -11.94 29.91
C MET E 95 10.58 -12.03 31.29
N TYR E 96 9.85 -12.64 32.22
CA TYR E 96 10.47 -13.03 33.48
C TYR E 96 9.83 -14.32 33.98
N MET E 97 10.59 -15.08 34.74
CA MET E 97 10.26 -16.46 35.09
C MET E 97 9.91 -16.58 36.57
N ILE E 98 8.80 -17.27 36.86
CA ILE E 98 8.39 -17.55 38.22
C ILE E 98 8.23 -19.05 38.41
N ASP E 99 7.91 -19.48 39.62
CA ASP E 99 7.70 -20.89 39.95
C ASP E 99 6.27 -21.10 40.46
N LEU E 100 5.94 -22.35 40.77
CA LEU E 100 4.62 -22.71 41.26
C LEU E 100 4.67 -23.31 42.66
N MET E 101 5.54 -24.30 42.89
CA MET E 101 5.89 -24.85 44.20
C MET E 101 4.68 -25.42 44.95
N PHE E 102 4.12 -26.48 44.36
CA PHE E 102 3.04 -27.21 45.02
C PHE E 102 3.59 -28.14 46.09
N SER E 103 2.69 -28.73 46.87
CA SER E 103 3.08 -29.69 47.89
C SER E 103 1.94 -30.68 48.12
N TYR E 104 2.29 -31.86 48.61
CA TYR E 104 1.32 -32.92 48.89
C TYR E 104 1.72 -33.58 50.20
N LYS E 105 1.12 -33.10 51.31
CA LYS E 105 1.39 -33.56 52.68
C LYS E 105 2.88 -33.42 53.02
N GLY E 106 3.37 -32.20 52.90
CA GLY E 106 4.79 -31.96 52.98
C GLY E 106 5.46 -32.42 51.70
N GLU E 107 6.80 -32.54 51.77
CA GLU E 107 7.73 -33.02 50.73
C GLU E 107 7.43 -32.44 49.34
N MET E 108 7.62 -31.12 49.19
CA MET E 108 7.16 -30.38 48.03
C MET E 108 7.77 -30.89 46.73
N LEU E 109 6.97 -30.86 45.67
CA LEU E 109 7.28 -31.55 44.42
C LEU E 109 8.21 -30.69 43.57
N TYR E 110 8.36 -31.07 42.30
CA TYR E 110 9.21 -30.34 41.38
C TYR E 110 8.57 -29.01 41.02
N PRO E 111 9.30 -27.90 41.07
CA PRO E 111 8.70 -26.60 40.74
C PRO E 111 8.51 -26.46 39.23
N ARG E 112 7.41 -25.82 38.85
CA ARG E 112 7.09 -25.60 37.44
C ARG E 112 7.32 -24.14 37.10
N PRO E 113 8.35 -23.81 36.32
CA PRO E 113 8.57 -22.41 35.93
C PRO E 113 7.57 -21.95 34.88
N MET E 114 7.34 -20.64 34.87
CA MET E 114 6.39 -20.04 33.94
C MET E 114 6.86 -18.64 33.56
N LEU E 115 6.60 -18.27 32.32
CA LEU E 115 7.03 -16.99 31.77
C LEU E 115 5.91 -15.96 31.91
N LEU E 116 6.31 -14.69 32.03
CA LEU E 116 5.39 -13.58 32.23
C LEU E 116 5.85 -12.39 31.40
N PRO E 117 4.91 -11.64 30.81
CA PRO E 117 5.25 -10.80 29.65
C PRO E 117 6.04 -9.53 29.94
N ALA E 118 6.16 -9.10 31.20
CA ALA E 118 7.08 -8.04 31.65
C ALA E 118 6.82 -6.71 30.94
N PHE E 119 5.65 -6.13 31.23
CA PHE E 119 5.26 -4.87 30.61
C PHE E 119 6.14 -3.71 31.07
N LYS E 120 6.15 -2.65 30.27
CA LYS E 120 6.99 -1.49 30.51
C LYS E 120 6.13 -0.23 30.57
N ARG E 121 6.79 0.91 30.75
CA ARG E 121 6.08 2.18 30.92
C ARG E 121 5.52 2.67 29.59
N GLY E 122 4.22 2.99 29.58
CA GLY E 122 3.58 3.52 28.41
C GLY E 122 2.82 2.52 27.57
N ASN E 123 2.47 1.35 28.13
CA ASN E 123 1.81 0.24 27.45
C ASN E 123 2.59 -0.19 26.21
N MET E 124 3.83 -0.64 26.46
CA MET E 124 4.75 -1.04 25.41
C MET E 124 5.51 -2.27 25.85
N VAL E 125 5.56 -3.29 25.00
CA VAL E 125 6.28 -4.51 25.32
C VAL E 125 6.79 -5.13 24.01
N THR E 126 8.05 -5.57 24.02
CA THR E 126 8.61 -6.25 22.86
C THR E 126 8.48 -7.77 23.02
N ILE E 127 7.92 -8.40 22.00
CA ILE E 127 7.72 -9.85 21.96
C ILE E 127 8.28 -10.35 20.63
N ASN E 128 9.25 -11.27 20.71
CA ASN E 128 9.86 -11.96 19.57
C ASN E 128 10.49 -10.98 18.57
N GLY E 129 10.96 -9.85 19.05
CA GLY E 129 11.55 -8.81 18.23
C GLY E 129 10.60 -7.68 17.90
N ALA E 130 9.29 -7.93 17.87
CA ALA E 130 8.31 -6.95 17.43
C ALA E 130 7.70 -6.23 18.62
N LYS E 131 7.50 -4.92 18.48
CA LYS E 131 6.90 -4.13 19.54
C LYS E 131 5.38 -4.24 19.49
N TYR E 132 4.76 -4.18 20.67
CA TYR E 132 3.32 -4.32 20.81
C TYR E 132 2.82 -3.42 21.92
N ILE E 133 1.54 -3.09 21.84
CA ILE E 133 0.85 -2.23 22.80
C ILE E 133 -0.32 -3.02 23.37
N GLY E 134 -0.36 -3.14 24.69
CA GLY E 134 -1.45 -3.82 25.36
C GLY E 134 -2.44 -2.84 26.00
N SER E 135 -3.66 -2.80 25.46
CA SER E 135 -4.68 -1.86 25.88
C SER E 135 -5.70 -2.55 26.79
N PRO E 136 -6.25 -1.82 27.78
CA PRO E 136 -7.28 -2.41 28.63
C PRO E 136 -8.62 -2.54 27.91
N VAL E 137 -9.48 -3.38 28.46
CA VAL E 137 -10.78 -3.69 27.89
C VAL E 137 -11.86 -3.15 28.81
N LEU E 138 -12.82 -2.42 28.25
CA LEU E 138 -13.95 -1.90 29.00
C LEU E 138 -14.92 -3.05 29.29
N THR E 139 -15.00 -3.46 30.56
CA THR E 139 -15.83 -4.58 30.98
C THR E 139 -16.80 -4.11 32.05
N ASP E 140 -18.09 -4.38 31.83
CA ASP E 140 -19.11 -3.96 32.78
C ASP E 140 -19.10 -4.85 34.02
N VAL E 141 -19.40 -4.24 35.16
CA VAL E 141 -19.44 -4.96 36.44
C VAL E 141 -20.77 -5.66 36.58
N GLY E 142 -20.72 -6.97 36.83
CA GLY E 142 -21.93 -7.75 37.02
C GLY E 142 -22.27 -8.65 35.86
N PHE E 143 -23.29 -8.28 35.08
CA PHE E 143 -23.75 -9.08 33.96
C PHE E 143 -23.92 -8.19 32.74
N SER E 144 -23.87 -8.82 31.57
CA SER E 144 -24.07 -8.12 30.30
C SER E 144 -25.46 -8.42 29.76
N VAL E 145 -26.09 -7.42 29.17
CA VAL E 145 -27.42 -7.55 28.59
C VAL E 145 -27.28 -7.37 27.09
N LEU E 146 -27.39 -8.46 26.34
CA LEU E 146 -27.31 -8.42 24.89
C LEU E 146 -28.69 -8.12 24.31
N ASN E 147 -28.82 -8.21 22.99
CA ASN E 147 -30.09 -7.96 22.32
C ASN E 147 -31.08 -9.11 22.47
N ASP E 148 -30.62 -10.31 22.79
CA ASP E 148 -31.50 -11.45 22.97
C ASP E 148 -31.50 -12.00 24.39
N SER E 149 -30.33 -12.29 24.95
CA SER E 149 -30.23 -12.97 26.23
C SER E 149 -29.28 -12.21 27.16
N ILE E 150 -29.15 -12.72 28.38
CA ILE E 150 -28.30 -12.14 29.41
C ILE E 150 -27.09 -13.05 29.59
N PHE E 151 -25.91 -12.44 29.76
CA PHE E 151 -24.66 -13.17 29.88
C PHE E 151 -24.02 -12.86 31.22
N ILE E 152 -23.48 -13.90 31.86
CA ILE E 152 -22.76 -13.75 33.13
C ILE E 152 -21.34 -14.28 32.90
N PRO E 153 -20.31 -13.60 33.42
CA PRO E 153 -18.95 -14.14 33.31
C PRO E 153 -18.60 -15.09 34.44
N PHE E 154 -17.96 -16.20 34.07
CA PHE E 154 -17.51 -17.20 35.01
C PHE E 154 -16.05 -17.54 34.72
N ARG E 155 -15.46 -18.35 35.60
CA ARG E 155 -14.05 -18.71 35.44
C ARG E 155 -13.86 -19.85 34.44
N ARG E 156 -14.86 -20.71 34.28
CA ARG E 156 -14.73 -21.87 33.40
C ARG E 156 -15.86 -22.02 32.40
N THR E 157 -17.05 -21.47 32.65
CA THR E 157 -18.18 -21.58 31.74
C THR E 157 -18.44 -20.24 31.06
N LYS E 158 -18.85 -20.30 29.80
CA LYS E 158 -19.14 -19.13 28.98
C LYS E 158 -20.52 -19.27 28.35
N LEU E 159 -21.50 -19.63 29.17
CA LEU E 159 -22.84 -19.94 28.70
C LEU E 159 -23.70 -18.70 28.62
N THR E 160 -24.67 -18.74 27.71
CA THR E 160 -25.73 -17.75 27.62
C THR E 160 -26.97 -18.30 28.32
N PHE E 161 -28.07 -17.54 28.28
CA PHE E 161 -29.30 -17.95 28.94
C PHE E 161 -30.44 -17.97 27.92
N LYS E 162 -30.53 -19.07 27.18
CA LYS E 162 -31.76 -19.46 26.47
C LYS E 162 -31.81 -20.98 26.50
N GLN E 163 -32.41 -21.54 27.57
CA GLN E 163 -32.56 -22.95 27.92
C GLN E 163 -31.36 -23.83 27.57
N THR E 164 -30.15 -23.33 27.79
CA THR E 164 -28.94 -24.00 27.33
C THR E 164 -27.88 -23.97 28.41
N ASP E 165 -27.24 -25.12 28.65
CA ASP E 165 -26.14 -25.23 29.59
C ASP E 165 -24.97 -25.93 28.89
N HIS E 166 -23.85 -26.10 29.58
CA HIS E 166 -22.68 -26.74 28.97
C HIS E 166 -22.76 -28.26 29.14
N HIS E 167 -21.87 -28.95 28.43
CA HIS E 167 -21.83 -30.40 28.48
C HIS E 167 -20.39 -30.91 28.49
N GLY E 322 -29.39 -46.08 29.45
CA GLY E 322 -29.00 -46.80 30.65
C GLY E 322 -27.79 -46.20 31.35
N LYS E 323 -26.77 -45.87 30.56
CA LYS E 323 -25.54 -45.28 31.07
C LYS E 323 -25.59 -43.76 31.13
N VAL E 324 -26.75 -43.16 30.89
CA VAL E 324 -26.89 -41.71 30.95
C VAL E 324 -27.17 -41.19 32.35
N GLU E 325 -27.31 -42.09 33.33
CA GLU E 325 -27.58 -41.66 34.70
C GLU E 325 -26.35 -41.07 35.37
N GLU E 326 -25.15 -41.40 34.91
CA GLU E 326 -23.92 -40.87 35.51
C GLU E 326 -23.48 -39.56 34.89
N ASN E 327 -23.96 -39.21 33.69
CA ASN E 327 -23.61 -37.93 33.09
C ASN E 327 -24.31 -36.78 33.82
N ILE E 328 -25.61 -36.95 34.08
CA ILE E 328 -26.36 -35.95 34.83
C ILE E 328 -26.01 -35.93 36.31
N ASP E 329 -25.30 -36.95 36.81
CA ASP E 329 -24.78 -36.95 38.16
C ASP E 329 -23.40 -36.30 38.23
N SER E 330 -22.54 -36.57 37.23
CA SER E 330 -21.23 -35.94 37.20
C SER E 330 -21.32 -34.45 36.86
N HIS E 331 -22.35 -34.05 36.11
CA HIS E 331 -22.57 -32.63 35.88
C HIS E 331 -23.07 -31.94 37.14
N LEU E 332 -24.02 -32.57 37.84
CA LEU E 332 -24.59 -31.99 39.06
C LEU E 332 -23.59 -32.01 40.22
N HIS E 333 -22.58 -32.90 40.16
CA HIS E 333 -21.53 -32.89 41.18
C HIS E 333 -20.72 -31.60 41.11
N SER E 334 -20.25 -31.24 39.91
CA SER E 334 -19.47 -30.02 39.74
C SER E 334 -20.32 -28.76 39.61
N PHE E 335 -21.64 -28.91 39.44
CA PHE E 335 -22.47 -27.73 39.25
C PHE E 335 -22.72 -26.96 40.55
N CYS E 336 -22.56 -27.59 41.72
CA CYS E 336 -22.96 -26.97 42.97
C CYS E 336 -21.82 -26.46 43.83
N ASN E 337 -20.60 -26.97 43.67
CA ASN E 337 -19.49 -26.51 44.50
C ASN E 337 -18.40 -25.79 43.73
N SER E 338 -18.21 -26.11 42.45
CA SER E 338 -17.16 -25.49 41.65
C SER E 338 -17.55 -24.10 41.14
N LEU E 339 -18.82 -23.72 41.23
CA LEU E 339 -19.29 -22.41 40.78
C LEU E 339 -19.45 -21.42 41.92
N ASP E 340 -18.59 -21.51 42.93
CA ASP E 340 -18.65 -20.62 44.08
C ASP E 340 -17.35 -19.84 44.22
N GLU E 341 -16.88 -19.28 43.11
CA GLU E 341 -15.64 -18.50 43.13
C GLU E 341 -15.84 -17.20 43.88
N MET E 342 -14.88 -16.88 44.77
CA MET E 342 -15.03 -15.74 45.67
C MET E 342 -14.92 -14.41 44.94
N THR E 343 -14.09 -14.33 43.91
CA THR E 343 -13.94 -13.09 43.16
C THR E 343 -15.18 -12.77 42.33
N ILE E 344 -15.91 -13.80 41.90
CA ILE E 344 -17.18 -13.55 41.22
C ILE E 344 -18.25 -13.13 42.23
N GLU E 345 -18.16 -13.59 43.48
CA GLU E 345 -19.06 -13.10 44.51
C GLU E 345 -18.77 -11.65 44.88
N GLU E 346 -17.51 -11.23 44.78
CA GLU E 346 -17.21 -9.80 44.87
C GLU E 346 -17.53 -9.05 43.57
N LEU E 347 -17.70 -9.76 42.46
CA LEU E 347 -18.07 -9.13 41.20
C LEU E 347 -19.58 -8.89 41.11
N LYS E 348 -20.38 -9.57 41.93
CA LYS E 348 -21.83 -9.46 41.91
C LYS E 348 -22.35 -8.46 42.93
N THR E 349 -21.61 -7.37 43.16
CA THR E 349 -21.97 -6.34 44.13
C THR E 349 -22.93 -5.29 43.55
N VAL E 350 -23.60 -5.58 42.43
CA VAL E 350 -24.54 -4.64 41.85
C VAL E 350 -25.95 -4.80 42.42
N GLY E 351 -26.15 -5.71 43.36
CA GLY E 351 -27.46 -5.90 43.96
C GLY E 351 -27.88 -7.35 44.02
N VAL E 352 -27.20 -8.20 43.25
CA VAL E 352 -27.50 -9.64 43.22
C VAL E 352 -26.62 -10.29 44.28
N ASN E 353 -27.16 -10.40 45.49
CA ASN E 353 -26.43 -10.96 46.63
C ASN E 353 -26.89 -12.41 46.81
N VAL E 354 -26.13 -13.33 46.23
CA VAL E 354 -26.41 -14.75 46.32
C VAL E 354 -25.30 -15.43 47.13
N SER E 355 -25.57 -16.67 47.53
CA SER E 355 -24.59 -17.50 48.22
C SER E 355 -24.18 -18.72 47.41
N THR E 356 -25.13 -19.37 46.77
CA THR E 356 -24.88 -20.53 45.92
C THR E 356 -25.57 -20.31 44.59
N ILE E 357 -25.21 -21.12 43.59
CA ILE E 357 -25.74 -20.98 42.24
C ILE E 357 -27.24 -21.30 42.19
N TRP E 358 -27.74 -22.14 43.12
CA TRP E 358 -29.17 -22.43 43.18
C TRP E 358 -29.98 -21.23 43.63
N GLU E 359 -29.38 -20.31 44.39
CA GLU E 359 -30.05 -19.04 44.68
C GLU E 359 -29.89 -18.05 43.54
N LEU E 360 -28.82 -18.18 42.74
CA LEU E 360 -28.65 -17.32 41.58
C LEU E 360 -29.68 -17.64 40.50
N LEU E 361 -29.98 -18.93 40.29
CA LEU E 361 -31.02 -19.31 39.35
C LEU E 361 -32.41 -18.92 39.84
N TYR E 362 -32.60 -18.80 41.16
CA TYR E 362 -33.85 -18.29 41.69
C TYR E 362 -33.97 -16.77 41.46
N GLU E 363 -32.90 -16.03 41.81
CA GLU E 363 -32.90 -14.58 41.69
C GLU E 363 -32.91 -14.11 40.24
N ILE E 364 -32.48 -14.97 39.30
CA ILE E 364 -32.69 -14.69 37.89
C ILE E 364 -34.18 -14.73 37.57
N MET E 365 -34.90 -15.71 38.12
CA MET E 365 -36.31 -15.89 37.81
C MET E 365 -37.23 -14.92 38.55
N THR E 366 -36.84 -14.40 39.71
CA THR E 366 -37.71 -13.52 40.46
C THR E 366 -37.31 -12.05 40.42
N SER E 367 -36.07 -11.74 40.06
CA SER E 367 -35.61 -10.35 40.02
C SER E 367 -35.05 -9.94 38.67
N LEU E 368 -34.31 -10.82 38.00
CA LEU E 368 -33.72 -10.52 36.70
C LEU E 368 -34.60 -10.98 35.54
N ALA E 369 -35.82 -11.41 35.81
CA ALA E 369 -36.70 -11.92 34.77
C ALA E 369 -37.20 -10.84 33.82
N HIS E 370 -37.24 -9.59 34.25
CA HIS E 370 -37.65 -8.49 33.39
C HIS E 370 -36.50 -7.89 32.58
N HIS E 371 -35.30 -8.46 32.69
CA HIS E 371 -34.15 -8.00 31.92
C HIS E 371 -34.07 -8.63 30.52
N LEU E 372 -35.12 -9.31 30.07
CA LEU E 372 -35.15 -9.91 28.74
C LEU E 372 -35.90 -9.07 27.73
N TYR E 373 -36.90 -8.30 28.14
CA TYR E 373 -37.69 -7.48 27.24
C TYR E 373 -37.88 -6.04 27.69
N ALA E 374 -37.77 -5.75 28.99
CA ALA E 374 -37.97 -4.41 29.54
C ALA E 374 -36.86 -4.07 30.52
N THR E 375 -35.61 -4.28 30.10
CA THR E 375 -34.47 -4.09 30.97
C THR E 375 -34.22 -2.61 31.26
N ASP E 376 -33.59 -2.35 32.40
CA ASP E 376 -33.22 -1.01 32.80
C ASP E 376 -31.80 -0.63 32.39
N ILE E 377 -31.05 -1.56 31.80
CA ILE E 377 -29.72 -1.26 31.30
C ILE E 377 -29.84 -0.42 30.04
N ASP E 378 -29.15 0.72 30.02
CA ASP E 378 -29.26 1.66 28.90
C ASP E 378 -28.58 1.16 27.64
N GLU E 379 -27.66 0.19 27.76
CA GLU E 379 -27.00 -0.57 26.69
C GLU E 379 -25.97 0.28 25.93
N THR E 380 -25.89 1.58 26.23
CA THR E 380 -24.96 2.47 25.58
C THR E 380 -24.13 3.29 26.56
N SER E 381 -24.47 3.29 27.84
CA SER E 381 -23.74 4.08 28.84
C SER E 381 -22.43 3.38 29.21
N MET E 382 -21.36 4.18 29.31
CA MET E 382 -20.06 3.69 29.72
C MET E 382 -19.77 3.93 31.20
N TYR E 383 -20.82 4.12 32.00
CA TYR E 383 -20.66 4.37 33.43
C TYR E 383 -20.75 3.07 34.20
N GLY E 384 -19.88 2.93 35.21
CA GLY E 384 -19.87 1.74 36.03
C GLY E 384 -19.21 0.55 35.37
N LYS E 385 -17.93 0.71 35.01
CA LYS E 385 -17.16 -0.35 34.37
C LYS E 385 -15.97 -0.71 35.24
N ARG E 386 -15.40 -1.89 34.98
CA ARG E 386 -14.26 -2.38 35.74
C ARG E 386 -12.92 -2.08 35.09
N LEU E 387 -12.88 -1.99 33.76
CA LEU E 387 -11.69 -1.71 32.95
C LEU E 387 -10.58 -2.72 33.22
N THR E 388 -10.86 -3.97 32.88
CA THR E 388 -9.93 -5.07 33.12
C THR E 388 -8.89 -5.13 32.03
N VAL E 389 -7.62 -5.33 32.43
CA VAL E 389 -6.53 -5.50 31.48
C VAL E 389 -5.85 -6.82 31.80
N LEU E 390 -5.97 -7.28 33.05
CA LEU E 390 -5.35 -8.52 33.49
C LEU E 390 -6.26 -9.73 33.33
N HIS E 391 -7.58 -9.52 33.21
CA HIS E 391 -8.49 -10.64 33.03
C HIS E 391 -8.40 -11.22 31.62
N TYR E 392 -8.10 -10.38 30.63
CA TYR E 392 -7.94 -10.84 29.26
C TYR E 392 -6.51 -11.18 28.90
N LEU E 393 -5.53 -10.71 29.69
CA LEU E 393 -4.14 -11.03 29.41
C LEU E 393 -3.79 -12.44 29.85
N MET E 394 -4.36 -12.91 30.97
CA MET E 394 -4.12 -14.24 31.48
C MET E 394 -5.25 -15.20 31.12
N SER E 395 -5.85 -15.04 29.94
CA SER E 395 -6.95 -15.89 29.53
C SER E 395 -6.49 -17.30 29.16
N GLU E 396 -5.23 -17.46 28.75
CA GLU E 396 -4.70 -18.77 28.43
C GLU E 396 -4.17 -19.51 29.65
N PHE E 397 -3.90 -18.79 30.74
CA PHE E 397 -3.46 -19.41 31.98
C PHE E 397 -4.63 -19.85 32.84
N ASN E 398 -5.73 -19.09 32.84
CA ASN E 398 -6.92 -19.48 33.59
C ASN E 398 -7.58 -20.72 32.98
N TYR E 399 -7.47 -20.89 31.66
CA TYR E 399 -7.96 -22.10 31.02
C TYR E 399 -7.16 -23.33 31.46
N ALA E 400 -5.84 -23.19 31.58
CA ALA E 400 -5.02 -24.28 32.08
C ALA E 400 -5.26 -24.54 33.56
N VAL E 401 -5.58 -23.49 34.33
CA VAL E 401 -5.92 -23.66 35.75
C VAL E 401 -7.23 -24.42 35.88
N SER E 402 -8.23 -24.10 35.05
CA SER E 402 -9.49 -24.83 35.09
C SER E 402 -9.34 -26.26 34.60
N MET E 403 -8.49 -26.50 33.60
CA MET E 403 -8.26 -27.87 33.14
C MET E 403 -7.45 -28.68 34.14
N PHE E 404 -6.60 -28.03 34.94
CA PHE E 404 -5.93 -28.73 36.02
C PHE E 404 -6.87 -29.02 37.19
N GLY E 405 -7.81 -28.10 37.45
CA GLY E 405 -8.80 -28.31 38.49
C GLY E 405 -9.87 -29.33 38.12
N TYR E 406 -10.07 -29.55 36.82
CA TYR E 406 -10.98 -30.60 36.36
C TYR E 406 -10.43 -32.01 36.60
N MET E 407 -9.14 -32.15 36.90
CA MET E 407 -8.55 -33.47 37.07
C MET E 407 -8.95 -34.09 38.41
N PHE E 408 -8.91 -33.32 39.49
CA PHE E 408 -9.14 -33.86 40.82
C PHE E 408 -10.62 -33.93 41.20
N GLN E 409 -11.51 -33.33 40.42
CA GLN E 409 -12.93 -33.30 40.74
C GLN E 409 -13.79 -34.02 39.72
N SER E 410 -13.63 -33.70 38.44
CA SER E 410 -14.52 -34.27 37.42
C SER E 410 -14.15 -35.70 37.07
N ARG E 411 -12.86 -36.02 37.04
CA ARG E 411 -12.43 -37.35 36.64
C ARG E 411 -12.65 -38.37 37.74
N ARG E 412 -11.97 -38.20 38.87
CA ARG E 412 -12.07 -39.14 39.98
C ARG E 412 -11.67 -38.43 41.27
N ASP E 413 -12.03 -39.05 42.39
CA ASP E 413 -11.75 -38.52 43.73
C ASP E 413 -11.11 -39.58 44.60
N ARG E 414 -10.10 -40.26 44.06
CA ARG E 414 -9.42 -41.35 44.76
C ARG E 414 -8.04 -40.88 45.23
N GLU E 415 -7.30 -41.80 45.84
CA GLU E 415 -6.01 -41.49 46.42
C GLU E 415 -4.94 -41.43 45.33
N TRP E 416 -4.14 -40.36 45.34
CA TRP E 416 -3.06 -40.17 44.37
C TRP E 416 -1.71 -40.45 45.02
N THR E 417 -0.69 -40.48 44.18
CA THR E 417 0.70 -40.62 44.60
C THR E 417 1.53 -39.53 43.93
N VAL E 418 2.83 -39.49 44.25
CA VAL E 418 3.68 -38.45 43.70
C VAL E 418 4.03 -38.71 42.24
N GLN E 419 3.99 -39.98 41.80
CA GLN E 419 4.34 -40.30 40.41
C GLN E 419 3.26 -39.84 39.45
N GLU E 420 2.00 -39.85 39.87
CA GLU E 420 0.93 -39.32 39.03
C GLU E 420 0.80 -37.81 39.18
N LEU E 421 1.11 -37.28 40.37
CA LEU E 421 1.01 -35.84 40.60
C LEU E 421 2.08 -35.08 39.84
N ASN E 422 3.31 -35.61 39.80
CA ASN E 422 4.38 -34.98 39.03
C ASN E 422 4.09 -35.05 37.54
N GLU E 423 3.50 -36.15 37.08
CA GLU E 423 3.12 -36.28 35.66
C GLU E 423 2.02 -35.30 35.29
N GLY E 424 1.02 -35.15 36.17
CA GLY E 424 -0.03 -34.18 35.93
C GLY E 424 0.44 -32.74 35.99
N LEU E 425 1.41 -32.44 36.86
CA LEU E 425 1.97 -31.10 36.92
C LEU E 425 2.84 -30.81 35.70
N LYS E 426 3.55 -31.81 35.18
CA LYS E 426 4.33 -31.61 33.97
C LYS E 426 3.44 -31.53 32.74
N ARG E 427 2.28 -32.17 32.77
CA ARG E 427 1.35 -32.15 31.63
C ARG E 427 0.41 -30.96 31.64
N SER E 428 0.20 -30.33 32.81
CA SER E 428 -0.75 -29.22 32.89
C SER E 428 -0.07 -27.87 32.69
N PHE E 429 1.03 -27.63 33.40
CA PHE E 429 1.71 -26.33 33.37
C PHE E 429 3.03 -26.50 32.62
N LYS E 430 3.04 -26.09 31.35
CA LYS E 430 4.24 -26.10 30.53
C LYS E 430 4.96 -24.76 30.69
N LEU E 431 5.96 -24.51 29.83
CA LEU E 431 6.75 -23.30 29.93
C LEU E 431 6.07 -22.09 29.29
N GLN E 432 5.24 -22.32 28.26
CA GLN E 432 4.66 -21.23 27.49
C GLN E 432 3.14 -21.26 27.53
N THR E 433 2.56 -21.40 28.73
CA THR E 433 1.11 -21.48 28.86
C THR E 433 0.42 -20.17 28.52
N ALA E 434 0.95 -19.05 29.01
CA ALA E 434 0.37 -17.74 28.78
C ALA E 434 1.09 -16.95 27.69
N ILE E 435 2.00 -17.60 26.96
CA ILE E 435 2.81 -16.92 25.97
C ILE E 435 2.45 -17.34 24.53
N LYS E 436 1.90 -18.54 24.34
CA LYS E 436 1.76 -19.11 23.00
C LYS E 436 0.67 -18.42 22.18
N ARG E 437 -0.35 -17.84 22.83
CA ARG E 437 -1.43 -17.21 22.10
C ARG E 437 -1.57 -15.74 22.47
N LEU E 438 -0.44 -15.03 22.53
CA LEU E 438 -0.46 -13.62 22.87
C LEU E 438 -0.63 -12.71 21.66
N THR E 439 0.04 -13.04 20.55
CA THR E 439 0.05 -12.17 19.37
C THR E 439 -0.75 -12.74 18.21
N VAL E 440 -1.56 -13.77 18.43
CA VAL E 440 -2.35 -14.39 17.38
C VAL E 440 -3.86 -14.30 17.64
N ASP E 441 -4.29 -14.36 18.91
CA ASP E 441 -5.71 -14.32 19.25
C ASP E 441 -6.11 -13.14 20.11
N HIS E 442 -5.20 -12.55 20.88
CA HIS E 442 -5.55 -11.48 21.81
C HIS E 442 -5.77 -10.19 21.02
N GLY E 443 -7.00 -9.68 21.03
CA GLY E 443 -7.31 -8.44 20.34
C GLY E 443 -6.90 -7.19 21.06
N GLU E 444 -6.51 -7.28 22.33
CA GLU E 444 -6.05 -6.13 23.08
C GLU E 444 -4.60 -5.78 22.81
N LEU E 445 -3.84 -6.68 22.17
CA LEU E 445 -2.45 -6.42 21.82
C LEU E 445 -2.40 -6.02 20.35
N ASP E 446 -1.84 -4.84 20.09
CA ASP E 446 -1.76 -4.30 18.74
C ASP E 446 -0.31 -3.99 18.40
N THR E 447 -0.05 -3.86 17.10
CA THR E 447 1.30 -3.55 16.62
C THR E 447 1.56 -2.05 16.74
N MET E 448 2.72 -1.69 17.29
CA MET E 448 3.08 -0.29 17.48
C MET E 448 3.58 0.29 16.16
N SER E 449 2.92 1.34 15.69
CA SER E 449 3.28 2.02 14.45
C SER E 449 3.23 3.52 14.65
N ASN E 450 3.84 4.00 15.74
CA ASN E 450 3.80 5.42 16.08
C ASN E 450 5.13 6.07 15.72
N PRO E 451 5.21 6.90 14.66
CA PRO E 451 6.44 7.60 14.31
C PRO E 451 6.58 8.96 15.00
N ASN E 452 6.38 8.98 16.32
CA ASN E 452 6.40 10.23 17.07
C ASN E 452 7.00 9.95 18.44
N SER E 453 7.00 10.98 19.30
CA SER E 453 7.54 10.87 20.65
C SER E 453 6.48 10.86 21.74
N SER E 454 5.30 11.40 21.47
CA SER E 454 4.25 11.45 22.48
C SER E 454 3.50 10.13 22.52
N MET E 455 3.24 9.64 23.74
CA MET E 455 2.51 8.41 23.94
C MET E 455 1.01 8.62 24.14
N LEU E 456 0.57 9.88 24.28
CA LEU E 456 -0.84 10.16 24.50
C LEU E 456 -1.67 10.12 23.23
N ILE E 457 -1.03 10.06 22.05
CA ILE E 457 -1.78 10.08 20.80
C ILE E 457 -2.31 8.69 20.47
N LYS E 458 -1.41 7.72 20.29
CA LYS E 458 -1.79 6.37 19.92
C LYS E 458 -1.22 5.30 20.83
N GLY E 459 -0.41 5.67 21.82
CA GLY E 459 0.20 4.68 22.70
C GLY E 459 -0.74 4.19 23.79
N THR E 460 -1.17 5.09 24.68
CA THR E 460 -1.99 4.73 25.82
C THR E 460 -3.40 5.30 25.74
N SER E 461 -3.84 5.71 24.54
CA SER E 461 -5.17 6.27 24.34
C SER E 461 -6.05 5.35 23.50
N ILE E 462 -5.86 4.03 23.61
CA ILE E 462 -6.61 3.04 22.85
C ILE E 462 -7.46 2.23 23.82
N LEU E 463 -8.75 2.14 23.53
CA LEU E 463 -9.66 1.26 24.27
C LEU E 463 -10.36 0.32 23.30
N VAL E 464 -10.65 -0.88 23.79
CA VAL E 464 -11.39 -1.87 23.02
C VAL E 464 -12.63 -2.27 23.80
N THR E 465 -13.67 -2.63 23.07
CA THR E 465 -14.94 -3.03 23.68
C THR E 465 -14.91 -4.51 24.03
N GLN E 466 -16.04 -5.00 24.54
CA GLN E 466 -16.16 -6.41 24.88
C GLN E 466 -16.32 -7.30 23.66
N ASP E 467 -16.69 -6.73 22.51
CA ASP E 467 -16.80 -7.49 21.28
C ASP E 467 -15.51 -7.48 20.46
N ARG E 468 -14.62 -6.52 20.69
CA ARG E 468 -13.37 -6.44 19.96
C ARG E 468 -12.29 -7.35 20.55
N ALA E 469 -12.49 -7.88 21.75
CA ALA E 469 -11.50 -8.77 22.36
C ALA E 469 -11.51 -10.16 21.75
N LYS E 470 -12.59 -10.54 21.06
CA LYS E 470 -12.69 -11.86 20.42
C LYS E 470 -12.16 -11.74 19.00
N THR E 471 -11.00 -12.33 18.75
CA THR E 471 -10.40 -12.29 17.42
C THR E 471 -10.10 -13.70 16.92
N SER E 483 -29.00 -0.61 17.08
CA SER E 483 -28.02 -1.51 17.70
C SER E 483 -27.45 -0.89 18.97
N SER E 484 -26.13 -1.07 19.17
CA SER E 484 -25.44 -0.52 20.31
C SER E 484 -24.70 0.77 20.01
N ARG E 485 -24.69 1.20 18.75
CA ARG E 485 -24.00 2.43 18.36
C ARG E 485 -24.93 3.64 18.38
N ILE E 486 -25.57 3.86 19.54
CA ILE E 486 -26.45 5.00 19.75
C ILE E 486 -25.69 6.03 20.58
N ILE E 487 -25.88 7.31 20.25
CA ILE E 487 -25.16 8.38 20.92
C ILE E 487 -25.62 8.51 22.37
N HIS E 488 -24.67 8.52 23.30
CA HIS E 488 -24.94 8.65 24.73
C HIS E 488 -24.14 9.83 25.27
N ALA E 489 -24.68 10.44 26.33
CA ALA E 489 -24.04 11.61 26.92
C ALA E 489 -22.78 11.24 27.72
N SER E 490 -22.60 9.96 28.05
CA SER E 490 -21.40 9.51 28.76
C SER E 490 -20.21 9.31 27.83
N ILE E 491 -20.37 9.51 26.53
CA ILE E 491 -19.25 9.37 25.60
C ILE E 491 -18.26 10.52 25.78
N ALA E 492 -18.77 11.74 25.97
CA ALA E 492 -17.92 12.91 26.12
C ALA E 492 -17.24 12.99 27.49
N GLU E 493 -17.58 12.11 28.43
CA GLU E 493 -17.00 12.17 29.76
C GLU E 493 -15.79 11.25 29.91
N VAL E 494 -15.94 9.97 29.55
CA VAL E 494 -14.89 8.98 29.79
C VAL E 494 -14.15 8.71 28.48
N GLY E 495 -14.84 8.83 27.35
CA GLY E 495 -14.25 8.64 26.05
C GLY E 495 -13.94 9.96 25.36
N GLN E 496 -13.56 9.84 24.09
CA GLN E 496 -13.19 11.00 23.27
C GLN E 496 -14.10 11.05 22.05
N TYR E 497 -15.12 11.91 22.09
CA TYR E 497 -15.91 12.15 20.90
C TYR E 497 -15.16 13.08 19.95
N LYS E 498 -15.67 13.16 18.72
CA LYS E 498 -14.98 13.76 17.56
C LYS E 498 -13.61 13.12 17.33
N ASN E 499 -13.53 11.81 17.59
CA ASN E 499 -12.32 11.01 17.36
C ASN E 499 -12.82 9.67 16.80
N GLN E 500 -12.91 9.59 15.48
CA GLN E 500 -13.54 8.45 14.81
C GLN E 500 -12.55 7.74 13.90
N PRO E 501 -11.91 6.67 14.37
CA PRO E 501 -11.10 5.83 13.48
C PRO E 501 -11.99 4.90 12.66
N LYS E 502 -11.34 4.03 11.88
CA LYS E 502 -12.07 3.14 10.99
C LYS E 502 -12.72 1.97 11.73
N ASN E 503 -12.07 1.47 12.78
CA ASN E 503 -12.61 0.32 13.51
C ASN E 503 -13.79 0.71 14.39
N ASN E 504 -13.68 1.83 15.10
CA ASN E 504 -14.74 2.33 15.99
C ASN E 504 -15.16 3.70 15.49
N PRO E 505 -16.08 3.76 14.52
CA PRO E 505 -16.47 5.05 13.96
C PRO E 505 -17.36 5.88 14.88
N ASP E 506 -17.97 5.27 15.89
CA ASP E 506 -18.82 6.00 16.82
C ASP E 506 -18.02 6.70 17.91
N GLY E 507 -16.71 6.50 17.98
CA GLY E 507 -15.91 7.13 18.99
C GLY E 507 -15.97 6.48 20.36
N ARG E 508 -16.33 5.21 20.42
CA ARG E 508 -16.47 4.52 21.70
C ARG E 508 -15.15 3.95 22.21
N GLY E 509 -14.28 3.48 21.32
CA GLY E 509 -13.00 3.01 21.77
C GLY E 509 -11.95 4.11 21.71
N ARG E 510 -11.80 4.81 22.84
CA ARG E 510 -10.92 5.95 23.02
C ARG E 510 -10.74 6.15 24.51
N LEU E 511 -9.60 6.68 24.90
CA LEU E 511 -9.30 6.93 26.31
C LEU E 511 -9.08 8.43 26.52
N ASN E 512 -10.00 9.06 27.25
CA ASN E 512 -9.85 10.45 27.64
C ASN E 512 -9.14 10.52 28.98
N MET E 513 -8.08 11.32 29.05
CA MET E 513 -7.26 11.39 30.26
C MET E 513 -7.95 12.15 31.39
N TYR E 514 -8.95 12.98 31.08
CA TYR E 514 -9.62 13.78 32.10
C TYR E 514 -10.89 13.08 32.59
N THR E 515 -10.69 11.90 33.19
CA THR E 515 -11.78 11.18 33.83
C THR E 515 -11.33 10.71 35.21
N LYS E 516 -12.31 10.46 36.08
CA LYS E 516 -12.06 10.05 37.45
C LYS E 516 -12.11 8.53 37.52
N VAL E 517 -10.96 7.91 37.79
CA VAL E 517 -10.85 6.47 37.95
C VAL E 517 -10.25 6.19 39.32
N GLY E 518 -11.01 5.50 40.17
CA GLY E 518 -10.54 5.17 41.50
C GLY E 518 -9.75 3.89 41.53
N PRO E 519 -9.91 3.11 42.60
CA PRO E 519 -9.22 1.81 42.69
C PRO E 519 -9.83 0.81 41.72
N THR E 520 -9.03 -0.24 41.43
CA THR E 520 -9.24 -1.37 40.52
C THR E 520 -9.96 -1.02 39.21
N GLY E 521 -9.67 0.15 38.66
CA GLY E 521 -10.24 0.56 37.38
C GLY E 521 -11.71 0.88 37.39
N LEU E 522 -12.30 1.09 38.57
CA LEU E 522 -13.73 1.37 38.67
C LEU E 522 -14.01 2.79 38.17
N VAL E 523 -14.75 2.89 37.07
CA VAL E 523 -15.04 4.18 36.46
C VAL E 523 -16.14 4.85 37.27
N GLU E 524 -15.77 5.92 37.98
CA GLU E 524 -16.71 6.70 38.77
C GLU E 524 -16.94 8.05 38.10
N ARG E 525 -18.15 8.58 38.28
CA ARG E 525 -18.54 9.81 37.61
C ARG E 525 -17.99 11.03 38.34
N ARG E 526 -17.88 12.14 37.60
CA ARG E 526 -17.39 13.39 38.15
C ARG E 526 -18.55 14.26 38.59
N GLU E 527 -18.23 15.47 39.06
CA GLU E 527 -19.23 16.39 39.60
C GLU E 527 -19.30 17.72 38.87
N GLU E 528 -18.18 18.22 38.34
CA GLU E 528 -18.17 19.54 37.71
C GLU E 528 -18.86 19.55 36.35
N VAL E 529 -18.97 18.39 35.69
CA VAL E 529 -19.56 18.30 34.36
C VAL E 529 -20.90 17.56 34.40
N ARG E 530 -21.45 17.32 35.59
CA ARG E 530 -22.66 16.51 35.71
C ARG E 530 -23.90 17.28 35.25
N GLU E 531 -23.94 18.61 35.46
CA GLU E 531 -25.11 19.39 35.07
C GLU E 531 -25.28 19.46 33.57
N ILE E 532 -24.17 19.61 32.83
CA ILE E 532 -24.23 19.69 31.38
C ILE E 532 -24.61 18.34 30.78
N ILE E 533 -24.12 17.24 31.39
CA ILE E 533 -24.46 15.91 30.91
C ILE E 533 -25.93 15.59 31.18
N ASP E 534 -26.43 15.96 32.36
CA ASP E 534 -27.86 15.78 32.64
C ASP E 534 -28.75 16.70 31.83
N ASN E 535 -28.24 17.86 31.39
CA ASN E 535 -29.02 18.70 30.51
C ASN E 535 -29.03 18.19 29.08
N ALA E 536 -27.94 17.56 28.64
CA ALA E 536 -27.85 17.05 27.28
C ALA E 536 -28.44 15.66 27.10
N GLN E 537 -28.58 14.88 28.18
CA GLN E 537 -29.09 13.52 28.05
C GLN E 537 -30.60 13.50 27.83
N LEU E 538 -31.35 14.32 28.57
CA LEU E 538 -32.79 14.37 28.39
C LEU E 538 -33.20 15.02 27.09
N MET E 539 -32.32 15.84 26.49
CA MET E 539 -32.58 16.40 25.17
C MET E 539 -32.34 15.40 24.04
N PHE E 540 -31.69 14.27 24.33
CA PHE E 540 -31.40 13.27 23.30
C PHE E 540 -32.60 12.37 23.04
N ARG E 541 -33.08 11.69 24.08
CA ARG E 541 -33.97 10.55 23.93
C ARG E 541 -35.44 10.93 23.85
N ALA E 542 -35.75 12.21 23.66
CA ALA E 542 -37.13 12.67 23.55
C ALA E 542 -37.53 12.71 22.09
N LYS E 543 -38.57 11.96 21.74
CA LYS E 543 -39.05 11.90 20.36
C LYS E 543 -40.58 12.04 20.31
#